data_3AH3
#
_entry.id   3AH3
#
_cell.length_a   83.335
_cell.length_b   61.737
_cell.length_c   170.054
_cell.angle_alpha   90.00
_cell.angle_beta   98.28
_cell.angle_gamma   90.00
#
_symmetry.space_group_name_H-M   'P 1 2 1'
#
loop_
_entity.id
_entity.type
_entity.pdbx_description
1 polymer 'Homoisocitrate dehydrogenase'
2 non-polymer 'SULFATE ION'
3 non-polymer 1,2-ETHANEDIOL
4 water water
#
_entity_poly.entity_id   1
_entity_poly.type   'polypeptide(L)'
_entity_poly.pdbx_seq_one_letter_code
;MAYRICLIEGDGIGYEVIPAARRVLEATGLPLEFVEAEAGWETFERRGTSVPEETVVKILSCHATLFGAATIPTRKVPGF
FGAIMALRRRLDLYANVRPAKSRPVPGSRPGVDLVIVRENTEGLYVEQERRYLDVAIADAVISKKASERIGRAALRIAEG
RPRKTLHIAHKANVLPLTQGLFLDTVKEVAKDFPLVNVQDIIVDNCATQLVMRPERYDVIVTTNLLGDILSDLAAGLMGG
LGLAPSGNIGDTTAVFEPVHGSAPDIAGKGIANPTAAILSAAMMLDYLGEKEAAKRVEKAVDLVLERGPMTPDLGGDATT
EAFTEAVVEALKSL
;
_entity_poly.pdbx_strand_id   A,B,C,D
#
loop_
_chem_comp.id
_chem_comp.type
_chem_comp.name
_chem_comp.formula
EDO non-polymer 1,2-ETHANEDIOL 'C2 H6 O2'
SO4 non-polymer 'SULFATE ION' 'O4 S -2'
#
# COMPACT_ATOMS: atom_id res chain seq x y z
N ALA A 2 -13.45 12.93 41.86
CA ALA A 2 -13.66 11.64 41.13
C ALA A 2 -14.55 11.82 39.93
N TYR A 3 -14.22 11.15 38.83
CA TYR A 3 -15.05 11.14 37.65
C TYR A 3 -15.97 9.92 37.64
N ARG A 4 -17.25 10.17 37.43
CA ARG A 4 -18.20 9.08 37.20
C ARG A 4 -18.18 8.71 35.72
N ILE A 5 -17.91 7.43 35.45
CA ILE A 5 -17.88 6.89 34.09
C ILE A 5 -18.92 5.78 33.96
N CYS A 6 -19.85 5.96 33.02
CA CYS A 6 -20.85 4.93 32.77
C CYS A 6 -20.28 3.91 31.79
N LEU A 7 -20.26 2.65 32.20
CA LEU A 7 -19.74 1.57 31.34
C LEU A 7 -20.87 0.74 30.74
N ILE A 8 -21.01 0.82 29.42
CA ILE A 8 -21.99 0.00 28.71
C ILE A 8 -21.33 -0.93 27.70
N GLU A 9 -21.43 -2.23 27.98
CA GLU A 9 -20.75 -3.24 27.18
C GLU A 9 -21.38 -3.44 25.81
N GLY A 10 -22.71 -3.44 25.77
CA GLY A 10 -23.41 -3.65 24.52
C GLY A 10 -23.43 -5.14 24.18
N ASP A 11 -23.32 -5.45 22.90
CA ASP A 11 -23.44 -6.83 22.42
C ASP A 11 -22.11 -7.42 21.98
N GLY A 12 -22.11 -8.74 21.79
CA GLY A 12 -20.97 -9.44 21.19
C GLY A 12 -19.66 -9.23 21.92
N ILE A 13 -18.70 -8.62 21.23
CA ILE A 13 -17.34 -8.51 21.78
C ILE A 13 -17.24 -7.37 22.79
N GLY A 14 -18.34 -6.65 22.95
CA GLY A 14 -18.46 -5.58 23.94
C GLY A 14 -18.05 -6.07 25.31
N TYR A 15 -18.51 -7.26 25.70
CA TYR A 15 -18.21 -7.89 26.99
CA TYR A 15 -18.18 -7.77 27.03
C TYR A 15 -16.72 -8.20 27.18
N GLU A 16 -15.95 -8.13 26.09
CA GLU A 16 -14.52 -8.39 26.15
C GLU A 16 -13.69 -7.10 26.01
N VAL A 17 -14.09 -6.21 25.11
CA VAL A 17 -13.29 -5.00 24.84
C VAL A 17 -13.52 -3.86 25.85
N ILE A 18 -14.73 -3.77 26.41
CA ILE A 18 -15.01 -2.74 27.42
C ILE A 18 -14.28 -3.03 28.75
N PRO A 19 -14.38 -4.27 29.29
CA PRO A 19 -13.55 -4.55 30.46
C PRO A 19 -12.08 -4.27 30.20
N ALA A 20 -11.59 -4.60 29.01
CA ALA A 20 -10.21 -4.28 28.66
C ALA A 20 -9.93 -2.78 28.77
N ALA A 21 -10.84 -1.96 28.27
CA ALA A 21 -10.67 -0.50 28.36
C ALA A 21 -10.69 -0.06 29.82
N ARG A 22 -11.63 -0.62 30.59
CA ARG A 22 -11.72 -0.35 32.02
C ARG A 22 -10.39 -0.58 32.72
N ARG A 23 -9.75 -1.72 32.43
CA ARG A 23 -8.46 -2.04 33.02
C ARG A 23 -7.36 -1.03 32.67
N VAL A 24 -7.31 -0.60 31.40
CA VAL A 24 -6.37 0.44 30.99
C VAL A 24 -6.61 1.74 31.74
N LEU A 25 -7.88 2.16 31.84
CA LEU A 25 -8.25 3.34 32.62
C LEU A 25 -7.81 3.25 34.08
N GLU A 26 -8.05 2.10 34.71
CA GLU A 26 -7.68 1.87 36.10
C GLU A 26 -6.17 1.91 36.32
N ALA A 27 -5.43 1.45 35.32
CA ALA A 27 -3.97 1.47 35.30
C ALA A 27 -3.36 2.88 35.34
N THR A 28 -4.14 3.90 35.00
CA THR A 28 -3.67 5.30 35.08
C THR A 28 -3.60 5.77 36.54
N GLY A 29 -4.40 5.17 37.40
CA GLY A 29 -4.47 5.57 38.80
C GLY A 29 -5.48 6.68 39.09
N LEU A 30 -6.05 7.26 38.04
CA LEU A 30 -7.03 8.35 38.16
C LEU A 30 -8.23 7.98 39.05
N PRO A 31 -8.85 8.98 39.71
CA PRO A 31 -10.05 8.70 40.51
C PRO A 31 -11.26 8.54 39.60
N LEU A 32 -11.60 7.29 39.32
CA LEU A 32 -12.69 6.97 38.41
C LEU A 32 -13.71 6.06 39.08
N GLU A 33 -14.96 6.49 39.10
CA GLU A 33 -16.06 5.67 39.59
C GLU A 33 -16.85 5.09 38.42
N PHE A 34 -16.75 3.77 38.24
CA PHE A 34 -17.40 3.09 37.14
C PHE A 34 -18.80 2.65 37.51
N VAL A 35 -19.77 3.08 36.72
CA VAL A 35 -21.17 2.74 36.92
C VAL A 35 -21.65 1.88 35.74
N GLU A 36 -21.85 0.59 36.00
CA GLU A 36 -22.24 -0.36 34.96
C GLU A 36 -23.71 -0.21 34.57
N ALA A 37 -23.96 -0.23 33.26
CA ALA A 37 -25.31 -0.17 32.71
C ALA A 37 -25.38 -1.06 31.48
N GLU A 38 -26.61 -1.45 31.09
CA GLU A 38 -26.79 -2.34 29.94
C GLU A 38 -27.59 -1.70 28.80
N ALA A 39 -27.24 -2.05 27.57
CA ALA A 39 -27.96 -1.58 26.39
C ALA A 39 -27.61 -2.41 25.16
N GLY A 40 -28.51 -2.43 24.18
CA GLY A 40 -28.26 -3.13 22.92
C GLY A 40 -29.27 -4.23 22.62
N TRP A 41 -28.94 -5.07 21.62
CA TRP A 41 -29.81 -6.15 21.16
C TRP A 41 -30.05 -7.22 22.23
N GLU A 42 -28.97 -7.69 22.85
CA GLU A 42 -29.06 -8.71 23.90
C GLU A 42 -29.86 -8.23 25.11
N THR A 43 -29.85 -6.90 25.33
CA THR A 43 -30.63 -6.25 26.38
C THR A 43 -32.12 -6.22 26.03
N PHE A 44 -32.42 -5.96 24.77
CA PHE A 44 -33.80 -5.98 24.25
C PHE A 44 -34.44 -7.35 24.42
N GLU A 45 -33.67 -8.40 24.14
CA GLU A 45 -34.15 -9.77 24.31
C GLU A 45 -34.50 -10.05 25.78
N ARG A 46 -33.71 -9.51 26.70
CA ARG A 46 -33.91 -9.74 28.13
C ARG A 46 -35.00 -8.84 28.74
N ARG A 47 -35.16 -7.64 28.19
CA ARG A 47 -35.98 -6.59 28.82
C ARG A 47 -37.16 -6.05 28.02
N GLY A 48 -37.18 -6.28 26.71
CA GLY A 48 -38.21 -5.73 25.84
C GLY A 48 -37.91 -4.31 25.37
N THR A 49 -36.79 -3.76 25.83
CA THR A 49 -36.29 -2.46 25.37
C THR A 49 -34.76 -2.46 25.27
N SER A 50 -34.23 -1.81 24.25
CA SER A 50 -32.78 -1.75 24.04
C SER A 50 -32.08 -0.80 24.98
N VAL A 51 -32.81 0.20 25.49
CA VAL A 51 -32.24 1.17 26.44
C VAL A 51 -33.16 1.35 27.64
N PRO A 52 -33.00 0.50 28.68
CA PRO A 52 -33.82 0.58 29.90
C PRO A 52 -33.70 1.95 30.55
N GLU A 53 -34.73 2.32 31.32
CA GLU A 53 -34.76 3.62 31.99
C GLU A 53 -33.61 3.77 33.00
N GLU A 54 -33.27 2.68 33.68
CA GLU A 54 -32.13 2.67 34.63
C GLU A 54 -30.85 3.15 33.95
N THR A 55 -30.69 2.78 32.67
CA THR A 55 -29.50 3.07 31.89
C THR A 55 -29.43 4.55 31.48
N VAL A 56 -30.58 5.12 31.14
CA VAL A 56 -30.70 6.54 30.83
C VAL A 56 -30.37 7.41 32.05
N VAL A 57 -30.89 7.02 33.21
CA VAL A 57 -30.62 7.70 34.46
C VAL A 57 -29.12 7.64 34.79
N LYS A 58 -28.52 6.45 34.61
CA LYS A 58 -27.09 6.26 34.82
C LYS A 58 -26.21 7.09 33.87
N ILE A 59 -26.56 7.12 32.58
CA ILE A 59 -25.84 7.95 31.61
C ILE A 59 -25.87 9.42 32.02
N LEU A 60 -27.03 9.90 32.45
CA LEU A 60 -27.19 11.29 32.86
C LEU A 60 -26.50 11.65 34.19
N SER A 61 -26.26 10.66 35.04
CA SER A 61 -25.59 10.88 36.32
C SER A 61 -24.06 10.83 36.24
N CYS A 62 -23.53 10.53 35.06
CA CYS A 62 -22.09 10.37 34.87
C CYS A 62 -21.48 11.48 34.01
N HIS A 63 -20.18 11.71 34.18
CA HIS A 63 -19.50 12.71 33.37
C HIS A 63 -19.39 12.26 31.92
N ALA A 64 -19.07 10.98 31.70
CA ALA A 64 -19.05 10.39 30.37
C ALA A 64 -19.42 8.92 30.39
N THR A 65 -19.74 8.41 29.20
CA THR A 65 -20.14 7.04 28.98
C THR A 65 -19.23 6.36 27.97
N LEU A 66 -18.74 5.18 28.32
CA LEU A 66 -17.96 4.36 27.40
C LEU A 66 -18.80 3.18 26.95
N PHE A 67 -19.04 3.08 25.64
CA PHE A 67 -19.93 2.07 25.09
C PHE A 67 -19.19 1.11 24.15
N GLY A 68 -19.60 -0.15 24.14
CA GLY A 68 -19.03 -1.13 23.22
C GLY A 68 -19.63 -1.06 21.84
N ALA A 69 -20.65 -1.90 21.60
CA ALA A 69 -21.29 -2.01 20.30
C ALA A 69 -22.63 -2.71 20.38
N ALA A 70 -23.54 -2.31 19.49
CA ALA A 70 -24.84 -2.95 19.39
C ALA A 70 -24.94 -3.82 18.13
N THR A 71 -25.47 -5.03 18.30
CA THR A 71 -25.83 -5.90 17.18
C THR A 71 -27.08 -5.34 16.49
N ILE A 72 -26.99 -5.15 15.18
CA ILE A 72 -28.14 -4.74 14.38
C ILE A 72 -28.85 -5.97 13.82
N PRO A 73 -30.18 -6.07 14.06
CA PRO A 73 -30.97 -7.21 13.55
C PRO A 73 -30.89 -7.35 12.03
N THR A 74 -30.75 -8.59 11.57
CA THR A 74 -30.53 -8.90 10.15
C THR A 74 -31.58 -8.32 9.22
N ARG A 75 -32.85 -8.44 9.60
CA ARG A 75 -33.96 -7.98 8.76
C ARG A 75 -34.72 -6.83 9.40
N LYS A 76 -36.03 -7.03 9.53
CA LYS A 76 -36.96 -6.07 10.12
C LYS A 76 -36.52 -5.63 11.51
N VAL A 77 -36.96 -4.44 11.91
CA VAL A 77 -36.74 -3.96 13.26
C VAL A 77 -37.84 -4.60 14.11
N PRO A 78 -37.55 -5.76 14.72
CA PRO A 78 -38.53 -6.76 15.14
C PRO A 78 -40.01 -6.29 15.14
N GLY A 79 -40.47 -5.54 16.14
CA GLY A 79 -39.67 -5.15 17.29
C GLY A 79 -40.36 -4.09 18.13
N PHE A 80 -39.66 -3.00 18.41
CA PHE A 80 -38.30 -2.77 17.90
C PHE A 80 -37.48 -1.92 18.88
N PHE A 81 -36.30 -1.48 18.45
CA PHE A 81 -35.62 -0.42 19.17
C PHE A 81 -35.72 0.95 18.50
N GLY A 82 -36.70 1.71 19.00
CA GLY A 82 -36.78 3.14 18.85
C GLY A 82 -36.52 3.76 20.21
N ALA A 83 -36.14 2.91 21.16
CA ALA A 83 -35.65 3.35 22.47
C ALA A 83 -34.26 3.95 22.34
N ILE A 84 -33.52 3.50 21.34
CA ILE A 84 -32.22 4.08 20.95
C ILE A 84 -32.45 5.44 20.29
N MET A 85 -33.51 5.52 19.47
CA MET A 85 -33.88 6.77 18.79
C MET A 85 -34.41 7.85 19.73
N ALA A 86 -35.11 7.45 20.78
CA ALA A 86 -35.59 8.39 21.81
C ALA A 86 -34.41 8.91 22.64
N LEU A 87 -33.45 8.02 22.91
CA LEU A 87 -32.22 8.36 23.63
C LEU A 87 -31.46 9.44 22.87
N ARG A 88 -31.21 9.18 21.59
CA ARG A 88 -30.57 10.13 20.69
C ARG A 88 -31.21 11.51 20.75
N ARG A 89 -32.54 11.56 20.66
CA ARG A 89 -33.27 12.82 20.71
C ARG A 89 -33.05 13.54 22.03
N ARG A 90 -33.24 12.79 23.12
CA ARG A 90 -33.20 13.33 24.47
C ARG A 90 -31.80 13.82 24.88
N LEU A 91 -30.77 13.10 24.45
CA LEU A 91 -29.39 13.45 24.83
C LEU A 91 -28.78 14.60 24.01
N ASP A 92 -29.19 14.69 22.74
CA ASP A 92 -28.72 15.74 21.83
C ASP A 92 -27.19 15.81 21.82
N LEU A 93 -26.58 14.68 21.49
CA LEU A 93 -25.14 14.53 21.37
C LEU A 93 -24.82 14.83 19.92
N TYR A 94 -24.84 16.11 19.60
CA TYR A 94 -24.87 16.57 18.22
C TYR A 94 -23.53 16.53 17.49
N ALA A 95 -22.44 16.35 18.23
CA ALA A 95 -21.11 16.41 17.65
C ALA A 95 -20.49 15.02 17.49
N ASN A 96 -20.56 14.47 16.27
CA ASN A 96 -19.89 13.22 15.94
C ASN A 96 -18.42 13.46 15.70
N VAL A 97 -17.58 12.73 16.43
CA VAL A 97 -16.14 12.96 16.40
C VAL A 97 -15.42 11.68 16.01
N ARG A 98 -14.71 11.73 14.89
CA ARG A 98 -14.08 10.53 14.34
C ARG A 98 -12.61 10.75 13.97
N PRO A 99 -11.70 10.47 14.92
CA PRO A 99 -10.27 10.58 14.67
C PRO A 99 -9.81 9.53 13.67
N ALA A 100 -8.80 9.89 12.87
CA ALA A 100 -8.14 8.95 11.96
C ALA A 100 -6.66 9.22 12.08
N LYS A 101 -5.96 8.34 12.79
CA LYS A 101 -4.54 8.53 13.01
C LYS A 101 -3.72 7.29 12.68
N SER A 102 -2.63 7.48 11.94
CA SER A 102 -1.70 6.39 11.58
C SER A 102 -1.35 5.53 12.79
N ARG A 103 -1.43 4.22 12.62
CA ARG A 103 -0.98 3.27 13.63
C ARG A 103 0.17 2.45 13.07
N PRO A 104 1.05 1.95 13.96
CA PRO A 104 2.17 1.12 13.52
C PRO A 104 1.73 -0.32 13.24
N VAL A 105 0.80 -0.49 12.31
CA VAL A 105 0.25 -1.79 11.93
C VAL A 105 0.34 -1.91 10.42
N PRO A 106 0.10 -3.12 9.86
CA PRO A 106 0.14 -3.24 8.39
C PRO A 106 -1.08 -2.61 7.71
N GLY A 107 -0.84 -1.98 6.56
CA GLY A 107 -1.91 -1.39 5.77
C GLY A 107 -2.33 -0.03 6.28
N SER A 108 -1.62 0.47 7.29
CA SER A 108 -1.91 1.80 7.80
C SER A 108 -0.90 2.80 7.23
N ARG A 109 -1.43 3.70 6.42
CA ARG A 109 -0.64 4.74 5.79
C ARG A 109 -0.04 5.70 6.83
N PRO A 110 1.29 5.91 6.80
CA PRO A 110 1.96 6.79 7.77
C PRO A 110 1.62 8.25 7.53
N GLY A 111 1.84 9.09 8.55
CA GLY A 111 1.71 10.54 8.41
C GLY A 111 0.29 11.11 8.44
N VAL A 112 -0.67 10.33 8.90
CA VAL A 112 -2.06 10.79 8.94
C VAL A 112 -2.41 11.09 10.39
N ASP A 113 -3.04 12.24 10.62
CA ASP A 113 -3.45 12.63 11.96
C ASP A 113 -4.53 13.68 11.81
N LEU A 114 -5.77 13.22 11.77
CA LEU A 114 -6.90 14.10 11.51
C LEU A 114 -8.15 13.72 12.30
N VAL A 115 -9.09 14.66 12.38
CA VAL A 115 -10.36 14.43 13.03
C VAL A 115 -11.46 14.97 12.10
N ILE A 116 -12.47 14.14 11.83
CA ILE A 116 -13.63 14.54 11.03
C ILE A 116 -14.81 14.80 11.96
N VAL A 117 -15.41 15.98 11.84
CA VAL A 117 -16.53 16.38 12.68
C VAL A 117 -17.73 16.74 11.81
N ARG A 118 -18.88 16.17 12.16
CA ARG A 118 -20.15 16.51 11.55
C ARG A 118 -21.29 16.24 12.55
N GLU A 119 -22.46 16.82 12.29
CA GLU A 119 -23.52 16.80 13.29
C GLU A 119 -24.37 15.55 13.26
N ASN A 120 -24.85 15.15 14.43
CA ASN A 120 -25.99 14.25 14.54
C ASN A 120 -27.21 15.16 14.66
N THR A 121 -28.18 15.01 13.77
CA THR A 121 -29.35 15.91 13.75
C THR A 121 -30.47 15.58 14.75
N GLU A 122 -30.57 14.33 15.18
CA GLU A 122 -31.77 13.86 15.91
C GLU A 122 -32.25 14.73 17.07
N GLY A 123 -31.33 15.37 17.77
CA GLY A 123 -31.68 16.25 18.90
C GLY A 123 -32.35 17.54 18.46
N LEU A 124 -32.40 17.77 17.15
CA LEU A 124 -33.01 18.98 16.62
C LEU A 124 -34.23 18.69 15.76
N TYR A 125 -34.09 17.71 14.87
CA TYR A 125 -35.17 17.33 13.93
C TYR A 125 -34.85 16.04 13.18
N VAL A 126 -35.89 15.26 12.88
CA VAL A 126 -35.72 14.15 11.93
C VAL A 126 -35.78 14.72 10.51
N GLU A 127 -34.74 14.49 9.73
CA GLU A 127 -34.73 14.91 8.32
C GLU A 127 -35.58 13.95 7.53
N GLN A 128 -36.68 14.48 6.97
CA GLN A 128 -37.77 13.66 6.49
C GLN A 128 -37.66 13.21 5.03
N GLU A 129 -38.21 12.03 4.74
CA GLU A 129 -38.32 11.49 3.39
C GLU A 129 -39.79 11.41 3.01
N ARG A 130 -40.08 11.66 1.73
CA ARG A 130 -41.41 11.44 1.19
C ARG A 130 -41.34 10.63 -0.09
N ARG A 131 -42.37 9.84 -0.33
CA ARG A 131 -42.59 9.29 -1.64
C ARG A 131 -43.98 9.64 -2.11
N TYR A 132 -44.03 10.23 -3.30
CA TYR A 132 -45.29 10.55 -3.96
C TYR A 132 -45.32 9.83 -5.31
N LEU A 133 -46.04 8.71 -5.33
CA LEU A 133 -46.09 7.82 -6.50
C LEU A 133 -44.68 7.33 -6.85
N ASP A 134 -44.22 7.64 -8.07
CA ASP A 134 -42.90 7.16 -8.47
CA ASP A 134 -42.92 7.23 -8.60
C ASP A 134 -41.79 8.21 -8.26
N VAL A 135 -42.09 9.24 -7.47
CA VAL A 135 -41.11 10.26 -7.12
C VAL A 135 -40.85 10.29 -5.61
N ALA A 136 -39.59 10.04 -5.25
CA ALA A 136 -39.16 10.08 -3.86
C ALA A 136 -38.24 11.27 -3.60
N ILE A 137 -38.46 11.95 -2.48
CA ILE A 137 -37.67 13.12 -2.09
C ILE A 137 -37.19 13.01 -0.64
N ALA A 138 -35.89 13.12 -0.45
CA ALA A 138 -35.33 13.22 0.89
C ALA A 138 -34.87 14.65 1.14
N ASP A 139 -35.29 15.22 2.27
CA ASP A 139 -34.82 16.54 2.70
C ASP A 139 -33.38 16.52 3.23
N ALA A 140 -32.54 17.40 2.70
CA ALA A 140 -31.26 17.71 3.34
C ALA A 140 -31.37 19.09 4.01
N VAL A 141 -31.35 19.10 5.34
CA VAL A 141 -31.63 20.30 6.11
C VAL A 141 -30.37 20.92 6.71
N ILE A 142 -30.19 22.21 6.45
CA ILE A 142 -29.17 23.00 7.12
C ILE A 142 -29.85 24.17 7.83
N SER A 143 -29.49 24.38 9.09
CA SER A 143 -29.96 25.54 9.83
C SER A 143 -28.78 26.30 10.39
N LYS A 144 -28.99 27.59 10.67
CA LYS A 144 -27.94 28.40 11.29
C LYS A 144 -27.59 27.91 12.69
N LYS A 145 -28.60 27.60 13.49
CA LYS A 145 -28.39 27.07 14.85
C LYS A 145 -27.54 25.81 14.84
N ALA A 146 -27.92 24.83 14.04
CA ALA A 146 -27.15 23.60 13.89
C ALA A 146 -25.70 23.85 13.40
N SER A 147 -25.54 24.74 12.42
CA SER A 147 -24.21 25.02 11.86
C SER A 147 -23.30 25.74 12.85
N GLU A 148 -23.90 26.65 13.63
CA GLU A 148 -23.20 27.38 14.69
C GLU A 148 -22.56 26.44 15.70
N ARG A 149 -23.34 25.51 16.26
CA ARG A 149 -22.81 24.62 17.31
C ARG A 149 -21.82 23.59 16.81
N ILE A 150 -22.06 23.03 15.61
CA ILE A 150 -21.15 22.03 15.07
C ILE A 150 -19.81 22.69 14.68
N GLY A 151 -19.90 23.91 14.15
CA GLY A 151 -18.70 24.69 13.86
C GLY A 151 -17.91 24.99 15.13
N ARG A 152 -18.61 25.51 16.14
CA ARG A 152 -18.01 25.80 17.44
C ARG A 152 -17.36 24.55 18.04
N ALA A 153 -18.04 23.41 17.96
CA ALA A 153 -17.50 22.18 18.51
C ALA A 153 -16.23 21.74 17.77
N ALA A 154 -16.25 21.82 16.45
CA ALA A 154 -15.06 21.50 15.64
C ALA A 154 -13.92 22.45 15.97
N LEU A 155 -14.23 23.72 16.14
CA LEU A 155 -13.22 24.74 16.47
C LEU A 155 -12.59 24.52 17.85
N ARG A 156 -13.38 24.01 18.79
CA ARG A 156 -12.85 23.67 20.11
C ARG A 156 -11.91 22.46 20.04
N ILE A 157 -12.27 21.47 19.22
CA ILE A 157 -11.39 20.36 18.92
C ILE A 157 -10.10 20.87 18.30
N ALA A 158 -10.21 21.63 17.21
CA ALA A 158 -9.04 22.21 16.53
C ALA A 158 -8.12 23.04 17.44
N GLU A 159 -8.72 23.84 18.32
CA GLU A 159 -7.97 24.71 19.22
C GLU A 159 -7.14 23.93 20.23
N GLY A 160 -7.67 22.81 20.70
CA GLY A 160 -6.95 21.95 21.64
C GLY A 160 -5.92 21.06 20.99
N ARG A 161 -5.54 21.37 19.74
CA ARG A 161 -4.56 20.58 19.02
C ARG A 161 -3.41 21.42 18.47
N PRO A 162 -2.19 20.84 18.42
CA PRO A 162 -0.94 21.52 18.05
C PRO A 162 -0.96 22.32 16.74
N ARG A 163 -1.54 21.77 15.68
CA ARG A 163 -1.50 22.42 14.37
C ARG A 163 -2.44 23.64 14.25
N LYS A 164 -3.42 23.71 15.14
CA LYS A 164 -4.43 24.77 15.15
C LYS A 164 -5.01 25.00 13.75
N THR A 165 -5.50 23.94 13.12
CA THR A 165 -5.96 24.01 11.74
C THR A 165 -7.33 23.37 11.55
N LEU A 166 -8.25 24.13 10.97
CA LEU A 166 -9.57 23.61 10.61
C LEU A 166 -9.87 23.86 9.12
N HIS A 167 -10.34 22.82 8.43
CA HIS A 167 -10.90 22.98 7.09
C HIS A 167 -12.40 22.75 7.12
N ILE A 168 -13.14 23.61 6.42
CA ILE A 168 -14.60 23.46 6.27
C ILE A 168 -14.87 22.88 4.90
N ALA A 169 -15.30 21.62 4.85
CA ALA A 169 -15.58 20.91 3.60
C ALA A 169 -17.06 20.99 3.27
N HIS A 170 -17.36 21.56 2.11
CA HIS A 170 -18.73 21.97 1.79
C HIS A 170 -19.04 21.76 0.30
N LYS A 171 -20.30 21.98 -0.08
CA LYS A 171 -20.73 21.95 -1.49
C LYS A 171 -21.43 23.25 -1.91
N ALA A 172 -20.97 24.38 -1.38
CA ALA A 172 -21.59 25.69 -1.67
C ALA A 172 -21.53 26.11 -3.14
N ASN A 173 -20.64 25.48 -3.92
CA ASN A 173 -20.53 25.73 -5.35
C ASN A 173 -21.74 25.26 -6.16
N VAL A 174 -22.45 24.25 -5.64
CA VAL A 174 -23.63 23.69 -6.32
C VAL A 174 -24.90 23.73 -5.44
N LEU A 175 -24.72 23.83 -4.13
CA LEU A 175 -25.85 24.00 -3.22
C LEU A 175 -25.67 25.26 -2.37
N PRO A 176 -25.75 26.44 -3.02
CA PRO A 176 -25.40 27.70 -2.36
C PRO A 176 -26.32 28.11 -1.23
N LEU A 177 -27.54 27.59 -1.20
CA LEU A 177 -28.47 27.97 -0.13
C LEU A 177 -28.22 27.16 1.13
N THR A 178 -28.18 25.83 1.02
CA THR A 178 -27.93 24.97 2.20
C THR A 178 -26.48 24.98 2.63
N GLN A 179 -25.61 24.54 1.72
CA GLN A 179 -24.18 24.46 2.00
C GLN A 179 -23.55 25.83 2.24
N GLY A 180 -24.11 26.86 1.61
CA GLY A 180 -23.67 28.24 1.78
C GLY A 180 -24.02 28.75 3.16
N LEU A 181 -25.20 28.38 3.65
CA LEU A 181 -25.58 28.72 5.02
C LEU A 181 -24.63 28.06 6.00
N PHE A 182 -24.24 26.82 5.74
CA PHE A 182 -23.32 26.08 6.60
C PHE A 182 -21.94 26.75 6.58
N LEU A 183 -21.40 26.92 5.37
CA LEU A 183 -20.14 27.62 5.16
C LEU A 183 -20.09 28.98 5.85
N ASP A 184 -21.06 29.86 5.56
CA ASP A 184 -21.06 31.22 6.09
C ASP A 184 -21.10 31.26 7.60
N THR A 185 -21.91 30.37 8.19
CA THR A 185 -22.09 30.32 9.64
C THR A 185 -20.83 29.84 10.36
N VAL A 186 -20.21 28.74 9.90
CA VAL A 186 -18.96 28.27 10.51
C VAL A 186 -17.87 29.35 10.46
N LYS A 187 -17.75 30.05 9.34
CA LYS A 187 -16.81 31.17 9.22
C LYS A 187 -17.10 32.31 10.19
N GLU A 188 -18.36 32.58 10.47
CA GLU A 188 -18.70 33.60 11.49
C GLU A 188 -18.21 33.20 12.87
N VAL A 189 -18.54 32.00 13.31
CA VAL A 189 -18.07 31.52 14.62
C VAL A 189 -16.54 31.41 14.66
N ALA A 190 -15.93 31.08 13.52
CA ALA A 190 -14.48 31.05 13.39
C ALA A 190 -13.82 32.37 13.80
N LYS A 191 -14.60 33.45 13.83
CA LYS A 191 -14.09 34.76 14.26
C LYS A 191 -13.83 34.80 15.76
N ASP A 192 -14.49 33.90 16.49
CA ASP A 192 -14.24 33.68 17.91
C ASP A 192 -12.98 32.87 18.19
N PHE A 193 -12.36 32.31 17.15
CA PHE A 193 -11.18 31.48 17.33
C PHE A 193 -10.01 31.99 16.47
N PRO A 194 -9.42 33.14 16.87
CA PRO A 194 -8.39 33.76 16.02
C PRO A 194 -7.07 32.99 16.04
N LEU A 195 -6.93 32.07 16.99
CA LEU A 195 -5.73 31.22 17.08
C LEU A 195 -5.77 30.07 16.09
N VAL A 196 -6.97 29.72 15.61
CA VAL A 196 -7.17 28.62 14.66
C VAL A 196 -7.09 29.13 13.22
N ASN A 197 -6.29 28.45 12.41
CA ASN A 197 -6.26 28.73 10.97
C ASN A 197 -7.44 28.03 10.31
N VAL A 198 -8.33 28.81 9.71
CA VAL A 198 -9.54 28.27 9.11
C VAL A 198 -9.50 28.42 7.59
N GLN A 199 -9.54 27.29 6.90
CA GLN A 199 -9.64 27.30 5.43
C GLN A 199 -10.93 26.62 5.00
N ASP A 200 -11.45 27.01 3.84
CA ASP A 200 -12.59 26.30 3.28
C ASP A 200 -12.20 25.54 2.02
N ILE A 201 -12.92 24.46 1.73
CA ILE A 201 -12.62 23.59 0.61
C ILE A 201 -13.87 22.84 0.13
N ILE A 202 -14.05 22.81 -1.19
CA ILE A 202 -15.07 21.97 -1.83
C ILE A 202 -14.83 20.52 -1.43
N VAL A 203 -15.85 19.87 -0.86
CA VAL A 203 -15.72 18.51 -0.34
C VAL A 203 -15.09 17.55 -1.35
N ASP A 204 -15.40 17.75 -2.62
CA ASP A 204 -14.89 16.91 -3.70
C ASP A 204 -13.38 16.96 -3.79
N ASN A 205 -12.82 18.17 -3.82
CA ASN A 205 -11.38 18.39 -3.78
CA ASN A 205 -11.38 18.34 -3.80
C ASN A 205 -10.79 17.88 -2.48
N CYS A 206 -11.57 17.95 -1.41
CA CYS A 206 -11.10 17.48 -0.11
C CYS A 206 -10.83 15.99 -0.16
N ALA A 207 -11.77 15.24 -0.75
CA ALA A 207 -11.64 13.79 -0.93
C ALA A 207 -10.42 13.39 -1.75
N THR A 208 -10.16 14.09 -2.87
CA THR A 208 -8.99 13.79 -3.69
C THR A 208 -7.72 13.97 -2.86
N GLN A 209 -7.68 15.08 -2.13
CA GLN A 209 -6.55 15.42 -1.27
C GLN A 209 -6.35 14.46 -0.11
N LEU A 210 -7.43 14.03 0.53
CA LEU A 210 -7.32 13.03 1.59
C LEU A 210 -6.63 11.75 1.13
N VAL A 211 -6.82 11.41 -0.15
CA VAL A 211 -6.18 10.25 -0.75
C VAL A 211 -4.72 10.58 -1.07
N MET A 212 -4.49 11.73 -1.73
CA MET A 212 -3.13 12.09 -2.19
C MET A 212 -2.28 12.62 -1.05
N ARG A 213 -2.79 13.62 -0.34
CA ARG A 213 -2.03 14.35 0.69
C ARG A 213 -2.78 14.48 2.02
N PRO A 214 -3.11 13.35 2.68
CA PRO A 214 -3.89 13.47 3.92
C PRO A 214 -3.17 14.20 5.05
N GLU A 215 -1.85 14.30 4.97
CA GLU A 215 -1.03 14.92 6.02
C GLU A 215 -1.24 16.43 6.22
N ARG A 216 -1.85 17.11 5.26
CA ARG A 216 -2.09 18.56 5.40
C ARG A 216 -3.34 18.90 6.21
N TYR A 217 -4.13 17.88 6.54
CA TYR A 217 -5.37 18.12 7.26
C TYR A 217 -5.26 17.76 8.71
N ASP A 218 -5.95 18.55 9.52
CA ASP A 218 -5.99 18.32 10.94
C ASP A 218 -7.46 18.09 11.28
N VAL A 219 -8.19 19.13 11.64
CA VAL A 219 -9.62 19.02 11.85
C VAL A 219 -10.35 19.39 10.57
N ILE A 220 -11.34 18.57 10.21
CA ILE A 220 -12.23 18.84 9.09
C ILE A 220 -13.63 18.87 9.64
N VAL A 221 -14.32 19.99 9.43
CA VAL A 221 -15.75 20.08 9.74
C VAL A 221 -16.57 20.05 8.45
N THR A 222 -17.66 19.29 8.46
CA THR A 222 -18.48 19.12 7.26
C THR A 222 -19.91 18.80 7.67
N THR A 223 -20.80 18.66 6.69
CA THR A 223 -22.18 18.33 6.99
C THR A 223 -22.36 16.82 6.98
N ASN A 224 -23.49 16.35 7.48
CA ASN A 224 -23.74 14.92 7.64
C ASN A 224 -24.06 14.24 6.30
N LEU A 225 -23.50 13.04 6.13
CA LEU A 225 -23.52 12.28 4.86
C LEU A 225 -22.20 12.51 4.11
N LEU A 226 -21.73 13.76 4.15
CA LEU A 226 -20.41 14.10 3.61
C LEU A 226 -19.29 13.64 4.54
N GLY A 227 -19.42 13.97 5.81
CA GLY A 227 -18.48 13.53 6.83
C GLY A 227 -18.26 12.03 6.79
N ASP A 228 -19.37 11.29 6.71
CA ASP A 228 -19.33 9.82 6.76
C ASP A 228 -18.49 9.23 5.65
N ILE A 229 -18.73 9.70 4.43
CA ILE A 229 -17.92 9.30 3.32
C ILE A 229 -16.45 9.70 3.51
N LEU A 230 -16.20 10.88 4.08
CA LEU A 230 -14.81 11.31 4.35
C LEU A 230 -14.11 10.46 5.43
N SER A 231 -14.87 10.02 6.42
CA SER A 231 -14.40 9.10 7.43
C SER A 231 -14.13 7.72 6.83
N ASP A 232 -14.97 7.31 5.88
CA ASP A 232 -14.81 6.03 5.20
C ASP A 232 -13.52 5.98 4.40
N LEU A 233 -13.30 7.02 3.59
CA LEU A 233 -12.06 7.23 2.87
C LEU A 233 -10.88 7.15 3.85
N ALA A 234 -10.92 7.98 4.89
CA ALA A 234 -9.89 8.03 5.91
C ALA A 234 -9.66 6.67 6.55
N ALA A 235 -10.73 5.91 6.78
CA ALA A 235 -10.63 4.54 7.28
C ALA A 235 -9.93 3.63 6.28
N GLY A 236 -10.13 3.90 4.98
CA GLY A 236 -9.44 3.19 3.92
C GLY A 236 -7.93 3.34 4.02
N LEU A 237 -7.49 4.54 4.38
CA LEU A 237 -6.07 4.84 4.57
C LEU A 237 -5.50 4.11 5.78
N MET A 238 -6.34 3.89 6.78
CA MET A 238 -5.93 3.22 8.01
C MET A 238 -5.94 1.71 7.89
N GLY A 239 -6.44 1.22 6.75
CA GLY A 239 -6.61 -0.21 6.50
C GLY A 239 -7.89 -0.79 7.08
N GLY A 240 -8.85 0.06 7.41
CA GLY A 240 -10.18 -0.39 7.84
C GLY A 240 -10.67 0.24 9.13
N LEU A 241 -11.79 -0.27 9.63
CA LEU A 241 -12.46 0.29 10.81
C LEU A 241 -12.08 -0.36 12.13
N GLY A 242 -11.25 -1.40 12.07
CA GLY A 242 -10.92 -2.19 13.25
C GLY A 242 -10.32 -1.44 14.44
N LEU A 243 -9.61 -0.34 14.17
CA LEU A 243 -8.88 0.34 15.24
C LEU A 243 -9.43 1.72 15.57
N ALA A 244 -10.51 2.10 14.91
CA ALA A 244 -11.01 3.47 14.97
C ALA A 244 -11.85 3.73 16.22
N PRO A 245 -11.50 4.77 16.98
CA PRO A 245 -12.34 5.21 18.09
C PRO A 245 -13.35 6.26 17.62
N SER A 246 -14.38 6.53 18.40
CA SER A 246 -15.31 7.60 18.05
C SER A 246 -15.97 8.18 19.29
N GLY A 247 -16.50 9.40 19.14
CA GLY A 247 -17.26 10.03 20.20
C GLY A 247 -18.47 10.78 19.67
N ASN A 248 -19.54 10.80 20.47
CA ASN A 248 -20.66 11.70 20.21
C ASN A 248 -20.83 12.62 21.41
N ILE A 249 -20.61 13.91 21.20
CA ILE A 249 -20.53 14.87 22.29
C ILE A 249 -21.65 15.91 22.24
N GLY A 250 -22.31 16.12 23.37
CA GLY A 250 -23.31 17.18 23.50
C GLY A 250 -22.79 18.27 24.41
N ASP A 251 -23.70 19.09 24.93
CA ASP A 251 -23.33 20.23 25.78
C ASP A 251 -23.05 19.85 27.23
N THR A 252 -23.63 18.73 27.70
CA THR A 252 -23.39 18.31 29.09
C THR A 252 -22.71 16.95 29.28
N THR A 253 -22.82 16.05 28.30
CA THR A 253 -22.08 14.77 28.34
C THR A 253 -21.66 14.25 26.97
N ALA A 254 -21.10 13.05 26.97
CA ALA A 254 -20.51 12.44 25.78
C ALA A 254 -20.51 10.91 25.88
N VAL A 255 -20.70 10.26 24.75
CA VAL A 255 -20.61 8.80 24.66
C VAL A 255 -19.50 8.46 23.70
N PHE A 256 -18.54 7.67 24.17
CA PHE A 256 -17.42 7.23 23.35
C PHE A 256 -17.54 5.74 23.10
N GLU A 257 -17.16 5.31 21.90
CA GLU A 257 -17.34 3.92 21.48
C GLU A 257 -16.48 3.63 20.27
N PRO A 258 -16.07 2.37 20.10
CA PRO A 258 -15.38 2.04 18.85
C PRO A 258 -16.31 2.14 17.66
N VAL A 259 -15.75 2.41 16.49
CA VAL A 259 -16.53 2.42 15.27
C VAL A 259 -17.04 1.03 14.94
N HIS A 260 -16.25 0.00 15.25
CA HIS A 260 -16.60 -1.39 14.90
C HIS A 260 -17.90 -1.90 15.56
N GLY A 261 -18.43 -2.98 14.99
CA GLY A 261 -19.66 -3.58 15.47
C GLY A 261 -19.40 -4.62 16.55
N SER A 262 -20.45 -5.34 16.91
CA SER A 262 -20.40 -6.29 18.00
C SER A 262 -19.69 -7.59 17.63
N ALA A 263 -19.40 -7.76 16.34
CA ALA A 263 -18.76 -8.97 15.81
C ALA A 263 -19.17 -10.22 16.60
N PRO A 264 -20.48 -10.58 16.55
CA PRO A 264 -21.01 -11.65 17.41
C PRO A 264 -20.46 -13.06 17.13
N ASP A 265 -19.98 -13.31 15.91
CA ASP A 265 -19.45 -14.64 15.55
C ASP A 265 -18.11 -14.97 16.20
N ILE A 266 -17.47 -13.98 16.82
CA ILE A 266 -16.21 -14.21 17.54
C ILE A 266 -16.30 -13.88 19.05
N ALA A 267 -17.49 -13.52 19.49
CA ALA A 267 -17.72 -13.17 20.90
C ALA A 267 -17.49 -14.37 21.81
N GLY A 268 -16.71 -14.17 22.88
CA GLY A 268 -16.38 -15.24 23.81
C GLY A 268 -15.12 -15.99 23.46
N LYS A 269 -14.54 -15.69 22.30
CA LYS A 269 -13.37 -16.42 21.80
C LYS A 269 -12.05 -15.82 22.30
N GLY A 270 -12.12 -14.65 22.93
CA GLY A 270 -10.94 -13.99 23.46
C GLY A 270 -9.90 -13.58 22.43
N ILE A 271 -10.34 -13.23 21.22
CA ILE A 271 -9.44 -12.75 20.15
C ILE A 271 -9.75 -11.34 19.62
N ALA A 272 -10.86 -10.76 20.06
CA ALA A 272 -11.22 -9.38 19.75
C ALA A 272 -10.09 -8.44 20.15
N ASN A 273 -9.81 -7.46 19.28
CA ASN A 273 -8.77 -6.47 19.52
C ASN A 273 -9.40 -5.28 20.25
N PRO A 274 -8.91 -4.98 21.48
CA PRO A 274 -9.45 -3.88 22.29
C PRO A 274 -8.92 -2.49 21.97
N THR A 275 -8.03 -2.39 20.99
CA THR A 275 -7.43 -1.11 20.61
C THR A 275 -8.45 0.04 20.54
N ALA A 276 -9.51 -0.17 19.77
CA ALA A 276 -10.47 0.91 19.48
C ALA A 276 -11.28 1.34 20.70
N ALA A 277 -11.66 0.37 21.55
CA ALA A 277 -12.27 0.68 22.84
C ALA A 277 -11.30 1.43 23.79
N ILE A 278 -10.07 0.97 23.88
CA ILE A 278 -9.04 1.65 24.65
C ILE A 278 -8.78 3.08 24.13
N LEU A 279 -8.66 3.23 22.81
CA LEU A 279 -8.47 4.56 22.21
C LEU A 279 -9.71 5.46 22.37
N SER A 280 -10.88 4.85 22.58
CA SER A 280 -12.09 5.63 22.83
C SER A 280 -12.13 6.10 24.28
N ALA A 281 -11.63 5.25 25.17
CA ALA A 281 -11.42 5.61 26.57
C ALA A 281 -10.41 6.75 26.67
N ALA A 282 -9.44 6.75 25.78
CA ALA A 282 -8.44 7.83 25.74
C ALA A 282 -9.07 9.14 25.28
N MET A 283 -9.83 9.09 24.18
CA MET A 283 -10.66 10.24 23.78
C MET A 283 -11.49 10.77 24.95
N MET A 284 -12.11 9.86 25.72
CA MET A 284 -12.89 10.21 26.88
C MET A 284 -12.05 10.94 27.93
N LEU A 285 -10.89 10.38 28.28
CA LEU A 285 -9.96 11.03 29.21
C LEU A 285 -9.64 12.45 28.75
N ASP A 286 -9.35 12.60 27.45
CA ASP A 286 -9.07 13.93 26.90
C ASP A 286 -10.27 14.84 27.14
N TYR A 287 -11.46 14.32 26.84
CA TYR A 287 -12.67 15.09 26.97
C TYR A 287 -12.92 15.55 28.41
N LEU A 288 -12.60 14.69 29.38
CA LEU A 288 -12.82 14.99 30.79
C LEU A 288 -11.82 16.00 31.36
N GLY A 289 -10.86 16.42 30.54
CA GLY A 289 -9.77 17.28 31.01
C GLY A 289 -8.55 16.52 31.52
N GLU A 290 -8.39 15.26 31.13
CA GLU A 290 -7.24 14.46 31.55
C GLU A 290 -6.36 14.15 30.35
N LYS A 291 -5.91 15.21 29.69
CA LYS A 291 -5.18 15.14 28.43
C LYS A 291 -3.87 14.36 28.54
N GLU A 292 -3.10 14.60 29.60
CA GLU A 292 -1.81 13.95 29.75
C GLU A 292 -1.97 12.44 29.93
N ALA A 293 -2.90 12.02 30.80
CA ALA A 293 -3.24 10.61 30.92
C ALA A 293 -3.76 10.05 29.58
N ALA A 294 -4.56 10.82 28.86
CA ALA A 294 -5.06 10.39 27.54
C ALA A 294 -3.93 10.09 26.57
N LYS A 295 -2.93 10.97 26.53
CA LYS A 295 -1.77 10.77 25.66
C LYS A 295 -0.95 9.57 26.12
N ARG A 296 -0.84 9.38 27.43
CA ARG A 296 -0.15 8.22 27.97
C ARG A 296 -0.80 6.92 27.46
N VAL A 297 -2.13 6.94 27.40
CA VAL A 297 -2.89 5.76 26.99
C VAL A 297 -2.65 5.47 25.51
N GLU A 298 -2.79 6.49 24.68
CA GLU A 298 -2.45 6.39 23.25
C GLU A 298 -1.05 5.83 23.03
N LYS A 299 -0.07 6.31 23.81
CA LYS A 299 1.32 5.85 23.70
C LYS A 299 1.49 4.38 24.02
N ALA A 300 0.84 3.94 25.10
CA ALA A 300 0.83 2.53 25.49
C ALA A 300 0.27 1.64 24.37
N VAL A 301 -0.81 2.08 23.76
CA VAL A 301 -1.42 1.37 22.64
C VAL A 301 -0.45 1.28 21.46
N ASP A 302 0.13 2.42 21.05
CA ASP A 302 1.06 2.43 19.92
C ASP A 302 2.24 1.49 20.13
N LEU A 303 2.84 1.52 21.32
CA LEU A 303 3.97 0.65 21.64
C LEU A 303 3.59 -0.82 21.46
N VAL A 304 2.45 -1.22 22.01
CA VAL A 304 2.00 -2.62 21.91
C VAL A 304 1.65 -2.98 20.45
N LEU A 305 1.05 -2.06 19.70
CA LEU A 305 0.78 -2.29 18.28
C LEU A 305 2.06 -2.53 17.49
N GLU A 306 3.14 -1.88 17.91
CA GLU A 306 4.44 -1.96 17.26
C GLU A 306 5.19 -3.25 17.57
N ARG A 307 5.13 -3.69 18.83
CA ARG A 307 6.04 -4.74 19.31
C ARG A 307 5.33 -5.98 19.87
N GLY A 308 4.06 -6.15 19.52
CA GLY A 308 3.28 -7.33 19.94
C GLY A 308 2.84 -7.20 21.37
N PRO A 309 1.95 -8.09 21.85
CA PRO A 309 1.30 -9.22 21.19
C PRO A 309 0.37 -8.80 20.05
N MET A 310 0.23 -9.68 19.06
CA MET A 310 -0.60 -9.40 17.90
C MET A 310 -1.81 -10.33 17.84
N THR A 311 -2.99 -9.74 17.98
CA THR A 311 -4.26 -10.46 17.84
C THR A 311 -4.50 -10.85 16.37
N PRO A 312 -5.40 -11.82 16.12
CA PRO A 312 -5.62 -12.31 14.73
C PRO A 312 -5.90 -11.26 13.66
N ASP A 313 -6.58 -10.17 14.02
CA ASP A 313 -6.86 -9.07 13.07
C ASP A 313 -5.60 -8.34 12.64
N LEU A 314 -4.54 -8.45 13.44
CA LEU A 314 -3.27 -7.80 13.16
C LEU A 314 -2.27 -8.78 12.57
N GLY A 315 -2.73 -10.00 12.28
CA GLY A 315 -1.91 -11.03 11.65
C GLY A 315 -1.15 -11.94 12.58
N GLY A 316 -1.54 -11.95 13.86
CA GLY A 316 -0.91 -12.81 14.86
C GLY A 316 -1.89 -13.78 15.48
N ASP A 317 -1.51 -14.39 16.60
CA ASP A 317 -2.34 -15.41 17.26
C ASP A 317 -2.56 -15.12 18.74
N ALA A 318 -2.21 -13.91 19.18
CA ALA A 318 -2.36 -13.53 20.58
C ALA A 318 -3.80 -13.27 20.98
N THR A 319 -4.07 -13.34 22.28
CA THR A 319 -5.41 -13.19 22.81
C THR A 319 -5.71 -11.74 23.20
N THR A 320 -6.99 -11.43 23.40
CA THR A 320 -7.44 -10.16 23.93
C THR A 320 -6.70 -9.83 25.23
N GLU A 321 -6.65 -10.84 26.11
CA GLU A 321 -6.07 -10.76 27.44
C GLU A 321 -4.58 -10.42 27.44
N ALA A 322 -3.80 -11.12 26.62
CA ALA A 322 -2.38 -10.86 26.47
C ALA A 322 -2.12 -9.46 25.95
N PHE A 323 -2.95 -9.03 25.00
CA PHE A 323 -2.85 -7.68 24.46
C PHE A 323 -3.17 -6.63 25.54
N THR A 324 -4.23 -6.87 26.32
CA THR A 324 -4.66 -5.94 27.36
C THR A 324 -3.60 -5.81 28.47
N GLU A 325 -3.01 -6.94 28.87
CA GLU A 325 -2.00 -6.92 29.92
CA GLU A 325 -1.96 -6.98 29.90
C GLU A 325 -0.76 -6.17 29.47
N ALA A 326 -0.36 -6.33 28.20
CA ALA A 326 0.76 -5.60 27.62
C ALA A 326 0.53 -4.09 27.60
N VAL A 327 -0.70 -3.67 27.29
CA VAL A 327 -1.03 -2.23 27.30
C VAL A 327 -0.96 -1.66 28.71
N VAL A 328 -1.53 -2.39 29.68
CA VAL A 328 -1.50 -2.04 31.10
C VAL A 328 -0.06 -1.87 31.59
N GLU A 329 0.80 -2.84 31.27
CA GLU A 329 2.21 -2.81 31.64
C GLU A 329 2.96 -1.67 30.94
N ALA A 330 2.70 -1.47 29.65
CA ALA A 330 3.38 -0.42 28.90
C ALA A 330 3.04 0.96 29.46
N LEU A 331 1.78 1.16 29.83
CA LEU A 331 1.29 2.41 30.37
C LEU A 331 2.13 2.93 31.56
N LYS A 332 2.41 2.05 32.52
CA LYS A 332 3.13 2.43 33.75
C LYS A 332 4.48 3.10 33.50
N SER A 333 5.11 2.75 32.39
CA SER A 333 6.42 3.30 32.00
C SER A 333 6.31 4.48 31.05
N LEU A 334 5.08 4.91 30.75
CA LEU A 334 4.89 6.07 29.89
C LEU A 334 4.21 7.23 30.61
N ALA B 2 -7.08 -44.05 -8.51
CA ALA B 2 -7.22 -43.69 -7.07
C ALA B 2 -5.91 -43.13 -6.54
N TYR B 3 -6.00 -42.04 -5.78
CA TYR B 3 -4.81 -41.41 -5.20
C TYR B 3 -4.79 -41.66 -3.71
N ARG B 4 -3.62 -42.06 -3.21
CA ARG B 4 -3.40 -42.17 -1.77
C ARG B 4 -2.82 -40.84 -1.28
N ILE B 5 -3.52 -40.22 -0.34
CA ILE B 5 -3.12 -38.94 0.22
C ILE B 5 -2.89 -39.11 1.71
N CYS B 6 -1.69 -38.78 2.17
CA CYS B 6 -1.39 -38.86 3.58
C CYS B 6 -1.75 -37.51 4.23
N LEU B 7 -2.61 -37.56 5.24
CA LEU B 7 -3.03 -36.33 5.93
C LEU B 7 -2.46 -36.28 7.33
N ILE B 8 -1.59 -35.30 7.55
CA ILE B 8 -0.98 -35.08 8.85
C ILE B 8 -1.33 -33.69 9.33
N GLU B 9 -2.09 -33.61 10.42
CA GLU B 9 -2.59 -32.34 10.92
C GLU B 9 -1.51 -31.51 11.60
N GLY B 10 -0.61 -32.19 12.30
CA GLY B 10 0.46 -31.50 13.02
C GLY B 10 -0.11 -30.90 14.29
N ASP B 11 0.29 -29.68 14.61
CA ASP B 11 -0.09 -29.05 15.88
C ASP B 11 -1.03 -27.85 15.69
N GLY B 12 -1.57 -27.37 16.81
CA GLY B 12 -2.32 -26.13 16.87
C GLY B 12 -3.50 -26.10 15.93
N ILE B 13 -3.47 -25.16 14.99
CA ILE B 13 -4.61 -24.95 14.09
C ILE B 13 -4.65 -26.02 13.00
N GLY B 14 -3.62 -26.87 12.99
CA GLY B 14 -3.53 -28.00 12.08
C GLY B 14 -4.77 -28.88 12.11
N TYR B 15 -5.29 -29.16 13.30
CA TYR B 15 -6.51 -29.95 13.50
CA TYR B 15 -6.49 -30.00 13.39
C TYR B 15 -7.76 -29.27 12.91
N GLU B 16 -7.59 -28.03 12.45
CA GLU B 16 -8.70 -27.25 11.89
C GLU B 16 -8.55 -27.00 10.39
N VAL B 17 -7.38 -26.51 9.96
CA VAL B 17 -7.15 -26.21 8.55
C VAL B 17 -6.97 -27.45 7.66
N ILE B 18 -6.48 -28.55 8.23
CA ILE B 18 -6.29 -29.76 7.41
C ILE B 18 -7.64 -30.44 7.09
N PRO B 19 -8.52 -30.62 8.10
CA PRO B 19 -9.87 -31.10 7.77
C PRO B 19 -10.60 -30.18 6.77
N ALA B 20 -10.35 -28.88 6.83
CA ALA B 20 -10.92 -27.95 5.85
C ALA B 20 -10.43 -28.28 4.43
N ALA B 21 -9.13 -28.51 4.29
CA ALA B 21 -8.55 -28.85 3.00
C ALA B 21 -9.08 -30.17 2.47
N ARG B 22 -9.29 -31.13 3.36
CA ARG B 22 -9.85 -32.43 3.01
C ARG B 22 -11.27 -32.29 2.45
N ARG B 23 -12.09 -31.45 3.07
CA ARG B 23 -13.45 -31.23 2.61
C ARG B 23 -13.48 -30.61 1.21
N VAL B 24 -12.61 -29.64 0.97
CA VAL B 24 -12.49 -29.02 -0.36
C VAL B 24 -12.05 -30.08 -1.37
N LEU B 25 -11.08 -30.91 -0.98
CA LEU B 25 -10.60 -32.00 -1.85
C LEU B 25 -11.70 -33.00 -2.19
N GLU B 26 -12.54 -33.31 -1.20
CA GLU B 26 -13.65 -34.25 -1.39
C GLU B 26 -14.72 -33.67 -2.31
N ALA B 27 -14.94 -32.36 -2.18
CA ALA B 27 -15.87 -31.62 -3.03
C ALA B 27 -15.53 -31.66 -4.54
N THR B 28 -14.28 -32.02 -4.88
CA THR B 28 -13.89 -32.15 -6.28
C THR B 28 -14.52 -33.39 -6.94
N GLY B 29 -14.79 -34.41 -6.13
CA GLY B 29 -15.34 -35.67 -6.61
C GLY B 29 -14.26 -36.68 -6.99
N LEU B 30 -13.00 -36.27 -6.88
CA LEU B 30 -11.88 -37.11 -7.28
C LEU B 30 -11.77 -38.41 -6.46
N PRO B 31 -11.19 -39.47 -7.06
CA PRO B 31 -10.99 -40.73 -6.31
C PRO B 31 -9.78 -40.65 -5.39
N LEU B 32 -9.98 -40.12 -4.18
CA LEU B 32 -8.90 -39.88 -3.24
C LEU B 32 -9.06 -40.71 -1.97
N GLU B 33 -8.02 -41.49 -1.65
CA GLU B 33 -8.00 -42.28 -0.43
C GLU B 33 -7.13 -41.60 0.63
N PHE B 34 -7.75 -41.17 1.73
CA PHE B 34 -7.04 -40.45 2.78
C PHE B 34 -6.48 -41.36 3.88
N VAL B 35 -5.17 -41.24 4.10
CA VAL B 35 -4.45 -42.03 5.09
C VAL B 35 -3.97 -41.11 6.22
N GLU B 36 -4.61 -41.19 7.38
CA GLU B 36 -4.28 -40.31 8.49
C GLU B 36 -3.02 -40.76 9.24
N ALA B 37 -2.12 -39.82 9.47
CA ALA B 37 -0.90 -40.03 10.26
C ALA B 37 -0.68 -38.84 11.18
N GLU B 38 0.17 -39.00 12.20
CA GLU B 38 0.47 -37.90 13.11
C GLU B 38 1.96 -37.58 13.20
N ALA B 39 2.26 -36.32 13.51
CA ALA B 39 3.63 -35.82 13.59
C ALA B 39 3.66 -34.46 14.28
N GLY B 40 4.81 -34.13 14.88
CA GLY B 40 5.00 -32.82 15.51
C GLY B 40 5.13 -32.86 17.03
N TRP B 41 4.99 -31.67 17.63
CA TRP B 41 5.21 -31.46 19.07
C TRP B 41 4.25 -32.23 19.98
N GLU B 42 2.95 -32.10 19.72
CA GLU B 42 1.94 -32.78 20.53
C GLU B 42 2.03 -34.30 20.40
N THR B 43 2.62 -34.76 19.29
CA THR B 43 2.89 -36.19 19.08
C THR B 43 4.10 -36.64 19.91
N PHE B 44 5.12 -35.79 19.98
CA PHE B 44 6.29 -36.03 20.84
C PHE B 44 5.87 -36.17 22.30
N GLU B 45 5.00 -35.26 22.75
CA GLU B 45 4.53 -35.24 24.13
C GLU B 45 3.71 -36.48 24.51
N ARG B 46 3.21 -37.18 23.50
CA ARG B 46 2.41 -38.39 23.72
C ARG B 46 3.20 -39.68 23.45
N ARG B 47 4.19 -39.61 22.58
CA ARG B 47 4.91 -40.81 22.12
C ARG B 47 6.43 -40.82 22.37
N GLY B 48 7.04 -39.67 22.63
CA GLY B 48 8.49 -39.59 22.81
C GLY B 48 9.26 -39.43 21.52
N THR B 49 8.54 -39.30 20.41
CA THR B 49 9.13 -39.00 19.09
C THR B 49 8.22 -38.09 18.26
N SER B 50 8.84 -37.21 17.48
CA SER B 50 8.10 -36.26 16.65
C SER B 50 7.58 -36.91 15.38
N VAL B 51 8.25 -37.97 14.92
CA VAL B 51 7.84 -38.69 13.71
C VAL B 51 7.83 -40.20 13.97
N PRO B 52 6.66 -40.75 14.38
CA PRO B 52 6.53 -42.19 14.60
C PRO B 52 6.82 -42.97 13.33
N GLU B 53 7.31 -44.20 13.48
CA GLU B 53 7.76 -44.98 12.33
C GLU B 53 6.60 -45.31 11.40
N GLU B 54 5.43 -45.56 11.97
CA GLU B 54 4.21 -45.83 11.20
C GLU B 54 3.74 -44.65 10.34
N THR B 55 4.17 -43.43 10.70
CA THR B 55 3.91 -42.23 9.89
C THR B 55 4.82 -42.20 8.68
N VAL B 56 6.09 -42.56 8.87
CA VAL B 56 7.06 -42.64 7.78
C VAL B 56 6.59 -43.64 6.73
N VAL B 57 6.11 -44.79 7.21
CA VAL B 57 5.61 -45.85 6.33
C VAL B 57 4.39 -45.36 5.56
N LYS B 58 3.45 -44.73 6.27
CA LYS B 58 2.25 -44.18 5.65
C LYS B 58 2.57 -43.18 4.55
N ILE B 59 3.49 -42.25 4.83
CA ILE B 59 3.94 -41.28 3.83
C ILE B 59 4.46 -41.99 2.59
N LEU B 60 5.35 -42.96 2.78
CA LEU B 60 5.99 -43.69 1.68
C LEU B 60 5.03 -44.52 0.84
N SER B 61 3.91 -44.91 1.44
CA SER B 61 2.89 -45.67 0.73
C SER B 61 1.92 -44.77 -0.05
N CYS B 62 1.99 -43.47 0.19
CA CYS B 62 1.07 -42.52 -0.42
C CYS B 62 1.67 -41.78 -1.61
N HIS B 63 0.82 -41.31 -2.51
CA HIS B 63 1.25 -40.54 -3.69
C HIS B 63 1.75 -39.15 -3.29
N ALA B 64 1.15 -38.58 -2.24
CA ALA B 64 1.51 -37.27 -1.75
C ALA B 64 1.04 -37.11 -0.33
N THR B 65 1.65 -36.17 0.38
CA THR B 65 1.32 -35.87 1.77
C THR B 65 0.89 -34.41 1.92
N LEU B 66 -0.15 -34.19 2.71
CA LEU B 66 -0.59 -32.84 3.06
C LEU B 66 -0.40 -32.64 4.56
N PHE B 67 0.43 -31.65 4.91
CA PHE B 67 0.79 -31.37 6.29
C PHE B 67 0.25 -30.02 6.75
N GLY B 68 -0.12 -29.94 8.02
CA GLY B 68 -0.54 -28.67 8.62
C GLY B 68 0.65 -27.84 9.05
N ALA B 69 0.99 -27.91 10.34
CA ALA B 69 2.13 -27.19 10.91
C ALA B 69 2.60 -27.85 12.18
N ALA B 70 3.85 -27.60 12.54
CA ALA B 70 4.42 -28.12 13.79
C ALA B 70 4.79 -26.97 14.72
N THR B 71 4.42 -27.10 15.99
CA THR B 71 4.84 -26.15 17.01
C THR B 71 6.34 -26.31 17.25
N ILE B 72 7.07 -25.19 17.14
CA ILE B 72 8.52 -25.18 17.35
C ILE B 72 8.84 -24.77 18.78
N PRO B 73 9.60 -25.63 19.49
CA PRO B 73 10.12 -25.26 20.82
C PRO B 73 10.99 -24.01 20.75
N THR B 74 10.63 -23.01 21.57
CA THR B 74 11.26 -21.69 21.55
C THR B 74 12.76 -21.72 21.88
N ARG B 75 13.08 -21.87 23.16
CA ARG B 75 14.46 -21.88 23.62
C ARG B 75 15.05 -23.28 23.44
N LYS B 76 14.55 -24.22 24.24
CA LYS B 76 15.12 -25.55 24.36
C LYS B 76 14.96 -26.40 23.10
N VAL B 77 15.78 -27.43 22.98
CA VAL B 77 15.61 -28.50 22.00
C VAL B 77 15.34 -29.82 22.76
N PRO B 78 14.13 -29.95 23.36
CA PRO B 78 13.81 -30.99 24.34
C PRO B 78 14.19 -32.38 23.86
N GLY B 79 14.90 -33.13 24.71
CA GLY B 79 15.50 -34.40 24.31
C GLY B 79 16.20 -34.17 23.00
N PHE B 80 15.62 -34.70 21.92
CA PHE B 80 15.93 -34.20 20.59
C PHE B 80 14.72 -34.20 19.69
N PHE B 81 14.21 -33.00 19.43
CA PHE B 81 13.16 -32.77 18.45
C PHE B 81 13.84 -32.85 17.07
N GLY B 82 14.26 -34.06 16.71
CA GLY B 82 15.10 -34.30 15.54
C GLY B 82 14.88 -35.65 14.87
N ALA B 83 13.70 -36.23 15.10
CA ALA B 83 13.21 -37.33 14.29
C ALA B 83 12.69 -36.78 12.96
N ILE B 84 12.44 -35.47 12.92
CA ILE B 84 12.10 -34.77 11.67
C ILE B 84 13.32 -34.65 10.76
N MET B 85 14.50 -34.51 11.37
CA MET B 85 15.75 -34.33 10.61
C MET B 85 16.19 -35.64 9.95
N ALA B 86 15.86 -36.77 10.57
CA ALA B 86 16.08 -38.08 9.97
C ALA B 86 15.07 -38.34 8.86
N LEU B 87 13.89 -37.73 8.98
CA LEU B 87 12.83 -37.83 7.96
C LEU B 87 13.25 -37.10 6.69
N ARG B 88 13.72 -35.86 6.85
CA ARG B 88 14.17 -35.05 5.72
C ARG B 88 15.23 -35.76 4.87
N ARG B 89 16.25 -36.31 5.53
CA ARG B 89 17.34 -37.03 4.85
C ARG B 89 16.81 -38.27 4.13
N ARG B 90 15.91 -38.99 4.79
CA ARG B 90 15.35 -40.24 4.27
C ARG B 90 14.47 -40.03 3.03
N LEU B 91 13.65 -38.98 3.03
CA LEU B 91 12.75 -38.70 1.91
C LEU B 91 13.45 -37.96 0.77
N ASP B 92 14.44 -37.14 1.12
CA ASP B 92 15.19 -36.32 0.15
C ASP B 92 14.24 -35.49 -0.74
N LEU B 93 13.42 -34.68 -0.10
CA LEU B 93 12.50 -33.79 -0.81
C LEU B 93 13.21 -32.48 -1.14
N TYR B 94 14.06 -32.55 -2.16
CA TYR B 94 15.06 -31.49 -2.45
C TYR B 94 14.53 -30.20 -3.07
N ALA B 95 13.32 -30.24 -3.63
CA ALA B 95 12.77 -29.05 -4.27
C ALA B 95 11.76 -28.34 -3.38
N ASN B 96 12.18 -27.21 -2.81
CA ASN B 96 11.28 -26.31 -2.08
C ASN B 96 10.58 -25.38 -3.06
N VAL B 97 9.24 -25.39 -3.02
CA VAL B 97 8.43 -24.67 -3.98
C VAL B 97 7.53 -23.67 -3.27
N ARG B 98 7.71 -22.39 -3.59
CA ARG B 98 7.01 -21.31 -2.92
C ARG B 98 6.34 -20.33 -3.89
N PRO B 99 5.05 -20.58 -4.20
CA PRO B 99 4.28 -19.71 -5.07
C PRO B 99 3.93 -18.44 -4.32
N ALA B 100 4.04 -17.30 -5.01
CA ALA B 100 3.57 -16.04 -4.49
C ALA B 100 2.66 -15.42 -5.54
N LYS B 101 1.35 -15.50 -5.30
CA LYS B 101 0.37 -15.02 -6.26
C LYS B 101 -0.65 -14.09 -5.60
N SER B 102 -0.95 -12.98 -6.26
CA SER B 102 -1.93 -11.99 -5.77
C SER B 102 -3.23 -12.65 -5.39
N ARG B 103 -3.86 -12.12 -4.36
CA ARG B 103 -5.16 -12.58 -3.90
C ARG B 103 -6.04 -11.36 -3.71
N PRO B 104 -7.37 -11.52 -3.88
CA PRO B 104 -8.25 -10.37 -3.71
C PRO B 104 -8.48 -10.06 -2.23
N VAL B 105 -7.41 -9.68 -1.53
CA VAL B 105 -7.46 -9.30 -0.12
C VAL B 105 -6.72 -7.97 0.10
N PRO B 106 -6.96 -7.29 1.24
CA PRO B 106 -6.27 -6.02 1.50
C PRO B 106 -4.78 -6.21 1.75
N GLY B 107 -3.96 -5.35 1.15
CA GLY B 107 -2.51 -5.42 1.33
C GLY B 107 -1.83 -6.31 0.32
N SER B 108 -2.61 -7.02 -0.48
CA SER B 108 -2.06 -7.85 -1.54
C SER B 108 -1.90 -7.05 -2.82
N ARG B 109 -0.67 -6.93 -3.30
CA ARG B 109 -0.39 -6.21 -4.53
C ARG B 109 -0.83 -7.00 -5.76
N PRO B 110 -1.65 -6.38 -6.63
CA PRO B 110 -2.15 -7.06 -7.83
C PRO B 110 -1.07 -7.24 -8.90
N GLY B 111 -1.25 -8.23 -9.77
CA GLY B 111 -0.36 -8.45 -10.89
C GLY B 111 0.87 -9.28 -10.59
N VAL B 112 0.83 -10.04 -9.48
CA VAL B 112 1.96 -10.88 -9.08
C VAL B 112 1.62 -12.36 -9.24
N ASP B 113 2.46 -13.09 -9.96
CA ASP B 113 2.28 -14.51 -10.18
C ASP B 113 3.64 -15.19 -10.41
N LEU B 114 4.28 -15.59 -9.32
CA LEU B 114 5.62 -16.20 -9.38
C LEU B 114 5.79 -17.42 -8.48
N VAL B 115 6.83 -18.21 -8.77
CA VAL B 115 7.19 -19.34 -7.95
C VAL B 115 8.70 -19.27 -7.70
N ILE B 116 9.10 -19.23 -6.43
CA ILE B 116 10.53 -19.29 -6.07
C ILE B 116 10.92 -20.73 -5.76
N VAL B 117 11.97 -21.20 -6.43
CA VAL B 117 12.47 -22.57 -6.24
C VAL B 117 13.92 -22.54 -5.76
N ARG B 118 14.16 -23.24 -4.65
CA ARG B 118 15.51 -23.45 -4.12
C ARG B 118 15.57 -24.83 -3.44
N GLU B 119 16.78 -25.33 -3.21
CA GLU B 119 16.92 -26.71 -2.74
C GLU B 119 16.82 -26.87 -1.23
N ASN B 120 16.46 -28.09 -0.80
CA ASN B 120 16.71 -28.53 0.56
C ASN B 120 17.91 -29.49 0.49
N THR B 121 18.94 -29.22 1.29
CA THR B 121 20.21 -29.95 1.17
C THR B 121 20.24 -31.30 1.91
N GLU B 122 19.40 -31.43 2.94
CA GLU B 122 19.51 -32.55 3.89
C GLU B 122 19.63 -33.95 3.30
N GLY B 123 18.98 -34.20 2.18
CA GLY B 123 19.05 -35.49 1.51
C GLY B 123 20.44 -35.80 0.97
N LEU B 124 21.21 -34.75 0.71
CA LEU B 124 22.58 -34.88 0.21
C LEU B 124 23.63 -34.67 1.28
N TYR B 125 23.50 -33.60 2.07
CA TYR B 125 24.48 -33.25 3.11
C TYR B 125 24.01 -32.12 4.02
N VAL B 126 24.40 -32.18 5.28
CA VAL B 126 24.20 -31.05 6.20
C VAL B 126 25.36 -30.08 5.99
N GLU B 127 25.03 -28.82 5.68
CA GLU B 127 26.03 -27.77 5.50
C GLU B 127 26.59 -27.36 6.86
N GLN B 128 27.89 -27.60 7.05
CA GLN B 128 28.46 -27.58 8.38
C GLN B 128 28.90 -26.21 8.88
N GLU B 129 28.82 -26.03 10.20
CA GLU B 129 29.34 -24.87 10.91
C GLU B 129 30.40 -25.31 11.89
N ARG B 130 31.44 -24.49 12.06
CA ARG B 130 32.47 -24.74 13.06
C ARG B 130 32.81 -23.46 13.81
N ARG B 131 33.20 -23.60 15.07
CA ARG B 131 33.82 -22.49 15.77
C ARG B 131 35.17 -22.87 16.36
N TYR B 132 36.18 -22.09 15.98
CA TYR B 132 37.51 -22.19 16.54
C TYR B 132 37.84 -20.88 17.26
N LEU B 133 37.95 -20.96 18.58
CA LEU B 133 38.14 -19.79 19.45
C LEU B 133 37.10 -18.71 19.11
N ASP B 134 37.56 -17.52 18.75
CA ASP B 134 36.64 -16.42 18.45
C ASP B 134 36.39 -16.24 16.95
N VAL B 135 36.54 -17.32 16.20
CA VAL B 135 36.28 -17.33 14.77
C VAL B 135 35.31 -18.45 14.41
N ALA B 136 34.22 -18.09 13.75
CA ALA B 136 33.23 -19.06 13.28
C ALA B 136 33.12 -19.05 11.77
N ILE B 137 32.90 -20.23 11.20
CA ILE B 137 32.79 -20.41 9.76
C ILE B 137 31.60 -21.29 9.41
N ALA B 138 30.76 -20.81 8.50
CA ALA B 138 29.69 -21.60 7.95
C ALA B 138 30.02 -21.92 6.50
N ASP B 139 29.91 -23.20 6.14
CA ASP B 139 30.10 -23.66 4.76
C ASP B 139 28.85 -23.38 3.94
N ALA B 140 29.01 -22.67 2.83
CA ALA B 140 27.97 -22.65 1.80
C ALA B 140 28.39 -23.59 0.68
N VAL B 141 27.61 -24.66 0.48
CA VAL B 141 28.01 -25.75 -0.38
C VAL B 141 27.16 -25.83 -1.65
N ILE B 142 27.82 -25.78 -2.80
CA ILE B 142 27.18 -26.02 -4.08
C ILE B 142 27.85 -27.22 -4.76
N SER B 143 27.04 -28.20 -5.14
CA SER B 143 27.54 -29.32 -5.92
C SER B 143 26.87 -29.37 -7.28
N LYS B 144 27.60 -29.88 -8.27
CA LYS B 144 27.06 -30.04 -9.62
C LYS B 144 25.75 -30.84 -9.62
N LYS B 145 25.76 -31.98 -8.94
CA LYS B 145 24.57 -32.83 -8.83
C LYS B 145 23.39 -32.06 -8.23
N ALA B 146 23.62 -31.39 -7.11
CA ALA B 146 22.56 -30.64 -6.42
C ALA B 146 21.92 -29.58 -7.32
N SER B 147 22.76 -28.88 -8.09
CA SER B 147 22.33 -27.83 -9.00
C SER B 147 21.53 -28.38 -10.18
N GLU B 148 22.01 -29.47 -10.78
CA GLU B 148 21.35 -30.16 -11.87
C GLU B 148 19.90 -30.44 -11.54
N ARG B 149 19.66 -31.15 -10.43
CA ARG B 149 18.31 -31.57 -10.05
C ARG B 149 17.38 -30.42 -9.65
N ILE B 150 17.93 -29.38 -9.00
CA ILE B 150 17.11 -28.24 -8.63
C ILE B 150 16.76 -27.37 -9.84
N GLY B 151 17.70 -27.27 -10.78
CA GLY B 151 17.48 -26.56 -12.03
C GLY B 151 16.42 -27.29 -12.86
N ARG B 152 16.64 -28.58 -13.08
CA ARG B 152 15.68 -29.42 -13.78
C ARG B 152 14.30 -29.29 -13.17
N ALA B 153 14.23 -29.28 -11.83
CA ALA B 153 12.94 -29.17 -11.12
C ALA B 153 12.25 -27.82 -11.36
N ALA B 154 13.01 -26.74 -11.27
CA ALA B 154 12.53 -25.40 -11.56
C ALA B 154 12.05 -25.28 -13.00
N LEU B 155 12.78 -25.91 -13.92
CA LEU B 155 12.47 -25.83 -15.34
C LEU B 155 11.18 -26.58 -15.69
N ARG B 156 10.92 -27.69 -15.01
CA ARG B 156 9.68 -28.43 -15.19
C ARG B 156 8.49 -27.62 -14.68
N ILE B 157 8.68 -26.92 -13.57
CA ILE B 157 7.73 -25.94 -13.06
C ILE B 157 7.49 -24.83 -14.11
N ALA B 158 8.56 -24.25 -14.65
CA ALA B 158 8.45 -23.21 -15.68
C ALA B 158 7.74 -23.69 -16.95
N GLU B 159 8.03 -24.94 -17.33
CA GLU B 159 7.48 -25.56 -18.53
C GLU B 159 5.96 -25.75 -18.45
N GLY B 160 5.45 -26.10 -17.27
CA GLY B 160 4.01 -26.29 -17.08
C GLY B 160 3.22 -25.02 -16.74
N ARG B 161 3.74 -23.86 -17.17
CA ARG B 161 3.11 -22.55 -16.93
C ARG B 161 3.16 -21.69 -18.21
N PRO B 162 2.10 -20.88 -18.46
CA PRO B 162 1.88 -20.15 -19.71
C PRO B 162 3.03 -19.28 -20.19
N ARG B 163 3.67 -18.58 -19.25
CA ARG B 163 4.75 -17.64 -19.57
C ARG B 163 6.02 -18.35 -20.03
N LYS B 164 6.19 -19.61 -19.60
CA LYS B 164 7.39 -20.39 -19.91
C LYS B 164 8.65 -19.55 -19.72
N THR B 165 8.85 -19.06 -18.49
CA THR B 165 9.95 -18.14 -18.19
C THR B 165 10.63 -18.54 -16.88
N LEU B 166 11.96 -18.63 -16.94
CA LEU B 166 12.77 -18.93 -15.74
C LEU B 166 13.87 -17.90 -15.55
N HIS B 167 14.01 -17.42 -14.31
CA HIS B 167 15.15 -16.60 -13.94
C HIS B 167 16.05 -17.34 -12.97
N ILE B 168 17.34 -17.33 -13.25
CA ILE B 168 18.35 -17.92 -12.37
C ILE B 168 18.99 -16.79 -11.58
N ALA B 169 18.67 -16.70 -10.29
CA ALA B 169 19.20 -15.65 -9.43
C ALA B 169 20.42 -16.15 -8.68
N HIS B 170 21.55 -15.48 -8.93
CA HIS B 170 22.86 -15.96 -8.51
C HIS B 170 23.71 -14.84 -7.91
N LYS B 171 24.87 -15.21 -7.36
CA LYS B 171 25.89 -14.25 -6.95
C LYS B 171 27.23 -14.63 -7.59
N ALA B 172 27.20 -15.03 -8.86
CA ALA B 172 28.42 -15.42 -9.57
C ALA B 172 29.43 -14.29 -9.70
N ASN B 173 28.95 -13.05 -9.56
CA ASN B 173 29.82 -11.86 -9.62
C ASN B 173 30.77 -11.69 -8.43
N VAL B 174 30.41 -12.25 -7.28
CA VAL B 174 31.23 -12.17 -6.06
C VAL B 174 31.57 -13.55 -5.49
N LEU B 175 30.83 -14.57 -5.88
CA LEU B 175 31.16 -15.95 -5.54
C LEU B 175 31.28 -16.82 -6.80
N PRO B 176 32.32 -16.57 -7.62
CA PRO B 176 32.45 -17.22 -8.93
C PRO B 176 32.59 -18.75 -8.91
N LEU B 177 33.05 -19.32 -7.81
CA LEU B 177 33.23 -20.78 -7.76
C LEU B 177 31.98 -21.54 -7.34
N THR B 178 31.32 -21.09 -6.27
CA THR B 178 30.09 -21.74 -5.80
C THR B 178 28.88 -21.33 -6.62
N GLN B 179 28.62 -20.03 -6.65
CA GLN B 179 27.48 -19.49 -7.39
C GLN B 179 27.67 -19.69 -8.89
N GLY B 180 28.93 -19.68 -9.33
CA GLY B 180 29.28 -19.89 -10.73
C GLY B 180 29.03 -21.32 -11.18
N LEU B 181 29.36 -22.28 -10.32
CA LEU B 181 29.02 -23.68 -10.57
C LEU B 181 27.50 -23.80 -10.74
N PHE B 182 26.76 -23.14 -9.86
CA PHE B 182 25.30 -23.17 -9.88
C PHE B 182 24.74 -22.59 -11.18
N LEU B 183 25.15 -21.37 -11.49
CA LEU B 183 24.76 -20.70 -12.72
C LEU B 183 24.99 -21.56 -13.97
N ASP B 184 26.23 -22.02 -14.17
CA ASP B 184 26.62 -22.79 -15.36
C ASP B 184 25.88 -24.12 -15.46
N THR B 185 25.73 -24.80 -14.34
CA THR B 185 25.02 -26.07 -14.30
C THR B 185 23.54 -25.92 -14.71
N VAL B 186 22.82 -24.97 -14.10
CA VAL B 186 21.42 -24.71 -14.47
C VAL B 186 21.31 -24.33 -15.95
N LYS B 187 22.22 -23.48 -16.43
CA LYS B 187 22.24 -23.10 -17.84
C LYS B 187 22.44 -24.30 -18.77
N GLU B 188 23.19 -25.31 -18.31
CA GLU B 188 23.37 -26.55 -19.08
C GLU B 188 22.10 -27.40 -19.16
N VAL B 189 21.41 -27.57 -18.03
CA VAL B 189 20.15 -28.33 -18.03
C VAL B 189 19.04 -27.56 -18.74
N ALA B 190 19.19 -26.24 -18.82
CA ALA B 190 18.25 -25.38 -19.54
C ALA B 190 18.23 -25.68 -21.05
N LYS B 191 19.31 -26.27 -21.55
CA LYS B 191 19.38 -26.69 -22.96
C LYS B 191 18.43 -27.84 -23.29
N ASP B 192 18.07 -28.62 -22.28
CA ASP B 192 17.02 -29.64 -22.38
C ASP B 192 15.60 -29.06 -22.42
N PHE B 193 15.49 -27.76 -22.27
CA PHE B 193 14.17 -27.10 -22.23
C PHE B 193 14.13 -25.91 -23.19
N PRO B 194 14.17 -26.18 -24.52
CA PRO B 194 14.28 -25.09 -25.48
C PRO B 194 13.04 -24.19 -25.52
N LEU B 195 11.91 -24.72 -25.05
CA LEU B 195 10.64 -23.98 -25.05
C LEU B 195 10.59 -22.90 -23.98
N VAL B 196 11.39 -23.09 -22.91
CA VAL B 196 11.45 -22.14 -21.79
C VAL B 196 12.48 -21.04 -22.04
N ASN B 197 12.06 -19.80 -21.81
CA ASN B 197 12.94 -18.64 -21.90
C ASN B 197 13.74 -18.54 -20.60
N VAL B 198 15.07 -18.63 -20.71
CA VAL B 198 15.93 -18.65 -19.53
C VAL B 198 16.87 -17.45 -19.47
N GLN B 199 16.72 -16.68 -18.39
CA GLN B 199 17.57 -15.52 -18.14
C GLN B 199 18.31 -15.68 -16.81
N ASP B 200 19.49 -15.07 -16.71
CA ASP B 200 20.15 -14.97 -15.41
C ASP B 200 20.15 -13.54 -14.90
N ILE B 201 20.22 -13.40 -13.59
CA ILE B 201 20.11 -12.11 -12.91
C ILE B 201 20.84 -12.18 -11.56
N ILE B 202 21.65 -11.17 -11.27
CA ILE B 202 22.28 -11.05 -9.95
C ILE B 202 21.18 -10.98 -8.90
N VAL B 203 21.22 -11.88 -7.92
CA VAL B 203 20.19 -11.94 -6.88
C VAL B 203 19.85 -10.54 -6.34
N ASP B 204 20.88 -9.70 -6.20
CA ASP B 204 20.71 -8.32 -5.74
C ASP B 204 19.80 -7.51 -6.62
N ASN B 205 20.04 -7.56 -7.92
CA ASN B 205 19.19 -6.88 -8.89
CA ASN B 205 19.19 -6.88 -8.91
C ASN B 205 17.79 -7.49 -8.91
N CYS B 206 17.73 -8.80 -8.69
CA CYS B 206 16.44 -9.51 -8.66
C CYS B 206 15.57 -9.00 -7.51
N ALA B 207 16.19 -8.81 -6.35
CA ALA B 207 15.51 -8.26 -5.18
C ALA B 207 14.91 -6.88 -5.44
N THR B 208 15.68 -6.00 -6.08
CA THR B 208 15.23 -4.66 -6.42
C THR B 208 14.04 -4.72 -7.38
N GLN B 209 14.15 -5.61 -8.37
CA GLN B 209 13.12 -5.77 -9.38
C GLN B 209 11.83 -6.36 -8.83
N LEU B 210 11.93 -7.30 -7.91
CA LEU B 210 10.73 -7.87 -7.29
C LEU B 210 9.93 -6.80 -6.56
N VAL B 211 10.61 -5.79 -6.02
CA VAL B 211 9.93 -4.71 -5.32
C VAL B 211 9.21 -3.77 -6.29
N MET B 212 9.90 -3.40 -7.37
CA MET B 212 9.37 -2.45 -8.36
C MET B 212 8.50 -3.10 -9.43
N ARG B 213 8.94 -4.24 -9.95
CA ARG B 213 8.27 -4.87 -11.10
C ARG B 213 8.12 -6.39 -10.95
N PRO B 214 7.41 -6.85 -9.89
CA PRO B 214 7.24 -8.29 -9.67
C PRO B 214 6.51 -9.01 -10.82
N GLU B 215 5.78 -8.24 -11.63
CA GLU B 215 4.99 -8.81 -12.75
C GLU B 215 5.83 -9.47 -13.85
N ARG B 216 7.09 -9.05 -13.99
CA ARG B 216 7.95 -9.59 -15.04
C ARG B 216 8.56 -10.97 -14.73
N TYR B 217 8.33 -11.46 -13.51
CA TYR B 217 8.87 -12.75 -13.08
C TYR B 217 7.86 -13.86 -13.01
N ASP B 218 8.27 -15.05 -13.44
CA ASP B 218 7.41 -16.21 -13.34
C ASP B 218 8.05 -17.24 -12.42
N VAL B 219 9.04 -17.97 -12.93
CA VAL B 219 9.75 -18.93 -12.10
C VAL B 219 11.12 -18.35 -11.82
N ILE B 220 11.51 -18.38 -10.55
CA ILE B 220 12.86 -17.97 -10.16
C ILE B 220 13.51 -19.15 -9.44
N VAL B 221 14.62 -19.61 -9.99
CA VAL B 221 15.43 -20.60 -9.29
C VAL B 221 16.66 -19.94 -8.68
N THR B 222 16.95 -20.31 -7.45
CA THR B 222 18.09 -19.73 -6.77
C THR B 222 18.67 -20.68 -5.73
N THR B 223 19.72 -20.21 -5.09
CA THR B 223 20.42 -20.94 -4.05
C THR B 223 19.68 -20.82 -2.71
N ASN B 224 19.90 -21.79 -1.82
CA ASN B 224 19.27 -21.77 -0.50
C ASN B 224 19.80 -20.63 0.38
N LEU B 225 18.89 -19.93 1.04
CA LEU B 225 19.20 -18.72 1.85
C LEU B 225 18.97 -17.45 1.04
N LEU B 226 19.16 -17.54 -0.27
CA LEU B 226 18.75 -16.47 -1.20
C LEU B 226 17.27 -16.61 -1.54
N GLY B 227 16.84 -17.85 -1.76
CA GLY B 227 15.46 -18.15 -2.07
C GLY B 227 14.49 -17.68 -1.01
N ASP B 228 14.77 -18.03 0.26
CA ASP B 228 13.88 -17.68 1.37
CA ASP B 228 13.84 -17.68 1.34
C ASP B 228 13.79 -16.17 1.59
N ILE B 229 14.93 -15.49 1.42
CA ILE B 229 14.97 -14.04 1.46
C ILE B 229 14.11 -13.42 0.33
N LEU B 230 14.18 -14.00 -0.86
CA LEU B 230 13.33 -13.58 -1.99
C LEU B 230 11.85 -13.90 -1.76
N SER B 231 11.59 -15.04 -1.13
CA SER B 231 10.23 -15.44 -0.76
C SER B 231 9.66 -14.52 0.32
N ASP B 232 10.47 -14.18 1.31
CA ASP B 232 10.09 -13.26 2.38
C ASP B 232 9.69 -11.89 1.81
N LEU B 233 10.47 -11.43 0.84
CA LEU B 233 10.21 -10.17 0.15
C LEU B 233 8.89 -10.26 -0.61
N ALA B 234 8.73 -11.33 -1.39
CA ALA B 234 7.54 -11.57 -2.17
C ALA B 234 6.33 -11.79 -1.26
N ALA B 235 6.56 -12.22 -0.03
CA ALA B 235 5.47 -12.39 0.93
C ALA B 235 5.02 -11.02 1.42
N GLY B 236 5.97 -10.09 1.50
CA GLY B 236 5.69 -8.69 1.84
C GLY B 236 4.75 -8.01 0.85
N LEU B 237 4.98 -8.25 -0.44
CA LEU B 237 4.09 -7.78 -1.50
C LEU B 237 2.67 -8.36 -1.37
N MET B 238 2.58 -9.53 -0.74
CA MET B 238 1.28 -10.15 -0.49
C MET B 238 0.68 -9.69 0.84
N GLY B 239 1.46 -8.95 1.63
CA GLY B 239 1.02 -8.52 2.93
C GLY B 239 1.18 -9.59 4.00
N GLY B 240 2.10 -10.51 3.77
CA GLY B 240 2.47 -11.47 4.79
C GLY B 240 2.38 -12.90 4.36
N LEU B 241 2.57 -13.80 5.32
CA LEU B 241 2.69 -15.23 5.05
C LEU B 241 1.40 -15.99 5.25
N GLY B 242 0.39 -15.30 5.78
CA GLY B 242 -0.88 -15.93 6.17
C GLY B 242 -1.59 -16.74 5.10
N LEU B 243 -1.36 -16.41 3.83
CA LEU B 243 -2.10 -17.08 2.75
C LEU B 243 -1.22 -17.90 1.80
N ALA B 244 0.06 -18.02 2.12
CA ALA B 244 1.01 -18.67 1.22
C ALA B 244 1.01 -20.20 1.35
N PRO B 245 0.87 -20.91 0.22
CA PRO B 245 1.05 -22.37 0.23
C PRO B 245 2.52 -22.72 -0.02
N SER B 246 2.87 -23.99 0.19
CA SER B 246 4.23 -24.43 -0.10
C SER B 246 4.31 -25.93 -0.36
N GLY B 247 5.36 -26.34 -1.06
CA GLY B 247 5.63 -27.73 -1.33
C GLY B 247 7.11 -28.08 -1.21
N ASN B 248 7.37 -29.28 -0.73
CA ASN B 248 8.70 -29.88 -0.77
C ASN B 248 8.64 -31.18 -1.57
N ILE B 249 9.31 -31.19 -2.72
CA ILE B 249 9.12 -32.25 -3.70
C ILE B 249 10.41 -32.99 -3.98
N GLY B 250 10.34 -34.31 -3.89
CA GLY B 250 11.43 -35.19 -4.28
C GLY B 250 11.09 -35.98 -5.53
N ASP B 251 11.84 -37.05 -5.78
CA ASP B 251 11.77 -37.81 -7.02
C ASP B 251 10.62 -38.81 -7.05
N THR B 252 10.20 -39.30 -5.89
CA THR B 252 9.06 -40.22 -5.84
C THR B 252 7.81 -39.68 -5.14
N THR B 253 7.97 -38.75 -4.19
CA THR B 253 6.82 -38.15 -3.52
C THR B 253 7.02 -36.67 -3.16
N ALA B 254 6.03 -36.08 -2.50
CA ALA B 254 6.07 -34.68 -2.11
C ALA B 254 5.22 -34.40 -0.88
N VAL B 255 5.63 -33.40 -0.10
CA VAL B 255 4.83 -32.93 1.02
C VAL B 255 4.43 -31.49 0.76
N PHE B 256 3.13 -31.22 0.91
CA PHE B 256 2.60 -29.88 0.76
C PHE B 256 2.08 -29.39 2.10
N GLU B 257 2.26 -28.10 2.35
CA GLU B 257 1.93 -27.51 3.65
C GLU B 257 1.87 -25.99 3.56
N PRO B 258 1.03 -25.37 4.39
CA PRO B 258 1.02 -23.91 4.51
C PRO B 258 2.33 -23.36 5.08
N VAL B 259 2.69 -22.15 4.70
CA VAL B 259 3.91 -21.54 5.22
C VAL B 259 3.72 -21.14 6.68
N HIS B 260 2.49 -20.82 7.07
CA HIS B 260 2.22 -20.40 8.44
C HIS B 260 2.50 -21.51 9.47
N GLY B 261 2.69 -21.12 10.73
CA GLY B 261 2.97 -22.04 11.83
C GLY B 261 1.73 -22.59 12.48
N SER B 262 1.89 -23.16 13.67
CA SER B 262 0.81 -23.88 14.34
C SER B 262 -0.17 -22.96 15.05
N ALA B 263 0.22 -21.71 15.25
CA ALA B 263 -0.58 -20.70 15.95
C ALA B 263 -1.36 -21.28 17.15
N PRO B 264 -0.65 -21.88 18.11
CA PRO B 264 -1.36 -22.62 19.17
C PRO B 264 -2.25 -21.79 20.08
N ASP B 265 -2.05 -20.47 20.15
CA ASP B 265 -2.88 -19.61 20.99
C ASP B 265 -4.28 -19.34 20.45
N ILE B 266 -4.54 -19.72 19.21
CA ILE B 266 -5.89 -19.67 18.62
C ILE B 266 -6.43 -21.06 18.24
N ALA B 267 -5.65 -22.09 18.53
CA ALA B 267 -6.07 -23.48 18.29
C ALA B 267 -7.39 -23.80 18.99
N GLY B 268 -8.36 -24.29 18.24
CA GLY B 268 -9.64 -24.68 18.80
C GLY B 268 -10.69 -23.58 18.77
N LYS B 269 -10.30 -22.37 18.39
CA LYS B 269 -11.22 -21.23 18.43
C LYS B 269 -12.07 -21.09 17.19
N GLY B 270 -11.75 -21.88 16.17
CA GLY B 270 -12.53 -21.90 14.93
C GLY B 270 -12.45 -20.61 14.15
N ILE B 271 -11.30 -19.94 14.18
CA ILE B 271 -11.13 -18.68 13.47
C ILE B 271 -9.95 -18.65 12.50
N ALA B 272 -9.15 -19.71 12.52
CA ALA B 272 -8.03 -19.88 11.60
C ALA B 272 -8.50 -19.87 10.14
N ASN B 273 -7.69 -19.30 9.27
CA ASN B 273 -7.96 -19.21 7.86
C ASN B 273 -7.34 -20.42 7.14
N PRO B 274 -8.18 -21.27 6.52
CA PRO B 274 -7.67 -22.45 5.79
C PRO B 274 -7.15 -22.18 4.37
N THR B 275 -7.27 -20.95 3.87
CA THR B 275 -6.76 -20.61 2.53
C THR B 275 -5.43 -21.29 2.25
N ALA B 276 -4.47 -21.12 3.15
CA ALA B 276 -3.12 -21.63 2.95
C ALA B 276 -3.07 -23.15 2.77
N ALA B 277 -3.83 -23.87 3.60
CA ALA B 277 -3.89 -25.31 3.51
C ALA B 277 -4.62 -25.76 2.24
N ILE B 278 -5.72 -25.06 1.92
CA ILE B 278 -6.51 -25.39 0.74
C ILE B 278 -5.67 -25.17 -0.52
N LEU B 279 -4.90 -24.09 -0.57
CA LEU B 279 -4.03 -23.82 -1.74
C LEU B 279 -2.89 -24.82 -1.80
N SER B 280 -2.50 -25.35 -0.65
CA SER B 280 -1.49 -26.42 -0.61
C SER B 280 -2.07 -27.71 -1.19
N ALA B 281 -3.32 -28.01 -0.82
CA ALA B 281 -4.06 -29.10 -1.47
C ALA B 281 -4.16 -28.89 -2.99
N ALA B 282 -4.35 -27.64 -3.40
CA ALA B 282 -4.38 -27.32 -4.84
C ALA B 282 -3.03 -27.64 -5.49
N MET B 283 -1.95 -27.16 -4.89
CA MET B 283 -0.60 -27.48 -5.36
C MET B 283 -0.40 -29.00 -5.47
N MET B 284 -0.90 -29.73 -4.47
CA MET B 284 -0.85 -31.19 -4.45
C MET B 284 -1.59 -31.78 -5.66
N LEU B 285 -2.80 -31.29 -5.93
CA LEU B 285 -3.56 -31.76 -7.11
C LEU B 285 -2.82 -31.57 -8.42
N ASP B 286 -2.24 -30.38 -8.60
CA ASP B 286 -1.40 -30.09 -9.76
C ASP B 286 -0.27 -31.10 -9.86
N TYR B 287 0.43 -31.32 -8.75
CA TYR B 287 1.51 -32.29 -8.68
C TYR B 287 1.07 -33.70 -9.11
N LEU B 288 -0.09 -34.13 -8.60
CA LEU B 288 -0.61 -35.47 -8.85
C LEU B 288 -1.08 -35.70 -10.30
N GLY B 289 -1.11 -34.64 -11.10
CA GLY B 289 -1.59 -34.71 -12.48
C GLY B 289 -3.04 -34.25 -12.66
N GLU B 290 -3.63 -33.69 -11.62
CA GLU B 290 -5.00 -33.18 -11.65
C GLU B 290 -5.02 -31.67 -11.75
N LYS B 291 -4.47 -31.16 -12.85
CA LYS B 291 -4.24 -29.73 -13.06
C LYS B 291 -5.51 -28.88 -13.23
N GLU B 292 -6.51 -29.40 -13.93
CA GLU B 292 -7.80 -28.69 -14.05
C GLU B 292 -8.51 -28.59 -12.71
N ALA B 293 -8.52 -29.71 -11.95
CA ALA B 293 -9.12 -29.74 -10.62
C ALA B 293 -8.44 -28.78 -9.64
N ALA B 294 -7.12 -28.65 -9.78
CA ALA B 294 -6.33 -27.75 -8.94
C ALA B 294 -6.75 -26.30 -9.19
N LYS B 295 -6.93 -25.96 -10.47
CA LYS B 295 -7.34 -24.62 -10.87
C LYS B 295 -8.73 -24.26 -10.34
N ARG B 296 -9.64 -25.24 -10.32
CA ARG B 296 -10.97 -24.95 -9.81
C ARG B 296 -10.92 -24.67 -8.31
N VAL B 297 -10.03 -25.36 -7.61
CA VAL B 297 -9.83 -25.13 -6.18
C VAL B 297 -9.33 -23.71 -5.95
N GLU B 298 -8.28 -23.32 -6.68
CA GLU B 298 -7.73 -21.98 -6.60
C GLU B 298 -8.79 -20.92 -6.89
N LYS B 299 -9.61 -21.17 -7.92
CA LYS B 299 -10.70 -20.27 -8.30
C LYS B 299 -11.75 -20.14 -7.20
N ALA B 300 -12.10 -21.26 -6.58
CA ALA B 300 -13.03 -21.26 -5.46
C ALA B 300 -12.47 -20.47 -4.29
N VAL B 301 -11.17 -20.60 -4.04
CA VAL B 301 -10.52 -19.85 -2.97
C VAL B 301 -10.61 -18.35 -3.24
N ASP B 302 -10.22 -17.93 -4.44
CA ASP B 302 -10.25 -16.52 -4.83
C ASP B 302 -11.65 -15.90 -4.69
N LEU B 303 -12.66 -16.60 -5.19
CA LEU B 303 -14.04 -16.11 -5.13
C LEU B 303 -14.45 -15.81 -3.70
N VAL B 304 -14.06 -16.68 -2.78
CA VAL B 304 -14.44 -16.53 -1.38
C VAL B 304 -13.64 -15.39 -0.73
N LEU B 305 -12.36 -15.29 -1.06
CA LEU B 305 -11.52 -14.18 -0.60
C LEU B 305 -12.09 -12.82 -1.02
N GLU B 306 -12.82 -12.82 -2.12
CA GLU B 306 -13.36 -11.58 -2.66
C GLU B 306 -14.74 -11.24 -2.12
N ARG B 307 -15.57 -12.25 -1.93
CA ARG B 307 -16.99 -12.02 -1.62
C ARG B 307 -17.38 -12.48 -0.22
N GLY B 308 -16.39 -12.87 0.58
CA GLY B 308 -16.63 -13.30 1.96
C GLY B 308 -17.05 -14.76 2.00
N PRO B 309 -17.27 -15.32 3.19
CA PRO B 309 -17.12 -14.70 4.51
C PRO B 309 -15.64 -14.49 4.88
N MET B 310 -15.39 -13.53 5.76
CA MET B 310 -14.03 -13.14 6.11
C MET B 310 -13.68 -13.44 7.56
N THR B 311 -12.71 -14.33 7.73
CA THR B 311 -12.16 -14.69 9.03
C THR B 311 -11.39 -13.52 9.65
N PRO B 312 -11.18 -13.53 10.99
CA PRO B 312 -10.55 -12.38 11.66
C PRO B 312 -9.26 -11.86 11.02
N ASP B 313 -8.45 -12.75 10.46
CA ASP B 313 -7.18 -12.32 9.83
C ASP B 313 -7.40 -11.52 8.57
N LEU B 314 -8.59 -11.62 8.00
CA LEU B 314 -8.97 -10.91 6.79
C LEU B 314 -9.85 -9.70 7.09
N GLY B 315 -9.91 -9.32 8.37
CA GLY B 315 -10.70 -8.16 8.81
C GLY B 315 -12.18 -8.38 9.12
N GLY B 316 -12.62 -9.63 9.13
CA GLY B 316 -14.02 -9.94 9.43
C GLY B 316 -14.17 -10.75 10.70
N ASP B 317 -15.34 -11.35 10.90
CA ASP B 317 -15.65 -12.09 12.13
C ASP B 317 -16.23 -13.47 11.87
N ALA B 318 -15.94 -14.02 10.69
CA ALA B 318 -16.44 -15.32 10.29
C ALA B 318 -15.56 -16.46 10.82
N THR B 319 -16.17 -17.64 10.95
CA THR B 319 -15.49 -18.83 11.46
C THR B 319 -14.75 -19.58 10.36
N THR B 320 -13.84 -20.47 10.77
CA THR B 320 -13.20 -21.41 9.84
C THR B 320 -14.24 -22.24 9.09
N GLU B 321 -15.25 -22.75 9.81
CA GLU B 321 -16.31 -23.57 9.22
C GLU B 321 -17.06 -22.86 8.09
N ALA B 322 -17.48 -21.62 8.34
CA ALA B 322 -18.27 -20.85 7.37
C ALA B 322 -17.46 -20.54 6.12
N PHE B 323 -16.17 -20.32 6.29
CA PHE B 323 -15.27 -20.10 5.17
C PHE B 323 -15.13 -21.38 4.32
N THR B 324 -14.94 -22.51 5.00
CA THR B 324 -14.74 -23.79 4.35
C THR B 324 -15.97 -24.18 3.53
N GLU B 325 -17.15 -24.00 4.11
CA GLU B 325 -18.39 -24.32 3.40
C GLU B 325 -18.66 -23.43 2.20
N ALA B 326 -18.16 -22.19 2.24
CA ALA B 326 -18.27 -21.28 1.11
C ALA B 326 -17.32 -21.67 -0.03
N VAL B 327 -16.13 -22.17 0.31
CA VAL B 327 -15.20 -22.70 -0.70
C VAL B 327 -15.77 -23.96 -1.36
N VAL B 328 -16.31 -24.85 -0.54
CA VAL B 328 -16.92 -26.11 -0.99
C VAL B 328 -18.08 -25.84 -1.95
N GLU B 329 -18.96 -24.92 -1.57
CA GLU B 329 -20.10 -24.56 -2.39
C GLU B 329 -19.67 -23.88 -3.69
N ALA B 330 -18.71 -22.96 -3.61
CA ALA B 330 -18.25 -22.24 -4.79
C ALA B 330 -17.62 -23.16 -5.82
N LEU B 331 -16.83 -24.12 -5.34
CA LEU B 331 -16.16 -25.09 -6.19
C LEU B 331 -17.12 -25.83 -7.14
N LYS B 332 -18.31 -26.17 -6.64
CA LYS B 332 -19.33 -26.90 -7.41
C LYS B 332 -19.69 -26.19 -8.70
N SER B 333 -19.67 -24.86 -8.67
CA SER B 333 -20.06 -24.02 -9.79
C SER B 333 -18.89 -23.54 -10.64
N LEU B 334 -17.69 -24.02 -10.34
CA LEU B 334 -16.50 -23.60 -11.10
C LEU B 334 -15.81 -24.77 -11.82
N ALA C 2 -19.29 8.59 -42.82
CA ALA C 2 -18.30 9.37 -42.03
C ALA C 2 -18.89 9.80 -40.69
N TYR C 3 -18.06 9.80 -39.65
CA TYR C 3 -18.50 10.25 -38.32
C TYR C 3 -18.39 11.76 -38.19
N ARG C 4 -19.51 12.40 -37.89
CA ARG C 4 -19.55 13.84 -37.65
C ARG C 4 -19.28 14.15 -36.18
N ILE C 5 -18.21 14.90 -35.93
CA ILE C 5 -17.75 15.25 -34.60
C ILE C 5 -17.87 16.75 -34.37
N CYS C 6 -18.64 17.15 -33.37
CA CYS C 6 -18.73 18.55 -33.00
C CYS C 6 -17.64 18.91 -32.00
N LEU C 7 -16.89 19.97 -32.29
CA LEU C 7 -15.83 20.42 -31.39
C LEU C 7 -16.13 21.79 -30.79
N ILE C 8 -16.24 21.82 -29.46
CA ILE C 8 -16.48 23.06 -28.73
C ILE C 8 -15.40 23.25 -27.66
N GLU C 9 -14.51 24.20 -27.90
CA GLU C 9 -13.34 24.43 -27.06
C GLU C 9 -13.68 25.03 -25.70
N GLY C 10 -14.76 25.80 -25.64
CA GLY C 10 -15.20 26.44 -24.41
C GLY C 10 -14.39 27.65 -24.03
N ASP C 11 -13.72 27.56 -22.89
CA ASP C 11 -12.94 28.68 -22.34
C ASP C 11 -11.52 28.25 -21.99
N GLY C 12 -10.63 29.23 -21.82
CA GLY C 12 -9.30 29.02 -21.27
C GLY C 12 -8.47 27.92 -21.92
N ILE C 13 -8.17 26.87 -21.16
CA ILE C 13 -7.26 25.82 -21.61
C ILE C 13 -7.87 24.88 -22.66
N GLY C 14 -9.16 25.07 -22.92
CA GLY C 14 -9.87 24.33 -23.96
C GLY C 14 -9.41 24.70 -25.36
N TYR C 15 -9.00 25.96 -25.52
CA TYR C 15 -8.42 26.43 -26.78
C TYR C 15 -7.12 25.71 -27.11
N GLU C 16 -6.54 25.04 -26.11
CA GLU C 16 -5.30 24.32 -26.29
C GLU C 16 -5.52 22.80 -26.35
N VAL C 17 -6.36 22.29 -25.46
CA VAL C 17 -6.57 20.84 -25.36
C VAL C 17 -7.47 20.23 -26.44
N ILE C 18 -8.44 21.00 -26.93
CA ILE C 18 -9.33 20.52 -27.99
C ILE C 18 -8.65 20.43 -29.36
N PRO C 19 -7.92 21.49 -29.79
CA PRO C 19 -7.16 21.33 -31.04
C PRO C 19 -6.15 20.18 -30.95
N ALA C 20 -5.55 20.01 -29.78
CA ALA C 20 -4.64 18.90 -29.51
C ALA C 20 -5.34 17.55 -29.75
N ALA C 21 -6.53 17.39 -29.16
CA ALA C 21 -7.34 16.19 -29.35
C ALA C 21 -7.79 16.02 -30.80
N ARG C 22 -8.10 17.13 -31.46
CA ARG C 22 -8.46 17.10 -32.88
C ARG C 22 -7.36 16.44 -33.72
N ARG C 23 -6.11 16.81 -33.46
CA ARG C 23 -4.97 16.26 -34.21
C ARG C 23 -4.78 14.75 -33.97
N VAL C 24 -4.90 14.32 -32.72
CA VAL C 24 -4.80 12.90 -32.38
C VAL C 24 -5.89 12.10 -33.09
N LEU C 25 -7.11 12.64 -33.08
CA LEU C 25 -8.23 12.05 -33.81
C LEU C 25 -7.93 11.92 -35.31
N GLU C 26 -7.38 12.98 -35.90
CA GLU C 26 -6.96 12.98 -37.31
C GLU C 26 -5.90 11.91 -37.58
N ALA C 27 -5.03 11.69 -36.59
CA ALA C 27 -3.94 10.73 -36.70
C ALA C 27 -4.39 9.25 -36.64
N THR C 28 -5.68 9.01 -36.41
CA THR C 28 -6.23 7.65 -36.44
C THR C 28 -6.57 7.22 -37.87
N GLY C 29 -6.68 8.20 -38.77
CA GLY C 29 -7.03 7.96 -40.17
C GLY C 29 -8.51 7.76 -40.44
N LEU C 30 -9.31 7.73 -39.37
CA LEU C 30 -10.75 7.46 -39.48
C LEU C 30 -11.50 8.53 -40.28
N PRO C 31 -12.56 8.12 -41.01
CA PRO C 31 -13.40 9.06 -41.73
C PRO C 31 -14.14 10.02 -40.79
N LEU C 32 -13.48 11.11 -40.44
CA LEU C 32 -14.02 12.07 -39.47
C LEU C 32 -14.32 13.43 -40.11
N GLU C 33 -15.46 14.01 -39.74
CA GLU C 33 -15.82 15.36 -40.16
C GLU C 33 -16.01 16.26 -38.94
N PHE C 34 -15.21 17.31 -38.86
CA PHE C 34 -15.26 18.21 -37.72
C PHE C 34 -16.14 19.43 -37.97
N VAL C 35 -17.15 19.59 -37.13
CA VAL C 35 -18.05 20.73 -37.16
C VAL C 35 -17.76 21.57 -35.92
N GLU C 36 -17.41 22.83 -36.13
CA GLU C 36 -16.98 23.70 -35.04
C GLU C 36 -18.11 24.54 -34.47
N ALA C 37 -18.20 24.56 -33.15
CA ALA C 37 -19.18 25.40 -32.46
C ALA C 37 -18.55 26.04 -31.24
N GLU C 38 -19.28 26.97 -30.63
CA GLU C 38 -18.78 27.70 -29.47
C GLU C 38 -19.77 27.71 -28.29
N ALA C 39 -19.23 27.83 -27.09
CA ALA C 39 -20.01 27.85 -25.86
C ALA C 39 -19.12 28.23 -24.69
N GLY C 40 -19.72 28.76 -23.64
CA GLY C 40 -18.98 29.09 -22.42
C GLY C 40 -19.14 30.52 -21.99
N TRP C 41 -18.18 30.98 -21.18
CA TRP C 41 -18.22 32.32 -20.60
C TRP C 41 -17.95 33.41 -21.63
N GLU C 42 -16.91 33.22 -22.45
CA GLU C 42 -16.52 34.20 -23.46
C GLU C 42 -17.55 34.30 -24.58
N THR C 43 -18.15 33.16 -24.94
CA THR C 43 -19.27 33.10 -25.87
C THR C 43 -20.41 34.00 -25.39
N PHE C 44 -20.77 33.86 -24.11
CA PHE C 44 -21.81 34.69 -23.48
C PHE C 44 -21.52 36.19 -23.56
N GLU C 45 -20.23 36.56 -23.43
CA GLU C 45 -19.81 37.95 -23.50
C GLU C 45 -20.04 38.57 -24.88
N ARG C 46 -20.12 37.73 -25.91
CA ARG C 46 -20.27 38.20 -27.29
C ARG C 46 -21.70 38.08 -27.82
N ARG C 47 -22.39 37.00 -27.43
CA ARG C 47 -23.72 36.70 -27.97
C ARG C 47 -24.88 37.05 -27.06
N GLY C 48 -24.57 37.33 -25.80
CA GLY C 48 -25.61 37.48 -24.78
C GLY C 48 -26.12 36.15 -24.29
N THR C 49 -25.64 35.06 -24.90
CA THR C 49 -26.02 33.70 -24.49
C THR C 49 -24.80 32.76 -24.45
N SER C 50 -24.75 31.92 -23.42
CA SER C 50 -23.64 30.97 -23.23
C SER C 50 -23.70 29.78 -24.20
N VAL C 51 -24.88 29.52 -24.74
CA VAL C 51 -25.06 28.53 -25.79
C VAL C 51 -25.97 29.10 -26.87
N PRO C 52 -25.38 29.55 -28.00
CA PRO C 52 -26.18 30.04 -29.12
C PRO C 52 -26.98 28.92 -29.77
N GLU C 53 -28.03 29.30 -30.48
CA GLU C 53 -28.84 28.34 -31.23
C GLU C 53 -27.99 27.52 -32.21
N GLU C 54 -27.06 28.18 -32.90
CA GLU C 54 -26.12 27.52 -33.84
C GLU C 54 -25.46 26.29 -33.22
N THR C 55 -24.85 26.49 -32.05
CA THR C 55 -24.21 25.42 -31.30
C THR C 55 -25.15 24.24 -31.08
N VAL C 56 -26.38 24.53 -30.64
CA VAL C 56 -27.36 23.49 -30.35
C VAL C 56 -27.70 22.69 -31.61
N VAL C 57 -27.88 23.39 -32.74
CA VAL C 57 -28.16 22.75 -34.03
C VAL C 57 -27.00 21.85 -34.45
N LYS C 58 -25.78 22.37 -34.37
CA LYS C 58 -24.58 21.63 -34.74
C LYS C 58 -24.42 20.31 -33.96
N ILE C 59 -24.59 20.39 -32.64
CA ILE C 59 -24.54 19.20 -31.77
C ILE C 59 -25.54 18.13 -32.25
N LEU C 60 -26.80 18.54 -32.45
CA LEU C 60 -27.86 17.63 -32.88
C LEU C 60 -27.62 16.97 -34.23
N SER C 61 -26.86 17.64 -35.11
CA SER C 61 -26.55 17.09 -36.42
C SER C 61 -25.31 16.18 -36.39
N CYS C 62 -24.73 15.99 -35.22
CA CYS C 62 -23.52 15.18 -35.06
C CYS C 62 -23.77 13.88 -34.30
N HIS C 63 -22.91 12.89 -34.56
CA HIS C 63 -22.94 11.63 -33.83
C HIS C 63 -22.46 11.80 -32.39
N ALA C 64 -21.48 12.68 -32.21
CA ALA C 64 -20.91 12.98 -30.89
C ALA C 64 -20.28 14.38 -30.81
N THR C 65 -20.00 14.82 -29.58
CA THR C 65 -19.46 16.15 -29.33
C THR C 65 -18.28 16.07 -28.36
N LEU C 66 -17.22 16.81 -28.67
CA LEU C 66 -16.07 16.94 -27.77
C LEU C 66 -15.99 18.36 -27.24
N PHE C 67 -15.97 18.49 -25.91
CA PHE C 67 -15.98 19.79 -25.25
C PHE C 67 -14.75 20.01 -24.38
N GLY C 68 -14.24 21.23 -24.37
CA GLY C 68 -13.12 21.62 -23.50
C GLY C 68 -13.58 21.81 -22.07
N ALA C 69 -13.65 23.08 -21.65
CA ALA C 69 -14.07 23.44 -20.31
C ALA C 69 -14.66 24.84 -20.32
N ALA C 70 -15.55 25.13 -19.38
CA ALA C 70 -16.15 26.44 -19.29
C ALA C 70 -15.70 27.14 -18.01
N THR C 71 -15.54 28.46 -18.07
CA THR C 71 -15.20 29.26 -16.90
C THR C 71 -16.45 29.47 -16.06
N ILE C 72 -16.40 28.99 -14.82
CA ILE C 72 -17.51 29.13 -13.89
C ILE C 72 -17.27 30.38 -13.05
N PRO C 73 -18.22 31.34 -13.11
CA PRO C 73 -18.10 32.53 -12.27
C PRO C 73 -18.30 32.18 -10.80
N THR C 74 -17.23 32.33 -10.02
CA THR C 74 -17.24 31.99 -8.59
C THR C 74 -17.28 33.27 -7.74
N ARG C 75 -16.92 34.39 -8.35
CA ARG C 75 -17.00 35.70 -7.69
C ARG C 75 -18.45 36.19 -7.62
N LYS C 76 -19.28 35.71 -8.56
CA LYS C 76 -20.66 36.17 -8.68
C LYS C 76 -21.51 35.19 -9.51
N VAL C 77 -22.75 35.59 -9.78
CA VAL C 77 -23.58 34.99 -10.82
C VAL C 77 -24.18 36.14 -11.65
N PRO C 78 -23.81 36.23 -12.94
CA PRO C 78 -24.33 37.28 -13.84
C PRO C 78 -25.74 37.00 -14.36
N GLY C 79 -26.32 37.98 -15.05
CA GLY C 79 -27.69 37.92 -15.56
C GLY C 79 -27.97 36.74 -16.48
N PHE C 80 -28.30 35.61 -15.88
CA PHE C 80 -28.51 34.33 -16.57
C PHE C 80 -27.48 33.96 -17.65
N PHE C 81 -26.25 33.79 -17.19
CA PHE C 81 -25.22 33.11 -17.95
C PHE C 81 -25.56 31.61 -17.98
N GLY C 82 -26.34 31.16 -16.99
CA GLY C 82 -26.85 29.78 -16.94
C GLY C 82 -27.93 29.48 -17.97
N ALA C 83 -27.63 29.73 -19.24
CA ALA C 83 -28.45 29.28 -20.37
C ALA C 83 -27.99 27.88 -20.81
N ILE C 84 -26.95 27.39 -20.14
CA ILE C 84 -26.44 26.03 -20.33
C ILE C 84 -27.41 25.00 -19.72
N MET C 85 -28.21 25.46 -18.74
CA MET C 85 -29.19 24.63 -18.07
C MET C 85 -30.39 24.34 -18.98
N ALA C 86 -30.67 25.28 -19.89
CA ALA C 86 -31.71 25.12 -20.90
C ALA C 86 -31.28 24.10 -21.97
N LEU C 87 -29.96 24.04 -22.20
CA LEU C 87 -29.35 23.09 -23.13
C LEU C 87 -29.30 21.69 -22.52
N ARG C 88 -28.95 21.62 -21.23
CA ARG C 88 -28.93 20.37 -20.48
C ARG C 88 -30.28 19.65 -20.50
N ARG C 89 -31.38 20.42 -20.49
CA ARG C 89 -32.73 19.85 -20.59
C ARG C 89 -33.06 19.31 -21.97
N ARG C 90 -32.70 20.09 -23.00
CA ARG C 90 -32.92 19.75 -24.41
CA ARG C 90 -32.99 19.70 -24.38
C ARG C 90 -32.23 18.44 -24.77
N LEU C 91 -30.96 18.35 -24.34
CA LEU C 91 -30.12 17.21 -24.67
C LEU C 91 -30.43 15.96 -23.86
N ASP C 92 -30.80 16.15 -22.59
CA ASP C 92 -31.05 15.06 -21.66
C ASP C 92 -29.96 13.98 -21.76
N LEU C 93 -28.72 14.40 -21.51
CA LEU C 93 -27.61 13.45 -21.48
C LEU C 93 -27.51 12.92 -20.06
N TYR C 94 -28.37 11.95 -19.75
CA TYR C 94 -28.58 11.54 -18.36
C TYR C 94 -27.44 10.75 -17.71
N ALA C 95 -26.67 10.01 -18.50
CA ALA C 95 -25.63 9.13 -17.95
C ALA C 95 -24.27 9.79 -17.88
N ASN C 96 -23.87 10.21 -16.67
CA ASN C 96 -22.51 10.71 -16.45
C ASN C 96 -21.58 9.52 -16.28
N VAL C 97 -20.51 9.49 -17.08
CA VAL C 97 -19.60 8.36 -17.11
C VAL C 97 -18.16 8.80 -16.84
N ARG C 98 -17.57 8.23 -15.80
CA ARG C 98 -16.23 8.62 -15.36
C ARG C 98 -15.31 7.43 -15.17
N PRO C 99 -14.47 7.13 -16.16
CA PRO C 99 -13.51 6.05 -16.00
C PRO C 99 -12.40 6.47 -15.04
N ALA C 100 -11.96 5.53 -14.21
CA ALA C 100 -10.76 5.72 -13.40
C ALA C 100 -9.85 4.54 -13.69
N LYS C 101 -8.80 4.79 -14.46
CA LYS C 101 -7.91 3.73 -14.91
C LYS C 101 -6.44 4.09 -14.69
N SER C 102 -5.69 3.14 -14.12
CA SER C 102 -4.24 3.27 -13.89
C SER C 102 -3.50 3.85 -15.08
N ARG C 103 -2.57 4.78 -14.78
CA ARG C 103 -1.69 5.41 -15.78
C ARG C 103 -0.24 5.35 -15.29
N PRO C 104 0.73 5.37 -16.22
CA PRO C 104 2.13 5.39 -15.78
C PRO C 104 2.60 6.78 -15.33
N VAL C 105 2.09 7.26 -14.20
CA VAL C 105 2.46 8.57 -13.65
C VAL C 105 2.76 8.48 -12.15
N PRO C 106 3.47 9.48 -11.58
CA PRO C 106 3.74 9.48 -10.13
C PRO C 106 2.46 9.40 -9.29
N GLY C 107 2.53 8.62 -8.22
CA GLY C 107 1.41 8.45 -7.29
C GLY C 107 0.17 7.88 -7.96
N SER C 108 0.37 6.84 -8.79
CA SER C 108 -0.73 6.15 -9.44
C SER C 108 -0.75 4.67 -9.08
N ARG C 109 -1.86 4.26 -8.47
CA ARG C 109 -2.09 2.87 -8.09
C ARG C 109 -2.19 2.00 -9.34
N PRO C 110 -1.53 0.82 -9.34
CA PRO C 110 -1.61 -0.08 -10.49
C PRO C 110 -2.80 -1.06 -10.43
N GLY C 111 -3.17 -1.60 -11.59
CA GLY C 111 -4.23 -2.61 -11.67
C GLY C 111 -5.64 -2.08 -11.55
N VAL C 112 -5.82 -0.77 -11.69
CA VAL C 112 -7.14 -0.15 -11.56
C VAL C 112 -7.76 0.13 -12.94
N ASP C 113 -8.98 -0.36 -13.12
CA ASP C 113 -9.75 -0.13 -14.33
C ASP C 113 -11.24 -0.17 -14.01
N LEU C 114 -11.76 0.95 -13.52
CA LEU C 114 -13.15 1.01 -13.14
C LEU C 114 -13.88 2.15 -13.83
N VAL C 115 -15.21 2.10 -13.81
CA VAL C 115 -16.06 3.12 -14.41
C VAL C 115 -17.21 3.43 -13.44
N ILE C 116 -17.36 4.71 -13.11
CA ILE C 116 -18.45 5.14 -12.24
C ILE C 116 -19.52 5.88 -13.06
N VAL C 117 -20.75 5.46 -12.84
CA VAL C 117 -21.92 5.97 -13.54
C VAL C 117 -22.90 6.62 -12.55
N ARG C 118 -23.30 7.85 -12.85
CA ARG C 118 -24.33 8.53 -12.06
C ARG C 118 -25.18 9.38 -12.99
N GLU C 119 -26.43 9.63 -12.60
CA GLU C 119 -27.32 10.38 -13.47
C GLU C 119 -27.09 11.90 -13.45
N ASN C 120 -27.35 12.53 -14.58
CA ASN C 120 -27.62 13.96 -14.64
C ASN C 120 -29.13 14.09 -14.70
N THR C 121 -29.70 14.84 -13.75
CA THR C 121 -31.15 14.97 -13.68
C THR C 121 -31.71 16.05 -14.59
N GLU C 122 -30.83 16.92 -15.10
CA GLU C 122 -31.23 18.15 -15.80
C GLU C 122 -32.31 17.94 -16.84
N GLY C 123 -32.17 16.87 -17.63
CA GLY C 123 -33.13 16.54 -18.66
C GLY C 123 -34.51 16.20 -18.13
N LEU C 124 -34.60 15.89 -16.84
CA LEU C 124 -35.88 15.55 -16.23
C LEU C 124 -36.40 16.63 -15.28
N TYR C 125 -35.53 17.08 -14.37
CA TYR C 125 -35.92 18.09 -13.37
C TYR C 125 -34.70 18.74 -12.73
N VAL C 126 -34.91 19.96 -12.26
CA VAL C 126 -33.94 20.61 -11.38
C VAL C 126 -34.29 20.28 -9.93
N GLU C 127 -33.35 19.64 -9.22
CA GLU C 127 -33.51 19.46 -7.77
C GLU C 127 -33.37 20.82 -7.11
N GLN C 128 -34.41 21.24 -6.41
CA GLN C 128 -34.49 22.60 -5.90
CA GLN C 128 -34.48 22.61 -5.90
C GLN C 128 -34.03 22.74 -4.45
N GLU C 129 -33.47 23.91 -4.14
CA GLU C 129 -33.10 24.31 -2.78
C GLU C 129 -34.08 25.38 -2.33
N ARG C 130 -34.39 25.42 -1.04
CA ARG C 130 -35.14 26.55 -0.50
C ARG C 130 -34.52 27.05 0.78
N ARG C 131 -34.66 28.33 1.05
CA ARG C 131 -34.28 28.86 2.33
C ARG C 131 -35.40 29.71 2.93
N TYR C 132 -35.88 29.26 4.09
CA TYR C 132 -36.91 29.97 4.84
C TYR C 132 -36.32 30.43 6.16
N LEU C 133 -36.17 31.75 6.30
CA LEU C 133 -35.49 32.38 7.43
C LEU C 133 -34.11 31.74 7.72
N ASP C 134 -33.97 31.08 8.87
CA ASP C 134 -32.68 30.53 9.25
CA ASP C 134 -32.73 30.50 9.36
C ASP C 134 -32.59 29.02 9.00
N VAL C 135 -33.47 28.54 8.12
CA VAL C 135 -33.52 27.12 7.78
C VAL C 135 -33.49 26.96 6.26
N ALA C 136 -32.60 26.08 5.78
CA ALA C 136 -32.50 25.78 4.36
C ALA C 136 -32.66 24.29 4.11
N ILE C 137 -33.44 23.97 3.08
CA ILE C 137 -33.65 22.58 2.66
C ILE C 137 -33.34 22.39 1.18
N ALA C 138 -32.58 21.35 0.87
CA ALA C 138 -32.30 20.98 -0.52
C ALA C 138 -32.88 19.60 -0.78
N ASP C 139 -33.63 19.47 -1.86
CA ASP C 139 -34.22 18.19 -2.25
C ASP C 139 -33.21 17.27 -2.91
N ALA C 140 -33.18 16.02 -2.44
CA ALA C 140 -32.52 14.94 -3.14
C ALA C 140 -33.62 14.08 -3.76
N VAL C 141 -33.70 14.07 -5.09
CA VAL C 141 -34.83 13.45 -5.77
C VAL C 141 -34.43 12.19 -6.51
N ILE C 142 -35.14 11.11 -6.20
CA ILE C 142 -35.05 9.86 -6.94
C ILE C 142 -36.41 9.53 -7.59
N SER C 143 -36.43 9.29 -8.90
CA SER C 143 -37.62 8.72 -9.53
C SER C 143 -37.34 7.35 -10.12
N LYS C 144 -38.41 6.56 -10.27
CA LYS C 144 -38.33 5.22 -10.86
C LYS C 144 -37.84 5.29 -12.29
N LYS C 145 -38.41 6.20 -13.06
CA LYS C 145 -38.02 6.41 -14.45
C LYS C 145 -36.53 6.68 -14.50
N ALA C 146 -36.09 7.70 -13.76
CA ALA C 146 -34.68 8.09 -13.71
C ALA C 146 -33.76 6.94 -13.29
N SER C 147 -34.22 6.08 -12.38
CA SER C 147 -33.41 4.98 -11.87
C SER C 147 -33.36 3.82 -12.86
N GLU C 148 -34.47 3.58 -13.56
CA GLU C 148 -34.52 2.60 -14.66
C GLU C 148 -33.45 2.87 -15.72
N ARG C 149 -33.47 4.06 -16.31
CA ARG C 149 -32.56 4.40 -17.43
C ARG C 149 -31.09 4.49 -17.04
N ILE C 150 -30.78 5.05 -15.87
CA ILE C 150 -29.38 5.10 -15.40
C ILE C 150 -28.86 3.69 -15.10
N GLY C 151 -29.66 2.89 -14.41
CA GLY C 151 -29.34 1.48 -14.18
C GLY C 151 -29.07 0.73 -15.47
N ARG C 152 -29.99 0.90 -16.44
CA ARG C 152 -29.86 0.27 -17.75
CA ARG C 152 -29.90 0.32 -17.78
C ARG C 152 -28.59 0.72 -18.46
N ALA C 153 -28.24 2.00 -18.34
CA ALA C 153 -27.05 2.53 -18.99
C ALA C 153 -25.76 1.98 -18.37
N ALA C 154 -25.74 1.86 -17.05
CA ALA C 154 -24.58 1.30 -16.34
C ALA C 154 -24.41 -0.17 -16.69
N LEU C 155 -25.54 -0.85 -16.88
CA LEU C 155 -25.56 -2.27 -17.24
C LEU C 155 -25.04 -2.51 -18.65
N ARG C 156 -25.42 -1.64 -19.58
CA ARG C 156 -24.85 -1.70 -20.92
C ARG C 156 -23.34 -1.49 -20.87
N ILE C 157 -22.89 -0.53 -20.07
CA ILE C 157 -21.47 -0.26 -19.88
C ILE C 157 -20.78 -1.52 -19.39
N ALA C 158 -21.35 -2.11 -18.32
CA ALA C 158 -20.83 -3.34 -17.72
C ALA C 158 -20.77 -4.51 -18.69
N GLU C 159 -21.84 -4.69 -19.48
CA GLU C 159 -21.96 -5.81 -20.41
C GLU C 159 -20.87 -5.82 -21.50
N GLY C 160 -20.45 -4.63 -21.92
CA GLY C 160 -19.42 -4.51 -22.95
C GLY C 160 -18.02 -4.36 -22.39
N ARG C 161 -17.81 -4.85 -21.17
CA ARG C 161 -16.50 -4.86 -20.51
C ARG C 161 -16.18 -6.30 -20.09
N PRO C 162 -14.88 -6.69 -20.11
CA PRO C 162 -14.46 -8.09 -19.91
C PRO C 162 -14.99 -8.77 -18.64
N ARG C 163 -15.09 -8.02 -17.55
CA ARG C 163 -15.41 -8.61 -16.25
C ARG C 163 -16.90 -8.69 -15.93
N LYS C 164 -17.71 -7.90 -16.66
CA LYS C 164 -19.17 -7.95 -16.55
C LYS C 164 -19.69 -7.86 -15.12
N THR C 165 -19.18 -6.88 -14.37
CA THR C 165 -19.53 -6.71 -12.96
C THR C 165 -20.04 -5.29 -12.71
N LEU C 166 -21.15 -5.21 -11.99
CA LEU C 166 -21.71 -3.94 -11.61
C LEU C 166 -21.98 -3.94 -10.11
N HIS C 167 -21.49 -2.92 -9.42
CA HIS C 167 -21.89 -2.65 -8.03
C HIS C 167 -22.86 -1.49 -7.99
N ILE C 168 -23.97 -1.67 -7.26
CA ILE C 168 -24.87 -0.57 -6.96
C ILE C 168 -24.49 0.01 -5.60
N ALA C 169 -23.93 1.22 -5.62
CA ALA C 169 -23.56 1.91 -4.38
C ALA C 169 -24.66 2.86 -3.93
N HIS C 170 -25.24 2.55 -2.78
CA HIS C 170 -26.44 3.24 -2.29
C HIS C 170 -26.32 3.62 -0.81
N LYS C 171 -27.35 4.30 -0.31
CA LYS C 171 -27.50 4.60 1.12
C LYS C 171 -28.91 4.24 1.62
N ALA C 172 -29.43 3.11 1.15
CA ALA C 172 -30.80 2.70 1.49
C ALA C 172 -30.95 2.21 2.93
N ASN C 173 -29.81 2.06 3.62
CA ASN C 173 -29.82 1.71 5.04
C ASN C 173 -30.32 2.86 5.92
N VAL C 174 -30.05 4.09 5.48
CA VAL C 174 -30.51 5.29 6.17
C VAL C 174 -31.50 6.14 5.35
N LEU C 175 -31.59 5.86 4.06
CA LEU C 175 -32.60 6.53 3.22
C LEU C 175 -33.49 5.51 2.47
N PRO C 176 -34.31 4.76 3.22
CA PRO C 176 -35.08 3.61 2.69
C PRO C 176 -36.09 3.97 1.59
N LEU C 177 -36.62 5.19 1.60
CA LEU C 177 -37.56 5.63 0.56
C LEU C 177 -36.85 6.09 -0.71
N THR C 178 -35.86 6.96 -0.61
CA THR C 178 -35.19 7.47 -1.83
C THR C 178 -34.15 6.49 -2.36
N GLN C 179 -33.12 6.23 -1.56
CA GLN C 179 -32.08 5.28 -1.96
C GLN C 179 -32.61 3.85 -2.12
N GLY C 180 -33.66 3.50 -1.39
CA GLY C 180 -34.27 2.18 -1.51
C GLY C 180 -34.98 2.02 -2.83
N LEU C 181 -35.59 3.09 -3.31
CA LEU C 181 -36.26 3.10 -4.61
C LEU C 181 -35.23 2.96 -5.73
N PHE C 182 -34.08 3.61 -5.57
CA PHE C 182 -32.99 3.49 -6.53
C PHE C 182 -32.41 2.07 -6.56
N LEU C 183 -32.11 1.53 -5.37
CA LEU C 183 -31.58 0.16 -5.23
C LEU C 183 -32.48 -0.83 -5.96
N ASP C 184 -33.75 -0.88 -5.53
CA ASP C 184 -34.74 -1.83 -6.04
C ASP C 184 -34.94 -1.78 -7.54
N THR C 185 -35.02 -0.57 -8.08
CA THR C 185 -35.30 -0.38 -9.49
C THR C 185 -34.15 -0.86 -10.36
N VAL C 186 -32.91 -0.54 -9.98
CA VAL C 186 -31.74 -1.00 -10.72
C VAL C 186 -31.66 -2.53 -10.69
N LYS C 187 -32.02 -3.12 -9.55
CA LYS C 187 -32.05 -4.59 -9.41
C LYS C 187 -33.12 -5.24 -10.28
N GLU C 188 -34.24 -4.55 -10.50
CA GLU C 188 -35.27 -5.02 -11.42
C GLU C 188 -34.75 -5.05 -12.85
N VAL C 189 -34.12 -3.97 -13.30
CA VAL C 189 -33.60 -3.95 -14.67
C VAL C 189 -32.40 -4.90 -14.86
N ALA C 190 -31.65 -5.14 -13.79
CA ALA C 190 -30.53 -6.10 -13.83
C ALA C 190 -30.96 -7.50 -14.30
N LYS C 191 -32.22 -7.86 -14.04
CA LYS C 191 -32.77 -9.13 -14.51
C LYS C 191 -32.81 -9.24 -16.04
N ASP C 192 -32.82 -8.09 -16.71
CA ASP C 192 -32.73 -8.01 -18.16
C ASP C 192 -31.30 -8.17 -18.67
N PHE C 193 -30.35 -8.27 -17.75
CA PHE C 193 -28.93 -8.42 -18.10
C PHE C 193 -28.33 -9.60 -17.35
N PRO C 194 -28.80 -10.84 -17.65
CA PRO C 194 -28.35 -12.00 -16.88
C PRO C 194 -26.85 -12.29 -16.99
N LEU C 195 -26.19 -11.74 -18.01
CA LEU C 195 -24.75 -11.94 -18.21
C LEU C 195 -23.88 -11.06 -17.31
N VAL C 196 -24.49 -10.12 -16.62
CA VAL C 196 -23.78 -9.20 -15.74
C VAL C 196 -23.95 -9.63 -14.29
N ASN C 197 -22.84 -9.78 -13.57
CA ASN C 197 -22.85 -10.04 -12.15
C ASN C 197 -23.14 -8.73 -11.38
N VAL C 198 -24.25 -8.72 -10.64
CA VAL C 198 -24.70 -7.49 -9.97
C VAL C 198 -24.64 -7.64 -8.44
N GLN C 199 -23.95 -6.67 -7.82
CA GLN C 199 -23.74 -6.63 -6.39
C GLN C 199 -24.23 -5.31 -5.85
N ASP C 200 -24.76 -5.29 -4.64
CA ASP C 200 -25.05 -4.02 -3.98
C ASP C 200 -24.17 -3.80 -2.76
N ILE C 201 -23.94 -2.52 -2.46
CA ILE C 201 -22.98 -2.12 -1.44
C ILE C 201 -23.40 -0.76 -0.87
N ILE C 202 -23.36 -0.64 0.46
CA ILE C 202 -23.54 0.64 1.12
C ILE C 202 -22.39 1.52 0.68
N VAL C 203 -22.70 2.71 0.18
CA VAL C 203 -21.69 3.60 -0.40
C VAL C 203 -20.52 3.87 0.56
N ASP C 204 -20.77 3.76 1.85
CA ASP C 204 -19.74 3.93 2.87
C ASP C 204 -18.70 2.83 2.77
N ASN C 205 -19.14 1.59 2.55
CA ASN C 205 -18.22 0.46 2.38
C ASN C 205 -17.45 0.60 1.07
N CYS C 206 -18.10 1.15 0.06
CA CYS C 206 -17.51 1.27 -1.27
C CYS C 206 -16.37 2.28 -1.28
N ALA C 207 -16.58 3.38 -0.57
CA ALA C 207 -15.55 4.40 -0.37
C ALA C 207 -14.29 3.82 0.28
N THR C 208 -14.46 3.05 1.35
CA THR C 208 -13.32 2.42 2.04
C THR C 208 -12.56 1.48 1.09
N GLN C 209 -13.29 0.65 0.35
CA GLN C 209 -12.70 -0.31 -0.55
C GLN C 209 -12.08 0.34 -1.80
N LEU C 210 -12.57 1.51 -2.19
CA LEU C 210 -11.93 2.25 -3.28
C LEU C 210 -10.54 2.73 -2.88
N VAL C 211 -10.33 2.97 -1.58
CA VAL C 211 -9.00 3.32 -1.09
C VAL C 211 -8.11 2.08 -0.91
N MET C 212 -8.66 1.03 -0.32
CA MET C 212 -7.89 -0.17 0.04
C MET C 212 -7.65 -1.14 -1.11
N ARG C 213 -8.71 -1.41 -1.89
CA ARG C 213 -8.62 -2.34 -3.01
CA ARG C 213 -8.63 -2.34 -3.02
C ARG C 213 -9.48 -1.86 -4.18
N PRO C 214 -9.01 -0.82 -4.91
CA PRO C 214 -9.82 -0.31 -6.02
C PRO C 214 -9.95 -1.27 -7.20
N GLU C 215 -9.03 -2.23 -7.32
CA GLU C 215 -9.05 -3.18 -8.43
C GLU C 215 -10.20 -4.20 -8.36
N ARG C 216 -11.01 -4.14 -7.30
CA ARG C 216 -12.12 -5.08 -7.15
C ARG C 216 -13.36 -4.64 -7.94
N TYR C 217 -13.42 -3.37 -8.32
CA TYR C 217 -14.57 -2.85 -9.04
C TYR C 217 -14.35 -2.78 -10.53
N ASP C 218 -15.44 -3.02 -11.25
CA ASP C 218 -15.51 -2.87 -12.69
C ASP C 218 -16.36 -1.61 -12.92
N VAL C 219 -17.68 -1.78 -12.95
CA VAL C 219 -18.60 -0.66 -13.08
C VAL C 219 -19.33 -0.44 -11.77
N ILE C 220 -19.46 0.82 -11.38
CA ILE C 220 -20.21 1.19 -10.18
C ILE C 220 -21.34 2.11 -10.61
N VAL C 221 -22.57 1.80 -10.19
CA VAL C 221 -23.65 2.75 -10.45
C VAL C 221 -24.08 3.39 -9.14
N THR C 222 -24.25 4.70 -9.16
CA THR C 222 -24.69 5.43 -7.96
C THR C 222 -25.53 6.67 -8.29
N THR C 223 -26.12 7.28 -7.25
CA THR C 223 -26.92 8.51 -7.41
C THR C 223 -26.01 9.74 -7.40
N ASN C 224 -26.58 10.93 -7.63
CA ASN C 224 -25.76 12.15 -7.70
C ASN C 224 -25.41 12.77 -6.33
N LEU C 225 -24.36 13.59 -6.33
CA LEU C 225 -23.61 14.07 -5.14
C LEU C 225 -22.63 12.99 -4.70
N LEU C 226 -22.98 11.76 -5.08
CA LEU C 226 -22.41 10.55 -4.53
C LEU C 226 -21.37 9.96 -5.47
N GLY C 227 -21.72 9.92 -6.76
CA GLY C 227 -20.79 9.45 -7.77
C GLY C 227 -19.57 10.34 -7.75
N ASP C 228 -19.84 11.63 -7.64
CA ASP C 228 -18.80 12.66 -7.72
C ASP C 228 -17.77 12.45 -6.62
N ILE C 229 -18.26 12.33 -5.40
CA ILE C 229 -17.41 12.07 -4.26
C ILE C 229 -16.59 10.76 -4.44
N LEU C 230 -17.23 9.69 -4.90
CA LEU C 230 -16.52 8.43 -5.21
C LEU C 230 -15.51 8.58 -6.36
N SER C 231 -15.90 9.33 -7.39
CA SER C 231 -15.03 9.63 -8.53
C SER C 231 -13.84 10.48 -8.13
N ASP C 232 -14.05 11.37 -7.16
CA ASP C 232 -13.00 12.27 -6.70
C ASP C 232 -11.96 11.54 -5.87
N LEU C 233 -12.43 10.56 -5.11
CA LEU C 233 -11.59 9.69 -4.34
C LEU C 233 -10.80 8.79 -5.30
N ALA C 234 -11.49 8.26 -6.30
CA ALA C 234 -10.89 7.44 -7.34
C ALA C 234 -9.78 8.20 -8.05
N ALA C 235 -10.05 9.46 -8.41
CA ALA C 235 -9.08 10.28 -9.11
C ALA C 235 -7.83 10.50 -8.26
N GLY C 236 -8.01 10.43 -6.94
CA GLY C 236 -6.91 10.53 -5.98
C GLY C 236 -5.88 9.43 -6.12
N LEU C 237 -6.33 8.26 -6.57
CA LEU C 237 -5.44 7.15 -6.82
C LEU C 237 -4.69 7.30 -8.15
N MET C 238 -5.24 8.13 -9.04
CA MET C 238 -4.75 8.29 -10.41
C MET C 238 -3.80 9.48 -10.57
N GLY C 239 -3.43 10.12 -9.46
CA GLY C 239 -2.61 11.33 -9.50
C GLY C 239 -3.39 12.61 -9.78
N GLY C 240 -4.67 12.62 -9.42
CA GLY C 240 -5.47 13.84 -9.49
C GLY C 240 -6.56 13.87 -10.56
N LEU C 241 -7.31 14.98 -10.56
CA LEU C 241 -8.42 15.17 -11.49
C LEU C 241 -7.96 15.66 -12.87
N GLY C 242 -6.68 16.01 -12.98
CA GLY C 242 -6.14 16.62 -14.20
C GLY C 242 -5.87 15.68 -15.36
N LEU C 243 -6.04 14.39 -15.13
CA LEU C 243 -5.83 13.40 -16.19
C LEU C 243 -7.13 12.69 -16.55
N ALA C 244 -8.21 13.09 -15.89
CA ALA C 244 -9.48 12.36 -15.94
C ALA C 244 -10.35 12.72 -17.15
N PRO C 245 -10.77 11.70 -17.92
CA PRO C 245 -11.76 11.86 -18.98
C PRO C 245 -13.19 11.69 -18.46
N SER C 246 -14.14 12.27 -19.17
CA SER C 246 -15.55 12.05 -18.85
C SER C 246 -16.43 12.18 -20.08
N GLY C 247 -17.61 11.59 -19.98
CA GLY C 247 -18.66 11.76 -20.97
C GLY C 247 -20.01 11.91 -20.31
N ASN C 248 -20.91 12.60 -20.99
CA ASN C 248 -22.32 12.66 -20.62
C ASN C 248 -23.16 12.11 -21.76
N ILE C 249 -23.92 11.07 -21.48
CA ILE C 249 -24.53 10.25 -22.54
C ILE C 249 -26.07 10.17 -22.45
N GLY C 250 -26.72 10.54 -23.55
CA GLY C 250 -28.17 10.40 -23.70
C GLY C 250 -28.51 9.24 -24.61
N ASP C 251 -29.76 9.22 -25.08
CA ASP C 251 -30.25 8.15 -25.95
C ASP C 251 -29.91 8.38 -27.42
N THR C 252 -29.68 9.63 -27.80
CA THR C 252 -29.44 10.00 -29.20
C THR C 252 -28.02 10.49 -29.43
N THR C 253 -27.47 11.22 -28.48
CA THR C 253 -26.10 11.72 -28.62
C THR C 253 -25.31 11.77 -27.30
N ALA C 254 -24.11 12.37 -27.35
CA ALA C 254 -23.17 12.34 -26.23
C ALA C 254 -22.17 13.50 -26.31
N VAL C 255 -21.82 14.01 -25.14
CA VAL C 255 -20.76 15.01 -25.01
C VAL C 255 -19.63 14.45 -24.14
N PHE C 256 -18.42 14.49 -24.67
CA PHE C 256 -17.25 14.03 -23.93
C PHE C 256 -16.36 15.22 -23.63
N GLU C 257 -15.75 15.22 -22.45
CA GLU C 257 -15.05 16.39 -21.93
C GLU C 257 -14.10 15.99 -20.81
N PRO C 258 -12.94 16.64 -20.74
CA PRO C 258 -12.07 16.45 -19.57
C PRO C 258 -12.78 16.93 -18.29
N VAL C 259 -12.38 16.37 -17.15
CA VAL C 259 -13.00 16.72 -15.88
C VAL C 259 -12.47 18.06 -15.32
N HIS C 260 -11.26 18.46 -15.73
CA HIS C 260 -10.66 19.71 -15.25
C HIS C 260 -11.43 20.96 -15.70
N GLY C 261 -11.17 22.09 -15.02
CA GLY C 261 -11.81 23.35 -15.38
C GLY C 261 -11.11 24.09 -16.51
N SER C 262 -11.54 25.32 -16.76
CA SER C 262 -10.95 26.15 -17.82
C SER C 262 -9.54 26.64 -17.49
N ALA C 263 -9.18 26.61 -16.21
CA ALA C 263 -7.86 27.01 -15.71
C ALA C 263 -7.30 28.29 -16.35
N PRO C 264 -7.95 29.44 -16.09
CA PRO C 264 -7.53 30.70 -16.72
C PRO C 264 -6.14 31.14 -16.29
N ASP C 265 -5.64 30.57 -15.19
CA ASP C 265 -4.30 30.85 -14.67
C ASP C 265 -3.22 30.60 -15.73
N ILE C 266 -3.23 29.41 -16.31
CA ILE C 266 -2.21 28.98 -17.26
C ILE C 266 -2.72 28.97 -18.72
N ALA C 267 -3.79 29.73 -18.96
CA ALA C 267 -4.40 29.82 -20.28
C ALA C 267 -3.58 30.67 -21.25
N GLY C 268 -3.46 30.20 -22.49
CA GLY C 268 -2.72 30.91 -23.53
C GLY C 268 -1.20 30.84 -23.38
N LYS C 269 -0.73 30.00 -22.45
CA LYS C 269 0.70 29.82 -22.21
C LYS C 269 1.25 28.61 -22.97
N GLY C 270 0.40 27.62 -23.22
CA GLY C 270 0.76 26.44 -24.00
C GLY C 270 1.45 25.32 -23.25
N ILE C 271 1.09 25.13 -21.98
CA ILE C 271 1.67 24.06 -21.15
C ILE C 271 0.63 23.08 -20.55
N ALA C 272 -0.64 23.45 -20.62
CA ALA C 272 -1.73 22.61 -20.11
C ALA C 272 -1.69 21.21 -20.74
N ASN C 273 -1.86 20.19 -19.90
CA ASN C 273 -1.78 18.80 -20.32
C ASN C 273 -3.04 18.40 -21.11
N PRO C 274 -2.87 18.01 -22.39
CA PRO C 274 -4.00 17.60 -23.22
C PRO C 274 -4.51 16.16 -22.97
N THR C 275 -3.82 15.43 -22.10
CA THR C 275 -4.15 14.03 -21.81
C THR C 275 -5.66 13.80 -21.63
N ALA C 276 -6.25 14.47 -20.65
CA ALA C 276 -7.67 14.26 -20.31
C ALA C 276 -8.62 14.53 -21.48
N ALA C 277 -8.22 15.41 -22.39
CA ALA C 277 -9.02 15.72 -23.57
C ALA C 277 -8.91 14.61 -24.61
N ILE C 278 -7.69 14.14 -24.85
CA ILE C 278 -7.42 13.07 -25.81
C ILE C 278 -8.07 11.76 -25.33
N LEU C 279 -8.00 11.53 -24.02
CA LEU C 279 -8.64 10.38 -23.41
C LEU C 279 -10.16 10.47 -23.52
N SER C 280 -10.72 11.68 -23.38
CA SER C 280 -12.13 11.91 -23.64
C SER C 280 -12.52 11.60 -25.08
N ALA C 281 -11.65 11.99 -26.03
CA ALA C 281 -11.86 11.69 -27.44
C ALA C 281 -11.78 10.19 -27.72
N ALA C 282 -10.94 9.50 -26.95
CA ALA C 282 -10.85 8.04 -26.97
C ALA C 282 -12.17 7.44 -26.50
N MET C 283 -12.69 7.93 -25.37
CA MET C 283 -14.01 7.51 -24.87
C MET C 283 -15.04 7.66 -25.99
N MET C 284 -14.93 8.77 -26.73
CA MET C 284 -15.87 9.11 -27.79
C MET C 284 -15.81 8.10 -28.92
N LEU C 285 -14.61 7.72 -29.33
CA LEU C 285 -14.42 6.71 -30.38
C LEU C 285 -15.05 5.37 -29.97
N ASP C 286 -14.84 4.99 -28.70
CA ASP C 286 -15.43 3.79 -28.10
C ASP C 286 -16.96 3.83 -28.20
N TYR C 287 -17.54 4.94 -27.77
CA TYR C 287 -18.99 5.14 -27.82
C TYR C 287 -19.52 5.03 -29.24
N LEU C 288 -18.77 5.56 -30.21
CA LEU C 288 -19.15 5.56 -31.61
C LEU C 288 -19.09 4.18 -32.28
N GLY C 289 -18.32 3.26 -31.71
CA GLY C 289 -18.20 1.91 -32.25
C GLY C 289 -16.81 1.55 -32.71
N GLU C 290 -15.96 2.57 -32.82
CA GLU C 290 -14.55 2.40 -33.17
C GLU C 290 -13.73 1.97 -31.95
N LYS C 291 -14.08 0.80 -31.40
CA LYS C 291 -13.49 0.32 -30.16
C LYS C 291 -12.00 0.01 -30.28
N GLU C 292 -11.60 -0.64 -31.38
CA GLU C 292 -10.20 -0.94 -31.63
C GLU C 292 -9.40 0.34 -31.85
N ALA C 293 -10.00 1.28 -32.59
CA ALA C 293 -9.39 2.59 -32.83
C ALA C 293 -9.21 3.39 -31.53
N ALA C 294 -10.18 3.28 -30.63
CA ALA C 294 -10.14 3.94 -29.33
C ALA C 294 -9.05 3.33 -28.44
N LYS C 295 -8.90 2.01 -28.52
CA LYS C 295 -7.85 1.30 -27.81
C LYS C 295 -6.48 1.79 -28.26
N ARG C 296 -6.30 1.96 -29.57
CA ARG C 296 -5.04 2.46 -30.14
C ARG C 296 -4.63 3.85 -29.64
N VAL C 297 -5.62 4.73 -29.49
CA VAL C 297 -5.36 6.09 -28.99
C VAL C 297 -4.90 6.05 -27.54
N GLU C 298 -5.52 5.16 -26.75
CA GLU C 298 -5.20 5.02 -25.34
C GLU C 298 -3.76 4.55 -25.09
N LYS C 299 -3.33 3.52 -25.83
CA LYS C 299 -1.94 3.07 -25.79
C LYS C 299 -0.98 4.19 -26.20
N ALA C 300 -1.33 4.88 -27.28
CA ALA C 300 -0.56 6.02 -27.75
C ALA C 300 -0.36 7.07 -26.65
N VAL C 301 -1.38 7.24 -25.81
CA VAL C 301 -1.30 8.16 -24.67
C VAL C 301 -0.47 7.56 -23.55
N ASP C 302 -0.66 6.27 -23.28
CA ASP C 302 0.07 5.57 -22.21
C ASP C 302 1.57 5.54 -22.47
N LEU C 303 1.94 5.35 -23.74
CA LEU C 303 3.33 5.32 -24.18
C LEU C 303 4.05 6.65 -23.95
N VAL C 304 3.31 7.76 -24.02
CA VAL C 304 3.90 9.10 -23.86
C VAL C 304 3.97 9.52 -22.38
N LEU C 305 3.06 8.97 -21.57
CA LEU C 305 3.13 9.14 -20.13
C LEU C 305 4.30 8.33 -19.58
N GLU C 306 4.72 7.34 -20.36
CA GLU C 306 5.80 6.43 -20.01
C GLU C 306 7.13 6.88 -20.64
N ARG C 307 7.09 7.27 -21.92
CA ARG C 307 8.32 7.60 -22.66
C ARG C 307 8.44 9.09 -23.04
N GLY C 308 7.86 9.96 -22.20
CA GLY C 308 8.07 11.42 -22.31
C GLY C 308 7.43 12.14 -23.49
N PRO C 309 7.33 13.48 -23.41
CA PRO C 309 7.84 14.33 -22.33
C PRO C 309 6.79 14.66 -21.24
N MET C 310 7.22 15.42 -20.23
CA MET C 310 6.37 15.80 -19.11
C MET C 310 5.96 17.27 -19.14
N THR C 311 4.69 17.53 -18.85
CA THR C 311 4.17 18.90 -18.70
C THR C 311 4.27 19.32 -17.23
N PRO C 312 4.20 20.65 -16.94
CA PRO C 312 4.33 21.17 -15.58
C PRO C 312 3.50 20.48 -14.48
N ASP C 313 2.34 19.93 -14.85
CA ASP C 313 1.50 19.20 -13.90
C ASP C 313 2.04 17.81 -13.56
N LEU C 314 2.85 17.26 -14.46
CA LEU C 314 3.43 15.92 -14.29
C LEU C 314 4.86 15.96 -13.74
N GLY C 315 5.37 17.18 -13.52
CA GLY C 315 6.74 17.37 -13.03
C GLY C 315 7.77 17.53 -14.14
N GLY C 316 7.52 18.51 -15.02
CA GLY C 316 8.42 18.82 -16.13
C GLY C 316 8.21 20.25 -16.58
N ASP C 317 8.62 20.55 -17.82
CA ASP C 317 8.39 21.89 -18.39
C ASP C 317 8.24 21.91 -19.92
N ALA C 318 7.94 20.76 -20.50
CA ALA C 318 7.62 20.67 -21.93
C ALA C 318 6.24 21.31 -22.22
N THR C 319 5.96 21.52 -23.51
CA THR C 319 4.76 22.25 -23.92
C THR C 319 3.57 21.33 -24.24
N THR C 320 2.39 21.93 -24.42
CA THR C 320 1.19 21.23 -24.86
C THR C 320 1.41 20.65 -26.25
N GLU C 321 1.96 21.47 -27.15
CA GLU C 321 2.17 21.12 -28.55
C GLU C 321 3.11 19.92 -28.75
N ALA C 322 4.20 19.89 -27.98
CA ALA C 322 5.19 18.82 -28.05
C ALA C 322 4.58 17.49 -27.59
N PHE C 323 3.80 17.54 -26.50
CA PHE C 323 3.07 16.38 -25.99
C PHE C 323 2.16 15.77 -27.05
N THR C 324 1.48 16.63 -27.80
CA THR C 324 0.53 16.20 -28.82
C THR C 324 1.20 15.42 -29.94
N GLU C 325 2.19 16.03 -30.57
CA GLU C 325 2.90 15.39 -31.69
C GLU C 325 3.62 14.13 -31.26
N ALA C 326 4.01 14.06 -29.98
CA ALA C 326 4.55 12.85 -29.39
C ALA C 326 3.49 11.74 -29.39
N VAL C 327 2.28 12.09 -28.96
CA VAL C 327 1.14 11.17 -28.95
C VAL C 327 0.78 10.77 -30.38
N VAL C 328 0.72 11.76 -31.27
CA VAL C 328 0.40 11.54 -32.68
C VAL C 328 1.31 10.50 -33.33
N GLU C 329 2.62 10.65 -33.11
CA GLU C 329 3.61 9.77 -33.72
C GLU C 329 3.64 8.39 -33.07
N ALA C 330 3.35 8.34 -31.77
CA ALA C 330 3.21 7.08 -31.04
C ALA C 330 2.00 6.28 -31.54
N LEU C 331 0.99 7.01 -32.03
CA LEU C 331 -0.21 6.41 -32.62
C LEU C 331 0.07 5.83 -34.01
N LYS C 332 0.96 6.48 -34.76
CA LYS C 332 1.40 5.97 -36.06
C LYS C 332 2.02 4.58 -35.94
N SER C 333 2.66 4.33 -34.78
CA SER C 333 3.29 3.04 -34.48
C SER C 333 2.26 1.92 -34.34
N LEU C 334 1.10 2.25 -33.79
CA LEU C 334 0.09 1.26 -33.42
C LEU C 334 -1.04 1.14 -34.44
N ALA D 2 40.57 23.76 9.02
CA ALA D 2 40.57 23.39 7.59
C ALA D 2 40.34 21.89 7.40
N TYR D 3 39.37 21.54 6.57
CA TYR D 3 39.09 20.15 6.22
C TYR D 3 39.84 19.76 4.96
N ARG D 4 40.43 18.56 4.98
CA ARG D 4 41.14 18.05 3.82
C ARG D 4 40.30 16.98 3.10
N ILE D 5 39.85 17.31 1.90
CA ILE D 5 38.98 16.46 1.11
C ILE D 5 39.72 15.94 -0.12
N CYS D 6 39.77 14.62 -0.28
CA CYS D 6 40.37 14.02 -1.46
C CYS D 6 39.31 13.69 -2.51
N LEU D 7 39.59 14.04 -3.76
CA LEU D 7 38.67 13.78 -4.85
C LEU D 7 39.24 12.75 -5.83
N ILE D 8 38.55 11.63 -5.97
CA ILE D 8 38.89 10.64 -6.98
C ILE D 8 37.72 10.45 -7.93
N GLU D 9 37.89 10.90 -9.16
CA GLU D 9 36.83 10.87 -10.18
C GLU D 9 36.52 9.46 -10.65
N GLY D 10 37.57 8.66 -10.85
CA GLY D 10 37.41 7.28 -11.29
C GLY D 10 37.18 7.19 -12.79
N ASP D 11 36.33 6.24 -13.18
CA ASP D 11 36.09 5.95 -14.60
C ASP D 11 34.69 6.38 -15.02
N GLY D 12 34.45 6.38 -16.32
CA GLY D 12 33.12 6.64 -16.89
C GLY D 12 32.51 7.96 -16.47
N ILE D 13 31.31 7.90 -15.90
CA ILE D 13 30.54 9.11 -15.54
C ILE D 13 31.08 9.84 -14.31
N GLY D 14 32.16 9.31 -13.73
CA GLY D 14 32.83 9.92 -12.58
C GLY D 14 33.41 11.29 -12.87
N TYR D 15 33.93 11.45 -14.09
CA TYR D 15 34.51 12.72 -14.53
CA TYR D 15 34.52 12.72 -14.52
C TYR D 15 33.47 13.84 -14.58
N GLU D 16 32.19 13.45 -14.53
CA GLU D 16 31.10 14.40 -14.57
C GLU D 16 30.52 14.69 -13.18
N VAL D 17 30.14 13.63 -12.47
CA VAL D 17 29.41 13.75 -11.19
C VAL D 17 30.27 14.26 -10.03
N ILE D 18 31.56 13.93 -10.04
CA ILE D 18 32.48 14.34 -8.98
C ILE D 18 32.75 15.85 -9.00
N PRO D 19 33.19 16.40 -10.16
CA PRO D 19 33.38 17.86 -10.22
C PRO D 19 32.08 18.63 -9.95
N ALA D 20 30.94 18.00 -10.25
CA ALA D 20 29.63 18.55 -9.92
C ALA D 20 29.46 18.64 -8.40
N ALA D 21 29.82 17.56 -7.70
CA ALA D 21 29.73 17.50 -6.26
C ALA D 21 30.72 18.43 -5.58
N ARG D 22 31.86 18.66 -6.24
CA ARG D 22 32.87 19.60 -5.76
C ARG D 22 32.29 21.01 -5.65
N ARG D 23 31.55 21.43 -6.67
CA ARG D 23 31.00 22.79 -6.74
C ARG D 23 29.90 23.05 -5.71
N VAL D 24 29.20 21.99 -5.30
CA VAL D 24 28.16 22.09 -4.28
C VAL D 24 28.77 22.29 -2.89
N LEU D 25 29.89 21.62 -2.64
CA LEU D 25 30.61 21.72 -1.37
C LEU D 25 31.24 23.11 -1.17
N GLU D 26 31.68 23.72 -2.28
CA GLU D 26 32.23 25.08 -2.26
C GLU D 26 31.15 26.09 -1.87
N ALA D 27 29.93 25.85 -2.33
CA ALA D 27 28.79 26.73 -2.07
C ALA D 27 28.25 26.64 -0.64
N THR D 28 28.88 25.81 0.19
CA THR D 28 28.54 25.72 1.60
C THR D 28 29.26 26.80 2.40
N GLY D 29 30.48 27.13 1.97
CA GLY D 29 31.29 28.18 2.59
C GLY D 29 32.30 27.68 3.60
N LEU D 30 32.35 26.37 3.81
CA LEU D 30 33.22 25.75 4.81
C LEU D 30 34.68 25.68 4.31
N PRO D 31 35.65 25.76 5.24
CA PRO D 31 37.08 25.72 4.88
C PRO D 31 37.52 24.37 4.29
N LEU D 32 37.64 24.33 2.96
CA LEU D 32 37.94 23.10 2.24
C LEU D 32 39.06 23.27 1.21
N GLU D 33 40.00 22.34 1.21
CA GLU D 33 41.01 22.25 0.17
C GLU D 33 40.96 20.86 -0.47
N PHE D 34 40.90 20.84 -1.80
CA PHE D 34 40.71 19.60 -2.54
C PHE D 34 42.02 19.05 -3.10
N VAL D 35 42.32 17.80 -2.73
CA VAL D 35 43.47 17.09 -3.27
C VAL D 35 42.95 16.10 -4.32
N GLU D 36 43.41 16.26 -5.55
CA GLU D 36 42.95 15.44 -6.66
C GLU D 36 43.79 14.19 -6.86
N ALA D 37 43.12 13.09 -7.18
CA ALA D 37 43.76 11.80 -7.40
C ALA D 37 42.97 10.96 -8.39
N GLU D 38 43.62 9.94 -8.96
CA GLU D 38 42.99 9.07 -9.94
C GLU D 38 43.10 7.59 -9.57
N ALA D 39 42.07 6.83 -9.94
CA ALA D 39 42.03 5.38 -9.71
C ALA D 39 41.05 4.71 -10.66
N GLY D 40 41.24 3.41 -10.90
CA GLY D 40 40.29 2.61 -11.67
C GLY D 40 40.84 1.96 -12.93
N TRP D 41 39.95 1.71 -13.89
CA TRP D 41 40.28 1.07 -15.16
C TRP D 41 41.04 2.03 -16.10
N GLU D 42 40.61 3.30 -16.13
CA GLU D 42 41.21 4.30 -17.01
C GLU D 42 42.59 4.74 -16.55
N THR D 43 42.84 4.68 -15.25
CA THR D 43 44.15 4.97 -14.69
C THR D 43 45.10 3.78 -14.93
N PHE D 44 44.54 2.57 -14.87
CA PHE D 44 45.29 1.34 -15.16
C PHE D 44 45.83 1.30 -16.58
N GLU D 45 45.04 1.82 -17.52
CA GLU D 45 45.41 1.85 -18.94
C GLU D 45 46.55 2.82 -19.23
N ARG D 46 46.69 3.86 -18.41
CA ARG D 46 47.68 4.92 -18.65
C ARG D 46 48.74 5.08 -17.54
N ARG D 47 48.65 4.24 -16.50
CA ARG D 47 49.66 4.19 -15.44
C ARG D 47 50.21 2.78 -15.20
N GLY D 48 49.47 1.76 -15.63
CA GLY D 48 49.89 0.37 -15.46
C GLY D 48 49.33 -0.27 -14.20
N THR D 49 48.84 0.56 -13.28
CA THR D 49 48.25 0.09 -12.02
C THR D 49 46.90 0.75 -11.74
N SER D 50 46.01 0.02 -11.06
CA SER D 50 44.68 0.54 -10.70
C SER D 50 44.75 1.72 -9.73
N VAL D 51 45.67 1.66 -8.78
CA VAL D 51 45.92 2.76 -7.84
C VAL D 51 47.42 3.00 -7.68
N PRO D 52 47.91 4.19 -8.09
CA PRO D 52 49.32 4.55 -7.87
C PRO D 52 49.62 4.82 -6.39
N GLU D 53 50.90 4.77 -6.03
CA GLU D 53 51.34 5.01 -4.65
C GLU D 53 51.07 6.45 -4.20
N GLU D 54 50.94 7.36 -5.16
CA GLU D 54 50.65 8.77 -4.91
C GLU D 54 49.26 8.94 -4.29
N THR D 55 48.29 8.17 -4.79
CA THR D 55 46.89 8.25 -4.39
C THR D 55 46.67 7.84 -2.92
N VAL D 56 47.30 6.74 -2.51
CA VAL D 56 47.20 6.25 -1.13
C VAL D 56 47.66 7.31 -0.13
N VAL D 57 48.80 7.95 -0.43
CA VAL D 57 49.37 9.01 0.41
C VAL D 57 48.43 10.21 0.55
N LYS D 58 47.76 10.56 -0.55
CA LYS D 58 46.83 11.69 -0.59
C LYS D 58 45.53 11.44 0.20
N ILE D 59 45.09 10.18 0.23
CA ILE D 59 43.90 9.78 0.99
C ILE D 59 44.14 9.83 2.50
N LEU D 60 45.31 9.33 2.92
CA LEU D 60 45.68 9.28 4.34
C LEU D 60 45.92 10.67 4.94
N SER D 61 46.37 11.60 4.10
CA SER D 61 46.58 12.99 4.52
C SER D 61 45.27 13.75 4.68
N CYS D 62 44.24 13.28 3.98
CA CYS D 62 42.92 13.92 3.99
C CYS D 62 42.00 13.39 5.09
N HIS D 63 41.12 14.26 5.58
CA HIS D 63 40.09 13.90 6.56
C HIS D 63 39.09 12.90 6.00
N ALA D 64 38.66 13.13 4.76
CA ALA D 64 37.69 12.26 4.09
C ALA D 64 37.92 12.23 2.59
N THR D 65 37.49 11.14 1.95
CA THR D 65 37.65 10.95 0.51
C THR D 65 36.30 10.82 -0.18
N LEU D 66 36.17 11.51 -1.32
CA LEU D 66 34.99 11.37 -2.16
C LEU D 66 35.39 10.67 -3.47
N PHE D 67 34.79 9.53 -3.72
CA PHE D 67 35.11 8.71 -4.90
C PHE D 67 33.93 8.67 -5.87
N GLY D 68 34.25 8.58 -7.17
CA GLY D 68 33.22 8.44 -8.20
C GLY D 68 32.79 7.00 -8.35
N ALA D 69 33.14 6.42 -9.50
CA ALA D 69 32.84 5.02 -9.77
C ALA D 69 33.99 4.36 -10.52
N ALA D 70 34.08 3.04 -10.43
CA ALA D 70 35.10 2.27 -11.12
C ALA D 70 34.46 1.25 -12.05
N THR D 71 34.93 1.22 -13.30
CA THR D 71 34.50 0.20 -14.26
C THR D 71 35.17 -1.11 -13.87
N ILE D 72 34.48 -1.91 -13.06
CA ILE D 72 34.97 -3.21 -12.60
C ILE D 72 35.24 -4.08 -13.83
N PRO D 73 36.53 -4.22 -14.22
CA PRO D 73 36.95 -4.79 -15.51
C PRO D 73 36.03 -5.91 -16.00
N THR D 74 34.96 -5.51 -16.68
CA THR D 74 33.90 -6.41 -17.11
C THR D 74 34.35 -7.33 -18.26
N ARG D 75 33.78 -8.54 -18.28
CA ARG D 75 33.99 -9.52 -19.36
C ARG D 75 35.28 -10.34 -19.23
N LYS D 76 36.10 -10.01 -18.23
CA LYS D 76 37.41 -10.66 -18.03
C LYS D 76 38.01 -10.40 -16.64
N VAL D 77 39.23 -10.89 -16.41
CA VAL D 77 40.00 -10.62 -15.20
C VAL D 77 41.49 -10.39 -15.51
N PRO D 78 41.81 -9.25 -16.15
CA PRO D 78 43.18 -9.01 -16.64
C PRO D 78 44.15 -8.42 -15.62
N GLY D 79 45.33 -9.04 -15.53
CA GLY D 79 46.46 -8.50 -14.78
C GLY D 79 46.42 -8.53 -13.26
N PHE D 80 45.58 -9.41 -12.69
CA PHE D 80 45.39 -9.55 -11.24
C PHE D 80 44.96 -8.23 -10.59
N PHE D 81 43.65 -8.12 -10.30
CA PHE D 81 43.04 -6.84 -9.97
C PHE D 81 42.49 -6.77 -8.53
N GLY D 82 43.31 -6.32 -7.58
CA GLY D 82 44.68 -5.89 -7.84
C GLY D 82 45.28 -5.05 -6.74
N ALA D 83 45.53 -3.78 -7.04
CA ALA D 83 46.00 -2.82 -6.04
C ALA D 83 44.84 -2.31 -5.18
N ILE D 84 43.62 -2.59 -5.63
CA ILE D 84 42.40 -2.29 -4.86
C ILE D 84 42.25 -3.24 -3.66
N MET D 85 42.73 -4.47 -3.80
CA MET D 85 42.77 -5.45 -2.71
C MET D 85 43.77 -5.04 -1.63
N ALA D 86 44.90 -4.46 -2.07
CA ALA D 86 45.92 -3.95 -1.15
C ALA D 86 45.46 -2.68 -0.44
N LEU D 87 44.65 -1.89 -1.15
CA LEU D 87 44.14 -0.61 -0.64
C LEU D 87 43.06 -0.82 0.43
N ARG D 88 42.18 -1.77 0.18
CA ARG D 88 41.08 -2.08 1.10
C ARG D 88 41.57 -2.80 2.36
N ARG D 89 42.71 -3.48 2.25
CA ARG D 89 43.39 -4.06 3.40
C ARG D 89 44.16 -2.97 4.16
N ARG D 90 44.72 -2.02 3.41
CA ARG D 90 45.44 -0.87 3.98
C ARG D 90 44.52 0.01 4.81
N LEU D 91 43.51 0.58 4.16
CA LEU D 91 42.63 1.56 4.79
C LEU D 91 41.70 0.97 5.86
N ASP D 92 41.36 -0.31 5.70
CA ASP D 92 40.49 -1.04 6.64
C ASP D 92 39.21 -0.25 6.96
N LEU D 93 38.50 0.14 5.90
CA LEU D 93 37.23 0.86 6.01
C LEU D 93 36.13 -0.17 6.17
N TYR D 94 35.94 -0.63 7.40
CA TYR D 94 35.15 -1.82 7.69
C TYR D 94 33.64 -1.60 7.74
N ALA D 95 33.21 -0.36 7.87
CA ALA D 95 31.78 -0.07 8.01
C ALA D 95 31.19 0.45 6.71
N ASN D 96 30.46 -0.42 6.01
CA ASN D 96 29.69 -0.03 4.84
C ASN D 96 28.37 0.54 5.30
N VAL D 97 28.08 1.75 4.85
CA VAL D 97 26.93 2.51 5.32
C VAL D 97 26.07 2.90 4.13
N ARG D 98 24.83 2.41 4.12
CA ARG D 98 23.90 2.67 3.02
C ARG D 98 22.56 3.19 3.51
N PRO D 99 22.38 4.53 3.46
CA PRO D 99 21.09 5.09 3.82
C PRO D 99 20.06 4.88 2.70
N ALA D 100 18.81 4.74 3.08
CA ALA D 100 17.72 4.67 2.13
C ALA D 100 16.68 5.64 2.64
N LYS D 101 16.59 6.80 1.99
CA LYS D 101 15.67 7.83 2.42
C LYS D 101 14.79 8.32 1.27
N SER D 102 13.50 8.45 1.56
CA SER D 102 12.52 8.92 0.60
C SER D 102 12.96 10.19 -0.11
N ARG D 103 12.76 10.20 -1.42
CA ARG D 103 13.06 11.37 -2.25
C ARG D 103 11.82 11.72 -3.05
N PRO D 104 11.60 13.02 -3.33
CA PRO D 104 10.43 13.41 -4.12
C PRO D 104 10.62 13.09 -5.61
N VAL D 105 10.72 11.80 -5.92
CA VAL D 105 10.83 11.32 -7.31
C VAL D 105 9.82 10.20 -7.57
N PRO D 106 9.40 10.02 -8.84
CA PRO D 106 8.44 8.97 -9.20
C PRO D 106 8.91 7.58 -8.81
N GLY D 107 8.07 6.85 -8.08
CA GLY D 107 8.36 5.48 -7.65
C GLY D 107 9.19 5.37 -6.39
N SER D 108 9.23 6.45 -5.60
CA SER D 108 9.94 6.48 -4.32
C SER D 108 8.95 6.57 -3.16
N ARG D 109 8.90 5.51 -2.35
CA ARG D 109 7.95 5.41 -1.25
C ARG D 109 8.28 6.41 -0.15
N PRO D 110 7.29 7.21 0.27
CA PRO D 110 7.47 8.25 1.29
C PRO D 110 7.47 7.71 2.71
N GLY D 111 8.16 8.41 3.62
CA GLY D 111 8.18 8.06 5.03
C GLY D 111 9.31 7.11 5.40
N VAL D 112 10.20 6.87 4.45
CA VAL D 112 11.35 5.99 4.67
C VAL D 112 12.58 6.82 5.00
N ASP D 113 13.24 6.46 6.09
CA ASP D 113 14.48 7.09 6.52
C ASP D 113 15.27 6.10 7.35
N LEU D 114 16.05 5.25 6.67
CA LEU D 114 16.78 4.20 7.34
C LEU D 114 18.24 4.07 6.90
N VAL D 115 19.05 3.35 7.67
CA VAL D 115 20.45 3.13 7.35
C VAL D 115 20.80 1.67 7.57
N ILE D 116 21.28 1.02 6.52
CA ILE D 116 21.77 -0.36 6.62
C ILE D 116 23.27 -0.31 6.85
N VAL D 117 23.72 -0.99 7.90
CA VAL D 117 25.14 -1.14 8.17
C VAL D 117 25.55 -2.61 8.12
N ARG D 118 26.61 -2.88 7.37
CA ARG D 118 27.23 -4.21 7.35
C ARG D 118 28.74 -4.06 7.14
N GLU D 119 29.47 -5.10 7.53
CA GLU D 119 30.92 -5.03 7.53
C GLU D 119 31.58 -5.27 6.15
N ASN D 120 32.75 -4.67 5.98
CA ASN D 120 33.68 -5.03 4.93
C ASN D 120 34.84 -5.79 5.53
N THR D 121 34.92 -7.09 5.23
CA THR D 121 35.97 -7.95 5.77
C THR D 121 37.35 -7.64 5.20
N GLU D 122 37.36 -6.98 4.03
CA GLU D 122 38.58 -6.72 3.24
C GLU D 122 39.84 -6.51 4.09
N GLY D 123 39.76 -5.63 5.08
CA GLY D 123 40.91 -5.28 5.90
C GLY D 123 41.32 -6.29 6.96
N LEU D 124 40.46 -7.27 7.21
CA LEU D 124 40.77 -8.32 8.19
C LEU D 124 41.16 -9.65 7.54
N TYR D 125 40.38 -10.10 6.58
CA TYR D 125 40.61 -11.36 5.88
C TYR D 125 39.81 -11.44 4.59
N VAL D 126 40.28 -12.28 3.67
CA VAL D 126 39.49 -12.63 2.51
C VAL D 126 38.62 -13.84 2.86
N GLU D 127 37.31 -13.72 2.64
CA GLU D 127 36.42 -14.87 2.75
C GLU D 127 36.67 -15.83 1.58
N GLN D 128 37.21 -17.00 1.92
CA GLN D 128 37.72 -17.94 0.92
CA GLN D 128 37.72 -17.95 0.94
C GLN D 128 36.64 -18.81 0.28
N GLU D 129 36.91 -19.22 -0.95
CA GLU D 129 36.04 -20.07 -1.73
C GLU D 129 36.92 -21.16 -2.34
N ARG D 130 36.48 -22.41 -2.23
CA ARG D 130 37.22 -23.53 -2.84
C ARG D 130 36.32 -24.43 -3.67
N ARG D 131 36.88 -24.99 -4.73
CA ARG D 131 36.23 -26.04 -5.49
C ARG D 131 37.08 -27.31 -5.60
N TYR D 132 36.57 -28.40 -5.06
CA TYR D 132 37.20 -29.71 -5.19
C TYR D 132 36.32 -30.58 -6.06
N LEU D 133 36.82 -30.85 -7.27
CA LEU D 133 36.11 -31.60 -8.30
C LEU D 133 34.72 -31.02 -8.60
N ASP D 134 33.67 -31.69 -8.13
CA ASP D 134 32.31 -31.22 -8.42
CA ASP D 134 32.28 -31.33 -8.40
C ASP D 134 31.59 -30.69 -7.20
N VAL D 135 32.38 -30.24 -6.23
CA VAL D 135 31.89 -29.67 -4.99
C VAL D 135 32.58 -28.34 -4.73
N ALA D 136 31.78 -27.29 -4.57
CA ALA D 136 32.29 -25.96 -4.27
C ALA D 136 31.80 -25.48 -2.91
N ILE D 137 32.71 -24.88 -2.16
CA ILE D 137 32.43 -24.38 -0.81
C ILE D 137 32.92 -22.94 -0.64
N ALA D 138 32.04 -22.09 -0.13
CA ALA D 138 32.36 -20.71 0.18
C ALA D 138 32.24 -20.51 1.69
N ASP D 139 33.29 -19.95 2.30
CA ASP D 139 33.29 -19.70 3.73
C ASP D 139 32.53 -18.43 4.07
N ALA D 140 31.58 -18.53 4.99
CA ALA D 140 30.98 -17.35 5.61
C ALA D 140 31.58 -17.22 7.01
N VAL D 141 32.42 -16.21 7.20
CA VAL D 141 33.20 -16.07 8.42
C VAL D 141 32.70 -14.93 9.31
N ILE D 142 32.42 -15.26 10.57
CA ILE D 142 32.17 -14.27 11.61
C ILE D 142 33.25 -14.38 12.70
N SER D 143 33.85 -13.24 13.06
CA SER D 143 34.75 -13.19 14.21
C SER D 143 34.21 -12.22 15.24
N LYS D 144 34.52 -12.49 16.51
CA LYS D 144 34.06 -11.65 17.61
C LYS D 144 34.59 -10.23 17.46
N LYS D 145 35.83 -10.13 17.02
CA LYS D 145 36.47 -8.85 16.74
C LYS D 145 35.69 -8.06 15.68
N ALA D 146 35.37 -8.72 14.56
CA ALA D 146 34.67 -8.06 13.45
C ALA D 146 33.26 -7.65 13.82
N SER D 147 32.60 -8.45 14.66
CA SER D 147 31.23 -8.18 15.06
C SER D 147 31.17 -7.02 16.06
N GLU D 148 32.17 -6.94 16.94
CA GLU D 148 32.22 -5.88 17.95
C GLU D 148 32.41 -4.50 17.32
N ARG D 149 33.36 -4.36 16.41
CA ARG D 149 33.61 -3.08 15.72
C ARG D 149 32.45 -2.63 14.81
N ILE D 150 31.82 -3.59 14.12
CA ILE D 150 30.67 -3.26 13.26
C ILE D 150 29.39 -2.94 14.07
N GLY D 151 29.20 -3.65 15.17
CA GLY D 151 28.12 -3.34 16.10
C GLY D 151 28.30 -1.95 16.69
N ARG D 152 29.51 -1.67 17.16
CA ARG D 152 29.88 -0.39 17.73
C ARG D 152 29.67 0.76 16.74
N ALA D 153 30.01 0.51 15.47
CA ALA D 153 29.89 1.53 14.44
C ALA D 153 28.41 1.82 14.14
N ALA D 154 27.59 0.77 14.16
CA ALA D 154 26.16 0.89 13.88
C ALA D 154 25.44 1.53 15.07
N LEU D 155 25.92 1.22 16.27
CA LEU D 155 25.36 1.80 17.49
C LEU D 155 25.67 3.29 17.61
N ARG D 156 26.84 3.69 17.13
CA ARG D 156 27.19 5.11 17.08
C ARG D 156 26.32 5.85 16.06
N ILE D 157 26.02 5.17 14.94
CA ILE D 157 25.13 5.73 13.92
C ILE D 157 23.74 5.97 14.53
N ALA D 158 23.18 4.92 15.16
CA ALA D 158 21.88 5.00 15.81
C ALA D 158 21.83 6.05 16.91
N GLU D 159 22.94 6.21 17.62
CA GLU D 159 23.04 7.14 18.75
C GLU D 159 22.92 8.61 18.34
N GLY D 160 23.41 8.92 17.14
CA GLY D 160 23.36 10.28 16.61
C GLY D 160 22.19 10.53 15.67
N ARG D 161 21.13 9.74 15.82
CA ARG D 161 19.91 9.90 15.04
C ARG D 161 18.72 10.00 16.00
N PRO D 162 17.71 10.81 15.65
CA PRO D 162 16.56 11.11 16.51
C PRO D 162 15.86 9.89 17.13
N ARG D 163 15.70 8.81 16.35
CA ARG D 163 14.93 7.64 16.79
C ARG D 163 15.66 6.75 17.81
N LYS D 164 17.00 6.77 17.75
CA LYS D 164 17.84 5.94 18.64
C LYS D 164 17.43 4.47 18.65
N THR D 165 17.29 3.90 17.46
CA THR D 165 16.82 2.52 17.31
C THR D 165 17.69 1.72 16.36
N LEU D 166 18.18 0.59 16.85
CA LEU D 166 18.97 -0.31 16.06
C LEU D 166 18.29 -1.66 15.98
N HIS D 167 18.18 -2.20 14.76
CA HIS D 167 17.80 -3.58 14.57
C HIS D 167 19.00 -4.44 14.21
N ILE D 168 19.14 -5.56 14.91
CA ILE D 168 20.14 -6.56 14.56
C ILE D 168 19.47 -7.65 13.74
N ALA D 169 19.66 -7.59 12.43
CA ALA D 169 19.10 -8.58 11.51
C ALA D 169 20.08 -9.74 11.28
N HIS D 170 19.65 -10.94 11.66
CA HIS D 170 20.52 -12.11 11.74
C HIS D 170 19.81 -13.39 11.27
N LYS D 171 20.58 -14.49 11.19
CA LYS D 171 20.01 -15.82 10.90
C LYS D 171 20.49 -16.85 11.94
N ALA D 172 20.41 -16.49 13.22
CA ALA D 172 20.91 -17.35 14.29
C ALA D 172 20.02 -18.58 14.55
N ASN D 173 18.82 -18.58 13.98
CA ASN D 173 17.92 -19.71 14.13
C ASN D 173 18.34 -20.92 13.28
N VAL D 174 18.95 -20.67 12.13
CA VAL D 174 19.48 -21.75 11.28
C VAL D 174 21.02 -21.83 11.29
N LEU D 175 21.67 -20.78 11.77
CA LEU D 175 23.14 -20.73 11.84
C LEU D 175 23.62 -20.32 13.22
N PRO D 176 23.34 -21.17 14.24
CA PRO D 176 23.57 -20.77 15.62
C PRO D 176 25.04 -20.48 15.96
N LEU D 177 25.98 -21.04 15.20
CA LEU D 177 27.39 -20.80 15.48
C LEU D 177 27.90 -19.47 14.89
N THR D 178 27.67 -19.24 13.60
CA THR D 178 28.18 -18.00 12.97
C THR D 178 27.31 -16.78 13.28
N GLN D 179 26.04 -16.85 12.87
CA GLN D 179 25.10 -15.76 13.11
C GLN D 179 24.80 -15.55 14.59
N GLY D 180 24.86 -16.63 15.37
CA GLY D 180 24.70 -16.56 16.83
C GLY D 180 25.83 -15.79 17.50
N LEU D 181 27.05 -16.01 17.02
CA LEU D 181 28.21 -15.27 17.49
C LEU D 181 28.00 -13.79 17.23
N PHE D 182 27.55 -13.48 16.02
CA PHE D 182 27.29 -12.12 15.62
C PHE D 182 26.25 -11.48 16.53
N LEU D 183 25.12 -12.17 16.73
CA LEU D 183 24.02 -11.63 17.54
C LEU D 183 24.49 -11.34 18.96
N ASP D 184 25.14 -12.32 19.57
CA ASP D 184 25.58 -12.23 20.97
C ASP D 184 26.61 -11.12 21.20
N THR D 185 27.53 -10.95 20.24
CA THR D 185 28.55 -9.90 20.31
C THR D 185 27.93 -8.50 20.23
N VAL D 186 27.11 -8.26 19.20
CA VAL D 186 26.50 -6.94 19.01
C VAL D 186 25.65 -6.55 20.21
N LYS D 187 24.97 -7.54 20.82
CA LYS D 187 24.15 -7.32 22.00
C LYS D 187 24.96 -6.94 23.24
N GLU D 188 26.17 -7.50 23.37
CA GLU D 188 27.09 -7.12 24.45
C GLU D 188 27.57 -5.69 24.33
N VAL D 189 28.01 -5.28 23.13
CA VAL D 189 28.44 -3.90 22.95
C VAL D 189 27.28 -2.90 23.15
N ALA D 190 26.07 -3.32 22.77
CA ALA D 190 24.85 -2.52 22.97
C ALA D 190 24.62 -2.11 24.43
N LYS D 191 25.13 -2.89 25.38
CA LYS D 191 25.13 -2.52 26.80
C LYS D 191 25.89 -1.22 27.06
N ASP D 192 26.84 -0.90 26.19
CA ASP D 192 27.58 0.37 26.24
C ASP D 192 26.79 1.52 25.64
N PHE D 193 25.63 1.23 25.08
CA PHE D 193 24.77 2.26 24.50
C PHE D 193 23.35 2.17 25.07
N PRO D 194 23.17 2.50 26.36
CA PRO D 194 21.87 2.40 27.02
C PRO D 194 20.81 3.36 26.47
N LEU D 195 21.24 4.39 25.73
CA LEU D 195 20.34 5.38 25.15
C LEU D 195 19.69 4.89 23.86
N VAL D 196 20.21 3.78 23.33
CA VAL D 196 19.77 3.24 22.06
C VAL D 196 18.87 2.03 22.29
N ASN D 197 17.69 2.07 21.67
CA ASN D 197 16.77 0.94 21.70
C ASN D 197 17.21 -0.10 20.70
N VAL D 198 17.64 -1.26 21.20
CA VAL D 198 18.19 -2.31 20.35
C VAL D 198 17.26 -3.52 20.33
N GLN D 199 16.85 -3.89 19.12
CA GLN D 199 16.04 -5.08 18.93
C GLN D 199 16.70 -6.07 17.98
N ASP D 200 16.43 -7.36 18.17
CA ASP D 200 16.90 -8.37 17.24
C ASP D 200 15.77 -8.95 16.40
N ILE D 201 16.10 -9.34 15.18
CA ILE D 201 15.11 -9.80 14.21
C ILE D 201 15.73 -10.80 13.24
N ILE D 202 15.01 -11.91 13.00
CA ILE D 202 15.39 -12.88 11.97
C ILE D 202 15.32 -12.13 10.65
N VAL D 203 16.40 -12.22 9.87
CA VAL D 203 16.53 -11.41 8.65
C VAL D 203 15.32 -11.61 7.71
N ASP D 204 14.80 -12.83 7.72
CA ASP D 204 13.63 -13.19 6.92
C ASP D 204 12.41 -12.32 7.24
N ASN D 205 12.15 -12.12 8.52
CA ASN D 205 11.09 -11.23 8.95
C ASN D 205 11.37 -9.77 8.61
N CYS D 206 12.65 -9.39 8.65
CA CYS D 206 13.05 -8.01 8.41
C CYS D 206 12.82 -7.63 6.94
N ALA D 207 13.18 -8.54 6.03
CA ALA D 207 12.92 -8.40 4.60
C ALA D 207 11.43 -8.17 4.29
N THR D 208 10.57 -9.02 4.86
CA THR D 208 9.12 -8.90 4.70
C THR D 208 8.64 -7.55 5.22
N GLN D 209 9.16 -7.13 6.37
CA GLN D 209 8.76 -5.88 6.99
C GLN D 209 9.25 -4.65 6.23
N LEU D 210 10.42 -4.75 5.59
CA LEU D 210 10.94 -3.66 4.79
C LEU D 210 10.07 -3.36 3.57
N VAL D 211 9.36 -4.38 3.06
CA VAL D 211 8.41 -4.18 1.99
C VAL D 211 7.09 -3.58 2.50
N MET D 212 6.55 -4.14 3.58
CA MET D 212 5.25 -3.74 4.13
C MET D 212 5.23 -2.46 4.96
N ARG D 213 6.25 -2.31 5.82
CA ARG D 213 6.35 -1.17 6.74
CA ARG D 213 6.35 -1.17 6.72
C ARG D 213 7.81 -0.73 6.87
N PRO D 214 8.38 -0.13 5.81
CA PRO D 214 9.80 0.26 5.92
C PRO D 214 10.04 1.38 6.94
N GLU D 215 8.99 2.13 7.24
CA GLU D 215 9.09 3.29 8.15
C GLU D 215 9.40 2.92 9.61
N ARG D 216 9.29 1.64 9.97
CA ARG D 216 9.54 1.26 11.36
C ARG D 216 11.01 1.01 11.74
N TYR D 217 11.90 1.15 10.76
CA TYR D 217 13.32 0.94 10.97
C TYR D 217 14.09 2.23 10.90
N ASP D 218 15.05 2.37 11.81
CA ASP D 218 16.02 3.44 11.76
C ASP D 218 17.33 2.84 11.24
N VAL D 219 18.16 2.31 12.12
CA VAL D 219 19.42 1.70 11.70
C VAL D 219 19.30 0.18 11.79
N ILE D 220 19.71 -0.49 10.72
CA ILE D 220 19.76 -1.95 10.74
C ILE D 220 21.21 -2.38 10.63
N VAL D 221 21.67 -3.19 11.57
CA VAL D 221 22.99 -3.80 11.47
C VAL D 221 22.86 -5.26 11.06
N THR D 222 23.71 -5.71 10.14
CA THR D 222 23.67 -7.09 9.68
C THR D 222 25.01 -7.56 9.15
N THR D 223 25.13 -8.86 8.86
CA THR D 223 26.36 -9.43 8.28
C THR D 223 26.35 -9.25 6.76
N ASN D 224 27.50 -9.48 6.12
CA ASN D 224 27.61 -9.29 4.67
C ASN D 224 26.95 -10.39 3.83
N LEU D 225 26.54 -10.03 2.61
CA LEU D 225 25.67 -10.83 1.72
C LEU D 225 24.20 -10.53 2.01
N LEU D 226 23.87 -10.46 3.31
CA LEU D 226 22.52 -10.10 3.79
C LEU D 226 22.29 -8.60 3.76
N GLY D 227 23.33 -7.83 4.09
CA GLY D 227 23.25 -6.38 4.05
C GLY D 227 22.86 -5.90 2.67
N ASP D 228 23.60 -6.37 1.67
CA ASP D 228 23.40 -5.96 0.29
C ASP D 228 22.01 -6.34 -0.22
N ILE D 229 21.58 -7.54 0.14
CA ILE D 229 20.24 -8.00 -0.19
C ILE D 229 19.15 -7.07 0.39
N LEU D 230 19.29 -6.65 1.65
CA LEU D 230 18.34 -5.71 2.29
C LEU D 230 18.42 -4.30 1.69
N SER D 231 19.65 -3.80 1.47
CA SER D 231 19.86 -2.51 0.83
C SER D 231 19.22 -2.43 -0.56
N ASP D 232 19.33 -3.51 -1.33
CA ASP D 232 18.78 -3.57 -2.68
C ASP D 232 17.25 -3.69 -2.69
N LEU D 233 16.72 -4.36 -1.67
CA LEU D 233 15.28 -4.40 -1.42
C LEU D 233 14.80 -2.98 -1.07
N ALA D 234 15.52 -2.34 -0.14
CA ALA D 234 15.25 -0.97 0.25
C ALA D 234 15.37 0.00 -0.93
N ALA D 235 16.36 -0.22 -1.78
CA ALA D 235 16.55 0.59 -2.98
C ALA D 235 15.39 0.43 -3.94
N GLY D 236 14.76 -0.76 -3.92
CA GLY D 236 13.56 -1.02 -4.69
C GLY D 236 12.44 -0.05 -4.33
N LEU D 237 12.31 0.24 -3.04
CA LEU D 237 11.29 1.17 -2.55
C LEU D 237 11.54 2.60 -3.03
N MET D 238 12.81 2.90 -3.33
CA MET D 238 13.26 4.23 -3.73
C MET D 238 13.23 4.47 -5.25
N GLY D 239 13.05 3.40 -6.02
CA GLY D 239 12.99 3.50 -7.48
C GLY D 239 14.32 3.32 -8.19
N GLY D 240 15.15 2.42 -7.65
CA GLY D 240 16.47 2.14 -8.23
C GLY D 240 17.62 2.64 -7.39
N LEU D 241 18.84 2.28 -7.81
CA LEU D 241 20.06 2.63 -7.09
C LEU D 241 20.63 3.99 -7.52
N GLY D 242 20.05 4.57 -8.56
CA GLY D 242 20.58 5.77 -9.21
C GLY D 242 20.67 7.05 -8.38
N LEU D 243 20.05 7.04 -7.20
CA LEU D 243 20.05 8.22 -6.34
C LEU D 243 20.66 7.90 -4.96
N ALA D 244 21.12 6.66 -4.81
CA ALA D 244 21.60 6.16 -3.53
C ALA D 244 23.06 6.55 -3.22
N PRO D 245 23.30 7.10 -2.02
CA PRO D 245 24.66 7.32 -1.55
C PRO D 245 25.20 6.16 -0.72
N SER D 246 26.52 6.13 -0.54
CA SER D 246 27.16 5.14 0.31
C SER D 246 28.43 5.69 0.95
N GLY D 247 28.76 5.16 2.12
CA GLY D 247 30.04 5.42 2.76
C GLY D 247 30.74 4.12 3.13
N ASN D 248 32.06 4.16 3.14
CA ASN D 248 32.89 3.10 3.71
C ASN D 248 33.82 3.75 4.72
N ILE D 249 33.61 3.45 6.00
CA ILE D 249 34.27 4.18 7.06
C ILE D 249 35.16 3.28 7.90
N GLY D 250 36.40 3.71 8.11
CA GLY D 250 37.33 3.02 8.99
C GLY D 250 37.48 3.76 10.30
N ASP D 251 38.49 3.37 11.08
CA ASP D 251 38.76 3.99 12.38
C ASP D 251 39.32 5.40 12.26
N THR D 252 40.13 5.66 11.24
CA THR D 252 40.79 6.95 11.08
C THR D 252 40.26 7.81 9.92
N THR D 253 39.82 7.16 8.84
CA THR D 253 39.31 7.90 7.67
C THR D 253 38.09 7.22 7.03
N ALA D 254 37.57 7.82 5.95
CA ALA D 254 36.39 7.29 5.27
C ALA D 254 36.36 7.62 3.77
N VAL D 255 35.78 6.72 2.98
CA VAL D 255 35.56 6.95 1.55
C VAL D 255 34.06 6.94 1.24
N PHE D 256 33.59 8.01 0.60
CA PHE D 256 32.19 8.16 0.22
C PHE D 256 32.05 8.13 -1.30
N GLU D 257 31.00 7.46 -1.77
CA GLU D 257 30.82 7.22 -3.20
C GLU D 257 29.37 6.91 -3.55
N PRO D 258 28.96 7.23 -4.79
CA PRO D 258 27.66 6.80 -5.28
C PRO D 258 27.56 5.28 -5.30
N VAL D 259 26.35 4.76 -5.20
CA VAL D 259 26.13 3.32 -5.30
C VAL D 259 26.25 2.86 -6.74
N HIS D 260 25.72 3.66 -7.67
CA HIS D 260 25.72 3.31 -9.09
C HIS D 260 27.13 3.11 -9.66
N GLY D 261 27.22 2.28 -10.70
CA GLY D 261 28.48 1.95 -11.34
C GLY D 261 29.00 3.02 -12.29
N SER D 262 30.01 2.64 -13.08
CA SER D 262 30.67 3.56 -14.00
C SER D 262 29.79 3.99 -15.17
N ALA D 263 28.79 3.17 -15.50
CA ALA D 263 27.89 3.40 -16.64
C ALA D 263 28.61 3.94 -17.88
N PRO D 264 29.29 3.04 -18.65
CA PRO D 264 30.04 3.47 -19.83
C PRO D 264 29.15 3.75 -21.05
N ASP D 265 27.85 3.52 -20.92
CA ASP D 265 26.88 3.76 -21.99
C ASP D 265 26.74 5.27 -22.30
N ILE D 266 26.76 6.08 -21.25
CA ILE D 266 26.62 7.54 -21.37
C ILE D 266 27.80 8.31 -20.80
N ALA D 267 28.93 7.61 -20.62
CA ALA D 267 30.17 8.20 -20.13
C ALA D 267 30.62 9.37 -21.02
N GLY D 268 30.81 10.54 -20.40
CA GLY D 268 31.31 11.73 -21.08
C GLY D 268 30.36 12.36 -22.10
N LYS D 269 29.07 12.06 -21.98
CA LYS D 269 28.06 12.59 -22.89
C LYS D 269 27.42 13.88 -22.38
N GLY D 270 27.39 14.03 -21.06
CA GLY D 270 26.89 15.26 -20.44
C GLY D 270 25.54 15.13 -19.76
N ILE D 271 24.97 13.92 -19.75
CA ILE D 271 23.62 13.70 -19.21
C ILE D 271 23.54 12.62 -18.10
N ALA D 272 24.29 12.83 -17.03
CA ALA D 272 24.23 11.96 -15.85
C ALA D 272 23.60 12.69 -14.68
N ASN D 273 23.11 11.93 -13.69
CA ASN D 273 22.49 12.50 -12.50
C ASN D 273 23.46 12.53 -11.32
N PRO D 274 23.92 13.74 -10.93
CA PRO D 274 24.88 13.88 -9.83
C PRO D 274 24.24 13.79 -8.44
N THR D 275 22.96 13.43 -8.39
CA THR D 275 22.23 13.31 -7.11
C THR D 275 22.96 12.41 -6.12
N ALA D 276 23.32 11.21 -6.56
CA ALA D 276 24.00 10.23 -5.69
C ALA D 276 25.37 10.71 -5.21
N ALA D 277 26.09 11.42 -6.07
CA ALA D 277 27.41 11.96 -5.73
C ALA D 277 27.30 13.08 -4.70
N ILE D 278 26.34 13.97 -4.89
CA ILE D 278 26.11 15.11 -4.00
C ILE D 278 25.62 14.63 -2.64
N LEU D 279 24.71 13.65 -2.65
CA LEU D 279 24.23 13.03 -1.42
C LEU D 279 25.33 12.29 -0.68
N SER D 280 26.33 11.80 -1.42
CA SER D 280 27.51 11.17 -0.82
C SER D 280 28.41 12.22 -0.16
N ALA D 281 28.43 13.42 -0.73
CA ALA D 281 29.16 14.56 -0.14
C ALA D 281 28.47 15.07 1.13
N ALA D 282 27.15 14.93 1.17
CA ALA D 282 26.36 15.27 2.35
C ALA D 282 26.62 14.27 3.49
N MET D 283 26.72 12.99 3.13
CA MET D 283 27.13 11.94 4.09
C MET D 283 28.50 12.30 4.66
N MET D 284 29.40 12.73 3.78
CA MET D 284 30.73 13.14 4.15
C MET D 284 30.71 14.27 5.17
N LEU D 285 29.96 15.34 4.86
CA LEU D 285 29.84 16.51 5.75
C LEU D 285 29.34 16.12 7.16
N ASP D 286 28.35 15.24 7.21
CA ASP D 286 27.81 14.72 8.46
C ASP D 286 28.88 13.98 9.27
N TYR D 287 29.69 13.19 8.56
CA TYR D 287 30.76 12.40 9.16
C TYR D 287 31.87 13.26 9.77
N LEU D 288 32.17 14.38 9.10
CA LEU D 288 33.23 15.30 9.52
C LEU D 288 32.85 16.13 10.73
N GLY D 289 31.55 16.25 10.99
CA GLY D 289 31.04 17.03 12.12
C GLY D 289 30.07 18.13 11.72
N GLU D 290 30.09 18.49 10.43
CA GLU D 290 29.23 19.55 9.92
C GLU D 290 27.80 19.06 9.64
N LYS D 291 27.14 18.63 10.71
CA LYS D 291 25.82 17.97 10.67
C LYS D 291 24.71 18.83 10.06
N GLU D 292 24.64 20.09 10.48
CA GLU D 292 23.61 21.00 9.99
C GLU D 292 23.92 21.48 8.56
N ALA D 293 25.21 21.63 8.26
CA ALA D 293 25.67 21.96 6.91
C ALA D 293 25.34 20.83 5.93
N ALA D 294 25.40 19.59 6.43
CA ALA D 294 25.03 18.41 5.65
C ALA D 294 23.53 18.44 5.34
N LYS D 295 22.73 18.82 6.34
CA LYS D 295 21.28 18.94 6.19
C LYS D 295 20.89 19.96 5.12
N ARG D 296 21.65 21.06 5.05
CA ARG D 296 21.39 22.12 4.07
C ARG D 296 21.54 21.61 2.64
N VAL D 297 22.57 20.78 2.42
CA VAL D 297 22.83 20.16 1.11
C VAL D 297 21.73 19.16 0.73
N GLU D 298 21.18 18.47 1.74
CA GLU D 298 20.14 17.46 1.55
C GLU D 298 18.81 18.07 1.09
N LYS D 299 18.41 19.18 1.73
CA LYS D 299 17.22 19.93 1.31
C LYS D 299 17.44 20.60 -0.04
N ALA D 300 18.68 21.02 -0.30
CA ALA D 300 19.05 21.62 -1.58
C ALA D 300 18.81 20.68 -2.76
N VAL D 301 19.10 19.40 -2.57
CA VAL D 301 18.85 18.39 -3.60
C VAL D 301 17.36 18.06 -3.66
N ASP D 302 16.74 17.92 -2.49
CA ASP D 302 15.30 17.63 -2.39
C ASP D 302 14.45 18.62 -3.18
N LEU D 303 14.84 19.89 -3.15
CA LEU D 303 14.18 20.95 -3.90
C LEU D 303 14.29 20.72 -5.41
N VAL D 304 15.48 20.36 -5.88
CA VAL D 304 15.78 20.22 -7.30
C VAL D 304 15.19 18.94 -7.92
N LEU D 305 15.06 17.90 -7.09
CA LEU D 305 14.39 16.68 -7.51
C LEU D 305 12.89 16.92 -7.73
N GLU D 306 12.35 17.88 -6.97
CA GLU D 306 10.93 18.21 -6.99
C GLU D 306 10.60 19.34 -7.97
N ARG D 307 11.33 20.45 -7.88
CA ARG D 307 11.05 21.66 -8.66
C ARG D 307 11.80 21.75 -10.00
N GLY D 308 12.51 20.68 -10.35
CA GLY D 308 13.25 20.63 -11.62
C GLY D 308 14.55 21.41 -11.62
N PRO D 309 15.35 21.26 -12.69
CA PRO D 309 15.08 20.46 -13.89
C PRO D 309 15.37 18.97 -13.71
N MET D 310 14.59 18.14 -14.41
CA MET D 310 14.74 16.68 -14.36
C MET D 310 15.67 16.18 -15.46
N THR D 311 16.53 15.23 -15.10
CA THR D 311 17.45 14.59 -16.04
C THR D 311 16.79 13.41 -16.76
N PRO D 312 17.40 12.91 -17.86
CA PRO D 312 16.88 11.76 -18.62
C PRO D 312 16.42 10.56 -17.79
N ASP D 313 17.11 10.25 -16.70
CA ASP D 313 16.75 9.13 -15.84
C ASP D 313 15.57 9.44 -14.91
N LEU D 314 15.06 10.67 -14.97
CA LEU D 314 13.91 11.11 -14.16
C LEU D 314 12.85 11.87 -14.97
N GLY D 315 12.68 11.49 -16.23
CA GLY D 315 11.66 12.07 -17.10
C GLY D 315 11.98 13.49 -17.55
N GLY D 316 13.12 13.64 -18.22
CA GLY D 316 13.56 14.94 -18.75
C GLY D 316 14.63 14.80 -19.82
N ASP D 317 15.31 15.90 -20.10
CA ASP D 317 16.41 15.91 -21.07
C ASP D 317 17.49 16.93 -20.67
N ALA D 318 17.37 17.45 -19.46
CA ALA D 318 18.31 18.44 -18.92
C ALA D 318 19.68 17.81 -18.67
N THR D 319 20.73 18.57 -19.00
CA THR D 319 22.11 18.11 -18.88
C THR D 319 22.57 18.05 -17.42
N THR D 320 23.74 17.44 -17.21
CA THR D 320 24.34 17.33 -15.89
C THR D 320 24.72 18.73 -15.36
N GLU D 321 25.31 19.54 -16.23
CA GLU D 321 25.74 20.90 -15.89
C GLU D 321 24.61 21.74 -15.28
N ALA D 322 23.42 21.64 -15.87
CA ALA D 322 22.24 22.40 -15.43
C ALA D 322 21.72 21.95 -14.06
N PHE D 323 21.80 20.64 -13.79
CA PHE D 323 21.32 20.07 -12.53
C PHE D 323 22.08 20.63 -11.34
N THR D 324 23.41 20.74 -11.48
CA THR D 324 24.28 21.27 -10.44
C THR D 324 23.94 22.72 -10.13
N GLU D 325 23.82 23.55 -11.18
CA GLU D 325 23.49 24.97 -11.05
C GLU D 325 22.24 25.20 -10.21
N ALA D 326 21.21 24.40 -10.45
CA ALA D 326 19.95 24.48 -9.71
C ALA D 326 20.15 24.12 -8.23
N VAL D 327 20.97 23.11 -7.97
CA VAL D 327 21.30 22.69 -6.60
C VAL D 327 22.11 23.78 -5.89
N VAL D 328 23.06 24.36 -6.62
CA VAL D 328 23.84 25.49 -6.11
C VAL D 328 22.92 26.66 -5.76
N GLU D 329 22.04 27.03 -6.69
CA GLU D 329 21.09 28.12 -6.48
C GLU D 329 20.12 27.86 -5.33
N ALA D 330 19.70 26.60 -5.18
CA ALA D 330 18.81 26.20 -4.10
C ALA D 330 19.50 26.25 -2.74
N LEU D 331 20.80 25.96 -2.74
CA LEU D 331 21.61 25.97 -1.52
C LEU D 331 21.77 27.38 -0.96
N LYS D 332 21.80 28.38 -1.84
CA LYS D 332 21.93 29.79 -1.45
C LYS D 332 20.68 30.34 -0.75
N SER D 333 19.58 29.62 -0.87
CA SER D 333 18.31 29.99 -0.23
C SER D 333 18.39 29.81 1.28
N LEU D 334 18.67 28.59 1.72
CA LEU D 334 18.77 28.25 3.14
C LEU D 334 20.23 28.21 3.63
S SO4 E . -41.66 0.24 -5.90
O1 SO4 E . -42.76 0.44 -4.95
O2 SO4 E . -41.94 -0.94 -6.71
O3 SO4 E . -41.57 1.39 -6.78
O4 SO4 E . -40.40 0.06 -5.18
C1 EDO F . -5.45 10.70 21.84
O1 EDO F . -5.27 11.82 22.71
C2 EDO F . -6.79 10.81 21.13
O2 EDO F . -6.89 9.75 20.16
C1 EDO G . -11.99 15.32 21.13
O1 EDO G . -12.84 15.16 22.28
C2 EDO G . -10.63 14.70 21.39
O2 EDO G . -10.20 14.02 20.21
C1 EDO H . -18.18 20.74 22.77
O1 EDO H . -19.00 20.96 23.92
C2 EDO H . -16.75 20.44 23.20
O2 EDO H . -15.99 20.02 22.07
C1 EDO I . -12.27 -6.15 16.11
O1 EDO I . -11.34 -7.04 16.75
C2 EDO I . -13.06 -6.94 15.08
O2 EDO I . -13.87 -6.05 14.29
S SO4 J . 30.69 -16.23 22.90
O1 SO4 J . 30.22 -17.43 23.59
O2 SO4 J . 32.14 -16.13 23.04
O3 SO4 J . 30.33 -16.28 21.49
O4 SO4 J . 30.05 -15.05 23.49
C1 EDO K . -1.56 -22.41 -7.71
O1 EDO K . -1.11 -22.30 -6.36
C2 EDO K . -2.18 -23.79 -7.92
O2 EDO K . -2.26 -24.08 -9.32
C1 EDO L . 3.68 -26.12 -9.05
O1 EDO L . 2.95 -25.14 -8.30
C2 EDO L . 3.39 -27.51 -8.48
O2 EDO L . 4.39 -28.41 -8.95
C1 EDO M . 8.96 -32.41 -10.78
O1 EDO M . 8.71 -31.00 -10.83
C2 EDO M . 10.32 -32.65 -10.13
O2 EDO M . 10.33 -33.97 -9.57
C1 EDO N . -3.17 -16.91 10.67
O1 EDO N . -1.88 -17.30 11.15
C2 EDO N . -3.76 -18.03 9.82
O2 EDO N . -5.06 -18.36 10.32
S SO4 O . -26.99 34.54 6.34
O1 SO4 O . -27.84 34.32 7.51
O2 SO4 O . -25.71 35.12 6.77
O3 SO4 O . -26.72 33.28 5.66
O4 SO4 O . -27.65 35.46 5.42
C1 EDO P . -11.77 4.30 -22.01
O1 EDO P . -10.76 4.93 -21.20
C2 EDO P . -11.15 3.12 -22.75
O2 EDO P . -11.97 2.81 -23.88
C1 EDO Q . -17.28 3.31 -22.05
O1 EDO Q . -16.34 3.86 -21.12
C2 EDO Q . -18.23 4.41 -22.53
O2 EDO Q . -18.70 4.08 -23.83
S SO4 R . 32.52 -26.87 -14.83
O1 SO4 R . 31.69 -25.99 -14.03
O2 SO4 R . 32.49 -26.44 -16.23
O3 SO4 R . 33.90 -26.82 -14.34
O4 SO4 R . 32.02 -28.24 -14.72
C1 EDO S . 27.36 8.93 8.13
O1 EDO S . 27.56 9.16 9.53
C2 EDO S . 25.90 9.20 7.78
O2 EDO S . 25.05 8.33 8.55
#